data_4NH2
#
_entry.id   4NH2
#
_cell.length_a   116.190
_cell.length_b   201.190
_cell.length_c   232.450
_cell.angle_alpha   90.000
_cell.angle_beta   90.000
_cell.angle_gamma   90.000
#
_symmetry.space_group_name_H-M   'C 2 2 21'
#
loop_
_entity.id
_entity.type
_entity.pdbx_description
1 polymer 'Ammonia channel'
2 non-polymer '(2S)-3-{[{[(2S)-2,3-DIHYDROXYPROPYL]OXY}(HYDROXY)PHOSPHORYL]OXY}-2-[(6E)-HEXADEC-6-ENOYLOXY]PROPYL (8E)-OCTADEC-8-ENOATE'
3 water water
#
_entity_poly.entity_id   1
_entity_poly.type   'polypeptide(L)'
_entity_poly.pdbx_seq_one_letter_code
;GASVADKADNAFMMICTALVLFMTIPGIALFYGGLIRGKNVLSMLTQVTVTFALVCILWVVYGYSLAFGEGNNFFGNINW
LMLKNIELTAVMGSIYQYIHVAFQGSFACITVGLIVGALAERIRFSAVLIFVVVWLTLSYIPIAHMVWGGGLLASHGALD
FAGGTVVHINAAIAGLVGAYLIGKRVGFGKEAFKPHNLPMVFTGTAILYIGWFGFNAGSAGTANEIAALAFVNTVVATAA
AILGWIFGEWALRGKPSLLGACSGAIAGLVGVTPACGYIGVGGALIIGVVAGLAGLWGVTMLKRLLRVDDPCDVFGVHGV
CGIVGCIMTGIFAASSLGGVGFAEGVTMGHQLLVQLESIAITIVWSGVVAFIGYKLADLTVGLRVPEEQEREGLDVNSHG
ENAYNA
;
_entity_poly.pdbx_strand_id   A,B,C,D,E,F
#
loop_
_chem_comp.id
_chem_comp.type
_chem_comp.name
_chem_comp.formula
P6L non-polymer '(2S)-3-{[{[(2S)-2,3-DIHYDROXYPROPYL]OXY}(HYDROXY)PHOSPHORYL]OXY}-2-[(6E)-HEXADEC-6-ENOYLOXY]PROPYL (8E)-OCTADEC-8-ENOATE' 'C40 H75 O10 P'
#
# COMPACT_ATOMS: atom_id res chain seq x y z
N GLY A 1 -48.92 -6.47 1.41
CA GLY A 1 -49.57 -6.23 2.72
C GLY A 1 -48.80 -5.14 3.48
N ALA A 2 -49.25 -4.91 4.69
CA ALA A 2 -48.63 -3.95 5.59
C ALA A 2 -47.20 -4.35 5.89
N SER A 3 -46.35 -3.35 6.03
CA SER A 3 -45.05 -3.54 6.59
C SER A 3 -45.14 -4.02 8.04
N VAL A 4 -44.31 -5.01 8.37
CA VAL A 4 -44.26 -5.60 9.74
C VAL A 4 -42.84 -5.32 10.26
N ALA A 5 -42.71 -4.93 11.50
CA ALA A 5 -41.37 -4.62 12.01
C ALA A 5 -40.72 -5.93 12.34
N ASP A 6 -39.46 -6.01 12.06
CA ASP A 6 -38.66 -7.12 12.52
C ASP A 6 -37.98 -6.71 13.84
N LYS A 7 -38.17 -7.54 14.87
CA LYS A 7 -37.73 -7.20 16.19
C LYS A 7 -36.22 -7.10 16.37
N ALA A 8 -35.49 -7.83 15.54
CA ALA A 8 -34.08 -7.78 15.62
C ALA A 8 -33.63 -6.43 15.12
N ASP A 9 -34.28 -5.94 14.07
CA ASP A 9 -33.95 -4.69 13.50
C ASP A 9 -34.35 -3.57 14.51
N ASN A 10 -35.47 -3.73 15.22
CA ASN A 10 -35.86 -2.76 16.24
C ASN A 10 -34.80 -2.63 17.30
N ALA A 11 -34.36 -3.79 17.79
CA ALA A 11 -33.36 -3.89 18.81
C ALA A 11 -32.07 -3.26 18.35
N PHE A 12 -31.59 -3.68 17.18
CA PHE A 12 -30.39 -3.14 16.64
C PHE A 12 -30.44 -1.61 16.57
N MET A 13 -31.54 -1.11 16.07
CA MET A 13 -31.61 0.30 15.80
C MET A 13 -31.84 1.21 17.05
N MET A 14 -32.50 0.68 18.09
CA MET A 14 -32.58 1.38 19.35
C MET A 14 -31.20 1.45 20.00
N ILE A 15 -30.43 0.36 19.96
CA ILE A 15 -29.06 0.42 20.45
C ILE A 15 -28.20 1.37 19.64
N CYS A 16 -28.27 1.27 18.34
CA CYS A 16 -27.50 2.19 17.49
C CYS A 16 -27.83 3.63 17.83
N THR A 17 -29.11 3.90 18.08
CA THR A 17 -29.54 5.22 18.39
C THR A 17 -28.86 5.71 19.67
N ALA A 18 -28.87 4.87 20.70
CA ALA A 18 -28.26 5.21 21.95
C ALA A 18 -26.74 5.50 21.79
N LEU A 19 -26.11 4.73 20.92
CA LEU A 19 -24.71 4.92 20.60
C LEU A 19 -24.41 6.25 19.87
N VAL A 20 -25.33 6.69 19.02
CA VAL A 20 -25.20 8.00 18.40
C VAL A 20 -25.46 9.16 19.39
N LEU A 21 -26.41 9.00 20.30
CA LEU A 21 -26.68 10.02 21.34
C LEU A 21 -25.42 10.18 22.24
N PHE A 22 -24.81 9.04 22.54
CA PHE A 22 -23.54 8.89 23.24
C PHE A 22 -22.41 9.75 22.64
N MET A 23 -22.42 9.91 21.33
CA MET A 23 -21.39 10.64 20.64
C MET A 23 -21.49 12.13 20.89
N THR A 24 -22.68 12.61 21.19
CA THR A 24 -22.85 13.97 21.63
C THR A 24 -22.67 14.12 23.14
N ILE A 25 -23.37 13.27 23.89
CA ILE A 25 -23.45 13.31 25.33
C ILE A 25 -22.87 12.00 25.83
N PRO A 26 -21.54 12.00 26.17
CA PRO A 26 -20.61 13.13 26.31
C PRO A 26 -19.52 13.25 25.25
N GLY A 27 -19.51 12.35 24.28
CA GLY A 27 -18.46 12.33 23.28
C GLY A 27 -17.88 13.65 22.76
N ILE A 28 -18.72 14.44 22.09
CA ILE A 28 -18.25 15.62 21.43
C ILE A 28 -17.90 16.66 22.53
N ALA A 29 -18.62 16.61 23.63
CA ALA A 29 -18.42 17.58 24.71
C ALA A 29 -17.05 17.40 25.37
N LEU A 30 -16.65 16.14 25.61
CA LEU A 30 -15.31 15.86 26.11
C LEU A 30 -14.21 16.13 25.09
N PHE A 31 -14.49 15.92 23.81
CA PHE A 31 -13.53 16.18 22.74
C PHE A 31 -13.16 17.69 22.70
N TYR A 32 -14.19 18.54 22.65
CA TYR A 32 -13.95 19.97 22.70
C TYR A 32 -13.49 20.43 24.10
N GLY A 33 -13.97 19.78 25.15
CA GLY A 33 -13.58 20.09 26.51
C GLY A 33 -12.08 20.10 26.76
N GLY A 34 -11.34 19.16 26.17
CA GLY A 34 -9.88 19.14 26.33
C GLY A 34 -9.11 19.97 25.30
N LEU A 35 -9.80 20.48 24.30
CA LEU A 35 -9.19 21.30 23.27
C LEU A 35 -9.20 22.76 23.63
N ILE A 36 -10.31 23.26 24.17
CA ILE A 36 -10.51 24.69 24.33
C ILE A 36 -9.86 25.14 25.65
N ARG A 37 -9.75 26.45 25.89
CA ARG A 37 -9.11 26.95 27.11
C ARG A 37 -9.95 26.61 28.32
N GLY A 38 -9.31 26.13 29.38
CA GLY A 38 -9.97 25.80 30.67
C GLY A 38 -11.02 26.76 31.22
N LYS A 39 -10.78 28.06 31.06
CA LYS A 39 -11.70 29.12 31.53
C LYS A 39 -13.08 29.05 30.83
N ASN A 40 -13.11 28.38 29.69
CA ASN A 40 -14.29 28.26 28.86
C ASN A 40 -15.03 26.90 28.88
N VAL A 41 -14.55 25.91 29.65
CA VAL A 41 -15.04 24.54 29.52
C VAL A 41 -16.47 24.44 30.07
N LEU A 42 -16.64 24.90 31.30
CA LEU A 42 -17.91 24.80 31.99
C LEU A 42 -19.06 25.37 31.17
N SER A 43 -18.77 26.49 30.52
CA SER A 43 -19.78 27.17 29.73
C SER A 43 -20.03 26.46 28.34
N MET A 44 -18.98 25.91 27.75
CA MET A 44 -19.09 25.10 26.55
C MET A 44 -19.94 23.83 26.80
N LEU A 45 -19.68 23.13 27.90
CA LEU A 45 -20.43 21.93 28.25
C LEU A 45 -21.91 22.24 28.47
N THR A 46 -22.19 23.39 29.02
CA THR A 46 -23.56 23.85 29.26
C THR A 46 -24.28 24.18 27.96
N GLN A 47 -23.57 24.78 27.03
CA GLN A 47 -24.18 25.17 25.79
C GLN A 47 -24.44 23.97 24.86
N VAL A 48 -23.63 22.93 25.00
CA VAL A 48 -23.79 21.76 24.18
C VAL A 48 -24.99 21.01 24.73
N THR A 49 -25.09 20.95 26.07
CA THR A 49 -26.16 20.25 26.74
C THR A 49 -27.51 20.91 26.45
N VAL A 50 -27.55 22.24 26.49
CA VAL A 50 -28.77 22.97 26.27
C VAL A 50 -29.26 22.94 24.82
N THR A 51 -28.33 23.08 23.88
CA THR A 51 -28.68 23.04 22.45
C THR A 51 -29.00 21.63 21.98
N PHE A 52 -28.38 20.64 22.62
CA PHE A 52 -28.77 19.25 22.46
C PHE A 52 -30.26 19.10 22.83
N ALA A 53 -30.62 19.59 24.01
CA ALA A 53 -32.01 19.56 24.43
C ALA A 53 -32.93 20.27 23.47
N LEU A 54 -32.51 21.45 23.03
CA LEU A 54 -33.28 22.22 22.07
C LEU A 54 -33.51 21.46 20.77
N VAL A 55 -32.46 20.81 20.27
CA VAL A 55 -32.58 20.08 19.03
C VAL A 55 -33.55 18.90 19.15
N CYS A 56 -33.47 18.17 20.27
CA CYS A 56 -34.37 17.09 20.53
C CYS A 56 -35.80 17.61 20.48
N ILE A 57 -36.09 18.75 21.12
CA ILE A 57 -37.47 19.31 21.09
C ILE A 57 -37.91 19.72 19.68
N LEU A 58 -37.08 20.47 18.98
CA LEU A 58 -37.46 20.92 17.66
C LEU A 58 -37.69 19.74 16.69
N TRP A 59 -36.90 18.66 16.87
CA TRP A 59 -36.99 17.50 16.04
C TRP A 59 -38.33 16.81 16.11
N VAL A 60 -38.81 16.51 17.30
CA VAL A 60 -40.15 15.93 17.43
C VAL A 60 -41.29 16.88 17.14
N VAL A 61 -41.13 18.16 17.46
CA VAL A 61 -42.20 19.16 17.12
C VAL A 61 -42.49 19.22 15.65
N TYR A 62 -41.48 19.56 14.86
CA TYR A 62 -41.63 19.71 13.38
C TYR A 62 -40.50 19.14 12.54
N GLY A 63 -39.30 18.97 13.13
CA GLY A 63 -38.10 18.74 12.37
C GLY A 63 -38.09 17.40 11.63
N TYR A 64 -38.55 16.37 12.28
CA TYR A 64 -38.58 15.05 11.63
C TYR A 64 -39.46 15.11 10.38
N SER A 65 -40.64 15.72 10.53
CA SER A 65 -41.64 15.87 9.47
C SER A 65 -41.11 16.67 8.29
N LEU A 66 -40.40 17.75 8.59
CA LEU A 66 -39.90 18.63 7.56
C LEU A 66 -38.72 18.04 6.85
N ALA A 67 -38.09 17.09 7.49
CA ALA A 67 -36.96 16.39 6.87
C ALA A 67 -37.40 15.15 6.15
N PHE A 68 -38.30 14.36 6.73
CA PHE A 68 -38.66 13.04 6.13
C PHE A 68 -40.08 12.87 5.57
N GLY A 69 -40.98 13.78 5.83
CA GLY A 69 -42.34 13.73 5.23
C GLY A 69 -42.36 14.04 3.73
N GLU A 70 -43.46 13.71 3.06
CA GLU A 70 -43.60 14.07 1.65
C GLU A 70 -43.65 15.56 1.48
N GLY A 71 -42.91 16.04 0.52
CA GLY A 71 -42.90 17.47 0.27
C GLY A 71 -42.56 17.70 -1.16
N ASN A 72 -41.55 18.50 -1.38
CA ASN A 72 -41.02 18.70 -2.73
C ASN A 72 -39.59 18.11 -2.79
N ASN A 73 -38.79 18.55 -3.74
CA ASN A 73 -37.40 18.12 -3.82
C ASN A 73 -36.49 18.66 -2.68
N PHE A 74 -36.96 19.66 -1.93
CA PHE A 74 -36.13 20.32 -0.93
C PHE A 74 -36.56 20.18 0.55
N PHE A 75 -37.87 20.18 0.80
CA PHE A 75 -38.41 20.12 2.13
C PHE A 75 -39.56 19.08 2.18
N GLY A 76 -39.82 18.60 3.38
CA GLY A 76 -40.95 17.68 3.66
C GLY A 76 -42.16 18.52 3.96
N ASN A 77 -42.75 18.36 5.12
CA ASN A 77 -43.89 19.14 5.44
C ASN A 77 -43.98 19.29 6.95
N ILE A 78 -44.87 20.17 7.40
CA ILE A 78 -45.22 20.35 8.79
C ILE A 78 -46.73 20.30 8.90
N ASN A 79 -47.35 19.33 8.24
CA ASN A 79 -48.82 19.16 8.30
C ASN A 79 -49.26 18.66 9.65
N TRP A 80 -48.37 17.95 10.34
CA TRP A 80 -48.66 17.42 11.67
C TRP A 80 -47.49 17.68 12.65
N LEU A 81 -47.80 18.20 13.81
CA LEU A 81 -46.78 18.47 14.79
C LEU A 81 -46.71 17.30 15.75
N MET A 82 -45.55 17.12 16.38
CA MET A 82 -45.41 16.19 17.53
C MET A 82 -45.69 14.72 17.15
N LEU A 83 -45.33 14.33 15.96
CA LEU A 83 -45.48 12.96 15.49
C LEU A 83 -46.90 12.47 15.38
N LYS A 84 -47.83 13.39 15.27
CA LYS A 84 -49.24 13.11 15.39
C LYS A 84 -49.78 12.22 14.27
N ASN A 85 -49.28 12.37 13.05
CA ASN A 85 -49.64 11.48 11.92
C ASN A 85 -49.02 10.07 12.03
N ILE A 86 -48.21 9.79 13.05
CA ILE A 86 -47.49 8.54 13.13
C ILE A 86 -48.09 7.64 14.21
N GLU A 87 -48.79 6.60 13.78
CA GLU A 87 -49.27 5.58 14.74
C GLU A 87 -48.11 4.87 15.41
N LEU A 88 -48.31 4.47 16.64
CA LEU A 88 -47.27 3.84 17.40
C LEU A 88 -46.76 2.60 16.72
N THR A 89 -47.66 1.84 16.08
CA THR A 89 -47.30 0.70 15.29
C THR A 89 -46.86 0.97 13.87
N ALA A 90 -46.73 2.21 13.43
CA ALA A 90 -46.38 2.42 12.05
C ALA A 90 -44.95 1.88 11.90
N VAL A 91 -44.66 1.30 10.71
CA VAL A 91 -43.38 0.74 10.35
C VAL A 91 -42.73 1.49 9.18
N MET A 92 -41.44 1.79 9.31
CA MET A 92 -40.66 2.48 8.26
C MET A 92 -39.44 1.61 7.92
N GLY A 93 -39.42 1.07 6.71
CA GLY A 93 -38.48 -0.01 6.33
C GLY A 93 -38.85 -1.29 7.08
N SER A 94 -37.98 -1.79 7.94
CA SER A 94 -38.25 -2.95 8.82
C SER A 94 -38.24 -2.63 10.33
N ILE A 95 -38.42 -1.37 10.71
CA ILE A 95 -38.51 -1.01 12.13
C ILE A 95 -39.71 -0.13 12.42
N TYR A 96 -40.11 -0.04 13.69
CA TYR A 96 -41.12 0.93 14.06
C TYR A 96 -40.61 2.32 13.74
N GLN A 97 -41.53 3.18 13.28
CA GLN A 97 -41.14 4.45 12.77
C GLN A 97 -40.64 5.37 13.89
N TYR A 98 -41.11 5.14 15.10
CA TYR A 98 -40.67 5.91 16.22
C TYR A 98 -39.15 5.75 16.45
N ILE A 99 -38.63 4.55 16.12
CA ILE A 99 -37.21 4.28 16.17
C ILE A 99 -36.44 5.05 15.11
N HIS A 100 -36.97 5.10 13.92
CA HIS A 100 -36.46 5.94 12.88
C HIS A 100 -36.42 7.42 13.22
N VAL A 101 -37.43 7.89 13.90
CA VAL A 101 -37.48 9.25 14.41
C VAL A 101 -36.33 9.56 15.36
N ALA A 102 -36.14 8.70 16.37
CA ALA A 102 -35.01 8.81 17.32
C ALA A 102 -33.65 8.65 16.64
N PHE A 103 -33.51 7.67 15.75
CA PHE A 103 -32.23 7.50 15.11
C PHE A 103 -31.85 8.77 14.34
N GLN A 104 -32.78 9.31 13.52
CA GLN A 104 -32.47 10.47 12.72
C GLN A 104 -32.35 11.79 13.53
N GLY A 105 -33.04 11.85 14.66
CA GLY A 105 -32.96 12.89 15.63
C GLY A 105 -31.58 12.93 16.28
N SER A 106 -31.01 11.76 16.57
CA SER A 106 -29.68 11.72 17.14
C SER A 106 -28.60 12.21 16.13
N PHE A 107 -28.88 12.09 14.85
CA PHE A 107 -28.02 12.65 13.85
C PHE A 107 -28.03 14.19 13.86
N ALA A 108 -29.22 14.78 14.03
CA ALA A 108 -29.32 16.21 14.03
C ALA A 108 -28.54 16.73 15.26
N CYS A 109 -28.63 15.98 16.35
CA CYS A 109 -27.99 16.33 17.59
C CYS A 109 -26.44 16.38 17.54
N ILE A 110 -25.80 15.31 17.04
CA ILE A 110 -24.35 15.32 16.88
C ILE A 110 -23.92 16.39 15.90
N THR A 111 -24.69 16.61 14.86
CA THR A 111 -24.29 17.58 13.80
C THR A 111 -24.20 19.00 14.38
N VAL A 112 -25.23 19.34 15.15
CA VAL A 112 -25.27 20.54 15.90
C VAL A 112 -24.20 20.62 17.01
N GLY A 113 -23.99 19.51 17.73
CA GLY A 113 -22.97 19.45 18.77
C GLY A 113 -21.58 19.77 18.29
N LEU A 114 -21.27 19.29 17.10
CA LEU A 114 -20.05 19.58 16.41
C LEU A 114 -19.78 21.08 16.22
N ILE A 115 -20.82 21.79 15.79
CA ILE A 115 -20.73 23.21 15.52
C ILE A 115 -20.67 23.97 16.86
N VAL A 116 -21.60 23.65 17.75
CA VAL A 116 -21.77 24.35 19.00
C VAL A 116 -20.57 24.26 19.93
N GLY A 117 -19.91 23.09 19.95
CA GLY A 117 -18.76 22.92 20.78
C GLY A 117 -17.56 23.79 20.37
N ALA A 118 -17.48 24.13 19.08
CA ALA A 118 -16.39 24.93 18.56
C ALA A 118 -16.65 26.43 18.75
N LEU A 119 -17.90 26.84 18.53
CA LEU A 119 -18.32 28.24 18.66
C LEU A 119 -18.68 28.74 20.08
N ALA A 120 -18.71 27.85 21.07
CA ALA A 120 -19.07 28.23 22.44
C ALA A 120 -18.03 29.22 23.05
N GLU A 121 -18.53 30.22 23.77
CA GLU A 121 -17.71 31.33 24.32
C GLU A 121 -16.75 31.95 23.27
N ARG A 122 -17.24 32.07 22.04
CA ARG A 122 -16.62 32.88 21.01
C ARG A 122 -17.70 33.80 20.50
N ILE A 123 -18.83 33.19 20.15
CA ILE A 123 -20.05 33.88 19.85
C ILE A 123 -20.95 33.76 21.11
N ARG A 124 -21.69 34.82 21.40
CA ARG A 124 -22.63 34.84 22.52
C ARG A 124 -23.64 33.72 22.43
N PHE A 125 -24.12 33.27 23.59
CA PHE A 125 -24.99 32.09 23.66
C PHE A 125 -26.32 32.36 22.94
N SER A 126 -26.90 33.52 23.23
CA SER A 126 -28.05 34.03 22.49
C SER A 126 -27.92 33.79 21.02
N ALA A 127 -26.78 34.17 20.47
CA ALA A 127 -26.54 34.08 19.02
C ALA A 127 -26.38 32.64 18.51
N VAL A 128 -25.83 31.76 19.35
CA VAL A 128 -25.74 30.36 19.03
C VAL A 128 -27.14 29.79 18.86
N LEU A 129 -28.02 30.11 19.80
CA LEU A 129 -29.41 29.60 19.79
C LEU A 129 -30.20 30.03 18.58
N ILE A 130 -30.01 31.27 18.14
CA ILE A 130 -30.67 31.76 16.93
C ILE A 130 -30.06 31.07 15.71
N PHE A 131 -28.76 30.92 15.72
CA PHE A 131 -28.09 30.26 14.63
C PHE A 131 -28.58 28.80 14.45
N VAL A 132 -28.65 28.08 15.58
CA VAL A 132 -29.09 26.70 15.62
C VAL A 132 -30.48 26.50 15.04
N VAL A 133 -31.44 27.31 15.50
CA VAL A 133 -32.83 27.24 15.01
C VAL A 133 -32.93 27.51 13.50
N VAL A 134 -32.23 28.56 13.06
CA VAL A 134 -32.24 28.93 11.64
C VAL A 134 -31.63 27.84 10.77
N TRP A 135 -30.42 27.44 11.14
CA TRP A 135 -29.60 26.53 10.34
C TRP A 135 -30.10 25.05 10.36
N LEU A 136 -30.63 24.60 11.48
CA LEU A 136 -31.22 23.27 11.55
C LEU A 136 -32.45 23.21 10.66
N THR A 137 -33.29 24.24 10.77
CA THR A 137 -34.52 24.31 10.02
C THR A 137 -34.30 24.47 8.53
N LEU A 138 -33.28 25.26 8.17
CA LEU A 138 -33.14 25.67 6.79
C LEU A 138 -31.91 25.12 6.09
N SER A 139 -31.04 24.45 6.85
CA SER A 139 -29.91 23.75 6.22
C SER A 139 -29.89 22.27 6.51
N TYR A 140 -29.84 21.89 7.78
CA TYR A 140 -29.78 20.47 8.13
C TYR A 140 -31.01 19.74 7.51
N ILE A 141 -32.19 20.25 7.79
CA ILE A 141 -33.43 19.60 7.47
C ILE A 141 -33.66 19.41 5.98
N PRO A 142 -33.41 20.46 5.18
CA PRO A 142 -33.65 20.23 3.73
C PRO A 142 -32.58 19.42 3.10
N ILE A 143 -31.34 19.59 3.53
CA ILE A 143 -30.26 18.71 3.04
C ILE A 143 -30.44 17.22 3.42
N ALA A 144 -30.91 16.91 4.63
CA ALA A 144 -31.39 15.56 4.92
C ALA A 144 -32.55 15.13 4.00
N HIS A 145 -33.47 16.04 3.70
CA HIS A 145 -34.63 15.70 2.86
C HIS A 145 -34.12 15.36 1.49
N MET A 146 -33.20 16.19 0.98
CA MET A 146 -32.64 16.03 -0.37
C MET A 146 -31.90 14.67 -0.54
N VAL A 147 -31.16 14.25 0.48
CA VAL A 147 -30.31 13.05 0.42
C VAL A 147 -31.00 11.73 0.91
N TRP A 148 -31.69 11.78 2.06
CA TRP A 148 -32.34 10.61 2.62
C TRP A 148 -33.87 10.63 2.60
N GLY A 149 -34.49 11.76 2.28
CA GLY A 149 -35.95 11.89 2.33
C GLY A 149 -36.61 11.94 0.97
N GLY A 150 -35.93 11.43 -0.05
CA GLY A 150 -36.53 11.33 -1.41
C GLY A 150 -36.52 12.60 -2.23
N GLY A 151 -35.84 13.62 -1.75
CA GLY A 151 -35.71 14.85 -2.50
C GLY A 151 -34.73 14.79 -3.67
N LEU A 152 -34.14 15.95 -3.96
CA LEU A 152 -33.41 16.16 -5.20
C LEU A 152 -32.18 15.20 -5.42
N LEU A 153 -31.27 15.16 -4.45
CA LEU A 153 -30.03 14.39 -4.61
C LEU A 153 -30.26 12.87 -4.62
N ALA A 154 -31.11 12.37 -3.73
CA ALA A 154 -31.59 10.99 -3.81
C ALA A 154 -32.19 10.57 -5.19
N SER A 155 -32.94 11.45 -5.84
CA SER A 155 -33.59 11.13 -7.13
C SER A 155 -32.61 11.16 -8.30
N HIS A 156 -31.46 11.77 -8.11
CA HIS A 156 -30.37 11.64 -9.04
C HIS A 156 -29.37 10.52 -8.60
N GLY A 157 -29.70 9.70 -7.60
CA GLY A 157 -28.85 8.57 -7.26
C GLY A 157 -27.55 8.94 -6.54
N ALA A 158 -27.56 10.05 -5.80
CA ALA A 158 -26.42 10.39 -4.95
C ALA A 158 -26.19 9.32 -3.90
N LEU A 159 -24.92 8.95 -3.71
CA LEU A 159 -24.54 7.98 -2.74
C LEU A 159 -23.92 8.69 -1.51
N ASP A 160 -24.54 8.49 -0.37
CA ASP A 160 -24.09 9.05 0.89
C ASP A 160 -24.73 8.26 1.99
N PHE A 161 -24.04 7.18 2.42
CA PHE A 161 -24.63 6.18 3.30
C PHE A 161 -25.08 6.70 4.61
N ALA A 162 -24.18 7.45 5.24
CA ALA A 162 -24.41 7.93 6.60
C ALA A 162 -24.01 9.36 6.84
N GLY A 163 -23.75 10.15 5.80
CA GLY A 163 -23.83 11.63 5.94
C GLY A 163 -22.57 12.50 5.72
N GLY A 164 -21.82 12.16 4.70
CA GLY A 164 -20.71 12.98 4.31
C GLY A 164 -21.19 14.36 3.89
N THR A 165 -22.33 14.45 3.23
CA THR A 165 -22.91 15.76 2.89
C THR A 165 -23.72 16.32 4.00
N VAL A 166 -24.75 15.54 4.38
CA VAL A 166 -25.77 15.93 5.42
C VAL A 166 -25.18 16.36 6.77
N VAL A 167 -24.15 15.64 7.24
CA VAL A 167 -23.58 15.90 8.54
C VAL A 167 -22.28 16.67 8.38
N HIS A 168 -21.31 16.06 7.72
CA HIS A 168 -19.93 16.55 7.71
C HIS A 168 -19.63 17.81 6.88
N ILE A 169 -19.90 17.77 5.58
CA ILE A 169 -19.70 18.94 4.75
C ILE A 169 -20.62 20.06 5.25
N ASN A 170 -21.85 19.70 5.54
CA ASN A 170 -22.88 20.65 5.95
C ASN A 170 -22.40 21.44 7.16
N ALA A 171 -21.97 20.70 8.19
CA ALA A 171 -21.50 21.32 9.44
C ALA A 171 -20.16 22.02 9.29
N ALA A 172 -19.28 21.47 8.44
CA ALA A 172 -17.97 22.06 8.24
C ALA A 172 -18.13 23.50 7.72
N ILE A 173 -19.03 23.69 6.78
CA ILE A 173 -19.20 24.97 6.16
C ILE A 173 -19.86 25.95 7.08
N ALA A 174 -20.81 25.49 7.87
CA ALA A 174 -21.43 26.35 8.85
C ALA A 174 -20.40 26.84 9.88
N GLY A 175 -19.57 25.93 10.38
CA GLY A 175 -18.52 26.30 11.28
C GLY A 175 -17.50 27.26 10.69
N LEU A 176 -17.09 27.04 9.45
CA LEU A 176 -16.09 27.89 8.80
C LEU A 176 -16.66 29.30 8.52
N VAL A 177 -17.90 29.38 8.05
CA VAL A 177 -18.60 30.68 7.90
C VAL A 177 -18.64 31.41 9.24
N GLY A 178 -18.89 30.69 10.32
CA GLY A 178 -18.96 31.27 11.64
C GLY A 178 -17.61 31.76 12.10
N ALA A 179 -16.57 31.03 11.71
CA ALA A 179 -15.18 31.31 12.11
C ALA A 179 -14.66 32.53 11.37
N TYR A 180 -14.97 32.62 10.07
CA TYR A 180 -14.69 33.77 9.21
C TYR A 180 -15.38 35.04 9.72
N LEU A 181 -16.64 34.94 10.12
CA LEU A 181 -17.39 36.12 10.58
C LEU A 181 -17.02 36.62 11.98
N ILE A 182 -16.16 35.92 12.72
CA ILE A 182 -15.59 36.51 13.95
C ILE A 182 -14.23 37.19 13.76
N PRO A 195 -4.43 23.65 24.11
CA PRO A 195 -5.14 22.45 24.60
C PRO A 195 -4.62 22.05 25.96
N HIS A 196 -5.49 21.87 26.93
CA HIS A 196 -5.09 21.72 28.34
C HIS A 196 -5.32 20.31 28.95
N ASN A 197 -6.19 19.50 28.34
CA ASN A 197 -6.40 18.11 28.80
C ASN A 197 -6.47 17.11 27.63
N LEU A 198 -5.30 16.67 27.19
CA LEU A 198 -5.22 15.81 26.02
C LEU A 198 -5.81 14.42 26.27
N PRO A 199 -5.68 13.91 27.51
CA PRO A 199 -6.40 12.67 27.83
C PRO A 199 -7.92 12.78 27.69
N MET A 200 -8.46 13.97 27.94
CA MET A 200 -9.89 14.21 27.80
C MET A 200 -10.26 14.19 26.31
N VAL A 201 -9.38 14.69 25.46
CA VAL A 201 -9.56 14.65 24.02
C VAL A 201 -9.55 13.19 23.48
N PHE A 202 -8.67 12.36 24.07
CA PHE A 202 -8.56 10.97 23.69
C PHE A 202 -9.89 10.26 24.05
N THR A 203 -10.42 10.60 25.20
CA THR A 203 -11.61 9.97 25.70
C THR A 203 -12.80 10.30 24.82
N GLY A 204 -12.93 11.55 24.44
CA GLY A 204 -13.97 12.01 23.56
C GLY A 204 -13.88 11.33 22.19
N THR A 205 -12.67 11.29 21.66
CA THR A 205 -12.37 10.67 20.41
C THR A 205 -12.77 9.17 20.47
N ALA A 206 -12.46 8.52 21.56
CA ALA A 206 -12.75 7.11 21.74
C ALA A 206 -14.27 6.84 21.81
N ILE A 207 -14.98 7.64 22.60
CA ILE A 207 -16.43 7.64 22.64
C ILE A 207 -17.07 7.94 21.26
N LEU A 208 -16.50 8.90 20.54
CA LEU A 208 -16.96 9.23 19.21
C LEU A 208 -16.78 8.01 18.28
N TYR A 209 -15.68 7.29 18.44
CA TYR A 209 -15.38 6.13 17.65
C TYR A 209 -16.44 5.01 17.89
N ILE A 210 -16.73 4.74 19.14
CA ILE A 210 -17.54 3.62 19.49
C ILE A 210 -18.93 3.96 19.03
N GLY A 211 -19.36 5.18 19.35
CA GLY A 211 -20.65 5.66 18.89
C GLY A 211 -20.86 5.63 17.39
N TRP A 212 -19.78 5.79 16.64
CA TRP A 212 -19.85 5.90 15.19
C TRP A 212 -20.26 4.54 14.53
N PHE A 213 -20.06 3.45 15.24
CA PHE A 213 -20.52 2.14 14.77
C PHE A 213 -22.04 2.13 14.70
N GLY A 214 -22.71 2.79 15.65
CA GLY A 214 -24.16 2.94 15.59
C GLY A 214 -24.56 3.87 14.44
N PHE A 215 -23.77 4.94 14.29
CA PHE A 215 -23.97 5.92 13.22
C PHE A 215 -23.90 5.24 11.87
N ASN A 216 -22.78 4.56 11.65
CA ASN A 216 -22.50 4.04 10.36
C ASN A 216 -23.30 2.73 10.06
N ALA A 217 -23.23 1.71 10.93
CA ALA A 217 -23.92 0.42 10.67
C ALA A 217 -25.41 0.58 10.75
N GLY A 218 -25.84 1.44 11.68
CA GLY A 218 -27.25 1.71 11.87
C GLY A 218 -27.89 2.38 10.71
N SER A 219 -27.06 3.01 9.84
CA SER A 219 -27.60 3.70 8.73
C SER A 219 -28.12 2.73 7.70
N ALA A 220 -27.84 1.44 7.87
CA ALA A 220 -28.40 0.36 7.00
C ALA A 220 -29.84 0.11 7.33
N GLY A 221 -30.24 0.40 8.57
CA GLY A 221 -31.61 0.33 9.02
C GLY A 221 -31.99 -1.04 9.50
N THR A 222 -31.03 -1.94 9.51
CA THR A 222 -31.37 -3.35 9.77
C THR A 222 -30.06 -4.03 10.06
N ALA A 223 -30.08 -5.08 10.87
CA ALA A 223 -28.93 -5.89 11.10
C ALA A 223 -28.62 -6.91 10.03
N ASN A 224 -28.22 -6.46 8.86
CA ASN A 224 -27.99 -7.33 7.74
C ASN A 224 -26.55 -7.25 7.30
N GLU A 225 -26.28 -7.66 6.06
CA GLU A 225 -24.93 -7.76 5.61
C GLU A 225 -24.38 -6.43 5.22
N ILE A 226 -25.25 -5.50 4.83
CA ILE A 226 -24.84 -4.12 4.60
C ILE A 226 -24.36 -3.43 5.92
N ALA A 227 -25.03 -3.71 7.03
CA ALA A 227 -24.59 -3.16 8.33
C ALA A 227 -23.28 -3.80 8.73
N ALA A 228 -23.15 -5.10 8.51
CA ALA A 228 -21.88 -5.73 8.69
C ALA A 228 -20.78 -5.11 7.86
N LEU A 229 -21.03 -4.89 6.57
CA LEU A 229 -20.03 -4.25 5.72
C LEU A 229 -19.65 -2.87 6.25
N ALA A 230 -20.66 -2.10 6.64
CA ALA A 230 -20.49 -0.77 7.16
C ALA A 230 -19.64 -0.79 8.41
N PHE A 231 -19.85 -1.81 9.24
CA PHE A 231 -19.15 -1.99 10.51
C PHE A 231 -17.67 -2.25 10.27
N VAL A 232 -17.40 -3.24 9.46
CA VAL A 232 -16.06 -3.63 9.15
C VAL A 232 -15.30 -2.46 8.50
N ASN A 233 -15.99 -1.65 7.68
CA ASN A 233 -15.32 -0.66 6.87
C ASN A 233 -14.97 0.51 7.76
N THR A 234 -15.75 0.68 8.84
CA THR A 234 -15.49 1.68 9.84
C THR A 234 -14.22 1.33 10.61
N VAL A 235 -14.04 0.03 10.94
CA VAL A 235 -12.88 -0.43 11.72
C VAL A 235 -11.66 -0.14 10.92
N VAL A 236 -11.72 -0.57 9.67
CA VAL A 236 -10.59 -0.54 8.77
C VAL A 236 -10.19 0.85 8.30
N ALA A 237 -11.15 1.65 7.87
CA ALA A 237 -10.85 2.98 7.41
C ALA A 237 -10.33 3.93 8.53
N THR A 238 -10.84 3.78 9.74
CA THR A 238 -10.34 4.50 10.88
C THR A 238 -8.89 4.14 11.23
N ALA A 239 -8.58 2.85 11.12
CA ALA A 239 -7.28 2.36 11.44
C ALA A 239 -6.32 2.91 10.41
N ALA A 240 -6.66 2.77 9.14
CA ALA A 240 -5.81 3.22 8.07
C ALA A 240 -5.56 4.72 8.12
N ALA A 241 -6.56 5.51 8.48
CA ALA A 241 -6.41 6.96 8.66
C ALA A 241 -5.52 7.35 9.86
N ILE A 242 -5.67 6.66 10.96
CA ILE A 242 -4.79 6.84 12.11
C ILE A 242 -3.34 6.74 11.65
N LEU A 243 -3.03 5.69 10.89
CA LEU A 243 -1.67 5.43 10.44
C LEU A 243 -1.30 6.45 9.40
N GLY A 244 -2.21 6.70 8.45
CA GLY A 244 -2.03 7.73 7.40
C GLY A 244 -1.58 9.07 7.96
N TRP A 245 -2.37 9.60 8.85
CA TRP A 245 -2.05 10.83 9.52
C TRP A 245 -0.72 10.74 10.29
N ILE A 246 -0.58 9.69 11.09
CA ILE A 246 0.56 9.53 12.00
C ILE A 246 1.91 9.45 11.27
N PHE A 247 1.94 8.82 10.10
CA PHE A 247 3.14 8.73 9.28
C PHE A 247 3.39 10.09 8.64
N GLY A 248 2.34 10.75 8.19
CA GLY A 248 2.43 12.12 7.68
C GLY A 248 2.99 13.09 8.71
N GLU A 249 2.63 12.92 9.98
CA GLU A 249 3.00 13.85 11.05
C GLU A 249 4.45 13.61 11.51
N TRP A 250 4.81 12.35 11.65
CA TRP A 250 6.20 11.96 11.87
C TRP A 250 7.11 12.59 10.82
N ALA A 251 6.68 12.57 9.57
CA ALA A 251 7.47 13.14 8.48
C ALA A 251 7.54 14.65 8.64
N LEU A 252 6.38 15.28 8.68
CA LEU A 252 6.28 16.73 8.68
C LEU A 252 6.93 17.41 9.89
N ARG A 253 6.89 16.75 11.05
CA ARG A 253 7.33 17.36 12.30
C ARG A 253 8.33 16.56 13.11
N GLY A 254 8.78 15.40 12.62
CA GLY A 254 9.77 14.56 13.32
C GLY A 254 9.26 13.67 14.47
N LYS A 255 8.18 14.10 15.14
CA LYS A 255 7.53 13.35 16.22
C LYS A 255 6.04 13.16 15.86
N PRO A 256 5.45 12.01 16.22
CA PRO A 256 4.00 11.86 16.13
C PRO A 256 3.37 12.18 17.47
N SER A 257 2.18 12.79 17.47
CA SER A 257 1.48 13.18 18.72
C SER A 257 0.12 12.48 18.95
N LEU A 258 -0.32 12.48 20.21
CA LEU A 258 -1.62 11.96 20.60
C LEU A 258 -2.76 12.65 19.86
N LEU A 259 -2.67 13.96 19.72
CA LEU A 259 -3.66 14.74 19.01
C LEU A 259 -3.72 14.38 17.52
N GLY A 260 -2.57 14.00 16.98
CA GLY A 260 -2.47 13.53 15.60
C GLY A 260 -3.15 12.17 15.39
N ALA A 261 -2.91 11.27 16.35
CA ALA A 261 -3.56 9.97 16.41
C ALA A 261 -5.09 10.14 16.45
N CYS A 262 -5.57 10.98 17.35
CA CYS A 262 -7.01 11.26 17.45
C CYS A 262 -7.62 11.94 16.23
N SER A 263 -6.88 12.87 15.61
CA SER A 263 -7.33 13.58 14.43
C SER A 263 -7.41 12.65 13.24
N GLY A 264 -6.48 11.74 13.14
CA GLY A 264 -6.48 10.73 12.08
C GLY A 264 -7.68 9.78 12.20
N ALA A 265 -7.97 9.36 13.43
CA ALA A 265 -9.12 8.55 13.72
C ALA A 265 -10.37 9.24 13.20
N ILE A 266 -10.55 10.49 13.62
CA ILE A 266 -11.69 11.31 13.16
C ILE A 266 -11.75 11.45 11.63
N ALA A 267 -10.60 11.52 11.00
CA ALA A 267 -10.53 11.75 9.58
C ALA A 267 -11.00 10.52 8.79
N GLY A 268 -10.60 9.33 9.26
CA GLY A 268 -11.02 8.06 8.65
C GLY A 268 -12.51 7.80 8.85
N LEU A 269 -13.00 8.14 10.05
CA LEU A 269 -14.41 8.03 10.37
C LEU A 269 -15.27 8.95 9.53
N VAL A 270 -14.81 10.21 9.39
CA VAL A 270 -15.51 11.15 8.49
C VAL A 270 -15.42 10.64 7.05
N GLY A 271 -14.22 10.25 6.65
CA GLY A 271 -14.03 9.84 5.28
C GLY A 271 -14.90 8.66 4.91
N VAL A 272 -15.08 7.75 5.86
CA VAL A 272 -15.75 6.49 5.56
C VAL A 272 -17.25 6.58 5.76
N THR A 273 -17.69 7.68 6.34
CA THR A 273 -19.14 7.95 6.59
C THR A 273 -20.04 7.85 5.36
N PRO A 274 -19.67 8.52 4.28
CA PRO A 274 -20.52 8.36 3.09
C PRO A 274 -20.43 7.02 2.37
N ALA A 275 -19.31 6.37 2.54
CA ALA A 275 -18.89 5.23 1.72
C ALA A 275 -19.21 3.90 2.33
N CYS A 276 -19.45 3.87 3.62
CA CYS A 276 -19.21 2.68 4.42
C CYS A 276 -20.07 1.44 4.02
N GLY A 277 -21.28 1.65 3.60
CA GLY A 277 -22.11 0.54 3.17
C GLY A 277 -22.26 0.41 1.67
N TYR A 278 -21.38 1.07 0.91
CA TYR A 278 -21.28 0.88 -0.53
C TYR A 278 -19.96 0.27 -1.02
N ILE A 279 -18.91 0.28 -0.21
CA ILE A 279 -17.61 -0.10 -0.69
C ILE A 279 -17.10 -1.38 -0.05
N GLY A 280 -16.09 -1.99 -0.66
CA GLY A 280 -15.44 -3.22 -0.16
C GLY A 280 -14.33 -2.84 0.81
N VAL A 281 -13.78 -3.83 1.52
CA VAL A 281 -12.86 -3.50 2.63
C VAL A 281 -11.49 -3.00 2.10
N GLY A 282 -11.11 -3.44 0.91
CA GLY A 282 -9.94 -2.87 0.19
C GLY A 282 -10.15 -1.37 -0.11
N GLY A 283 -11.33 -1.03 -0.62
CA GLY A 283 -11.78 0.35 -0.76
C GLY A 283 -11.63 1.16 0.52
N ALA A 284 -11.99 0.56 1.65
CA ALA A 284 -12.05 1.29 2.90
C ALA A 284 -10.66 1.60 3.43
N LEU A 285 -9.72 0.70 3.16
CA LEU A 285 -8.34 0.89 3.55
C LEU A 285 -7.76 2.11 2.78
N ILE A 286 -8.08 2.18 1.49
CA ILE A 286 -7.60 3.26 0.61
C ILE A 286 -8.22 4.59 0.99
N ILE A 287 -9.50 4.56 1.30
CA ILE A 287 -10.20 5.75 1.70
C ILE A 287 -9.67 6.32 2.99
N GLY A 288 -9.37 5.43 3.90
CA GLY A 288 -8.85 5.81 5.19
C GLY A 288 -7.49 6.47 5.03
N VAL A 289 -6.60 5.83 4.27
CA VAL A 289 -5.25 6.36 4.03
C VAL A 289 -5.31 7.76 3.43
N VAL A 290 -6.09 7.90 2.38
CA VAL A 290 -6.23 9.19 1.70
C VAL A 290 -6.89 10.21 2.60
N ALA A 291 -7.92 9.81 3.32
CA ALA A 291 -8.62 10.72 4.19
C ALA A 291 -7.71 11.20 5.32
N GLY A 292 -6.90 10.30 5.85
CA GLY A 292 -5.96 10.64 6.91
C GLY A 292 -4.98 11.69 6.44
N LEU A 293 -4.40 11.48 5.25
CA LEU A 293 -3.46 12.43 4.66
C LEU A 293 -4.13 13.75 4.27
N ALA A 294 -5.30 13.67 3.61
CA ALA A 294 -6.06 14.86 3.21
C ALA A 294 -6.46 15.72 4.44
N GLY A 295 -6.80 15.08 5.54
CA GLY A 295 -7.05 15.81 6.78
C GLY A 295 -5.80 16.46 7.35
N LEU A 296 -4.66 15.78 7.28
CA LEU A 296 -3.40 16.37 7.78
C LEU A 296 -3.01 17.58 6.93
N TRP A 297 -3.13 17.45 5.61
CA TRP A 297 -3.05 18.56 4.65
C TRP A 297 -3.98 19.74 5.01
N GLY A 298 -5.29 19.48 5.09
CA GLY A 298 -6.32 20.46 5.50
C GLY A 298 -6.00 21.33 6.70
N VAL A 299 -5.67 20.72 7.83
CA VAL A 299 -5.31 21.50 9.03
C VAL A 299 -3.98 22.26 8.88
N THR A 300 -2.99 21.62 8.27
CA THR A 300 -1.70 22.25 8.04
C THR A 300 -1.83 23.53 7.24
N MET A 301 -2.55 23.47 6.12
CA MET A 301 -2.96 24.67 5.39
C MET A 301 -3.62 25.66 6.36
N CYS A 312 -11.39 25.40 15.42
CA CYS A 312 -12.08 25.45 14.15
C CYS A 312 -11.28 24.87 12.98
N ASP A 313 -10.09 24.34 13.28
CA ASP A 313 -9.42 23.37 12.41
C ASP A 313 -10.23 22.09 12.27
N VAL A 314 -11.02 21.80 13.31
CA VAL A 314 -11.91 20.66 13.29
C VAL A 314 -12.79 20.71 12.03
N PHE A 315 -13.27 21.89 11.67
CA PHE A 315 -14.10 22.02 10.48
C PHE A 315 -13.34 21.73 9.20
N GLY A 316 -12.04 22.02 9.21
CA GLY A 316 -11.20 21.71 8.07
C GLY A 316 -11.24 20.23 7.77
N VAL A 317 -11.02 19.43 8.80
CA VAL A 317 -11.08 17.97 8.71
C VAL A 317 -12.49 17.47 8.30
N HIS A 318 -13.56 17.91 8.94
CA HIS A 318 -14.86 17.42 8.53
C HIS A 318 -15.14 17.76 7.09
N GLY A 319 -14.64 18.92 6.63
CA GLY A 319 -14.91 19.45 5.31
C GLY A 319 -14.07 18.74 4.26
N VAL A 320 -12.77 18.70 4.45
CA VAL A 320 -11.94 18.07 3.43
C VAL A 320 -12.25 16.58 3.35
N CYS A 321 -12.26 15.91 4.51
CA CYS A 321 -12.49 14.46 4.58
C CYS A 321 -13.88 14.03 4.15
N GLY A 322 -14.86 14.90 4.41
CA GLY A 322 -16.21 14.76 3.86
C GLY A 322 -16.25 14.79 2.34
N ILE A 323 -15.47 15.71 1.75
CA ILE A 323 -15.43 15.83 0.29
C ILE A 323 -14.68 14.64 -0.30
N VAL A 324 -13.55 14.32 0.30
CA VAL A 324 -12.76 13.15 -0.09
C VAL A 324 -13.63 11.90 -0.12
N GLY A 325 -14.36 11.66 0.96
CA GLY A 325 -15.16 10.48 1.08
C GLY A 325 -16.31 10.41 0.09
N CYS A 326 -16.94 11.56 -0.19
CA CYS A 326 -18.07 11.59 -1.15
C CYS A 326 -17.59 11.36 -2.54
N ILE A 327 -16.37 11.83 -2.84
CA ILE A 327 -15.81 11.57 -4.14
C ILE A 327 -15.46 10.08 -4.26
N MET A 328 -14.73 9.57 -3.28
CA MET A 328 -14.27 8.19 -3.33
C MET A 328 -15.44 7.16 -3.31
N THR A 329 -16.58 7.54 -2.72
CA THR A 329 -17.70 6.68 -2.74
C THR A 329 -18.11 6.41 -4.23
N GLY A 330 -17.98 7.42 -5.08
CA GLY A 330 -18.38 7.34 -6.46
C GLY A 330 -17.46 6.51 -7.32
N ILE A 331 -16.23 6.31 -6.85
CA ILE A 331 -15.27 5.38 -7.47
C ILE A 331 -15.42 3.97 -6.95
N PHE A 332 -15.31 3.80 -5.62
CA PHE A 332 -15.16 2.47 -5.01
C PHE A 332 -16.48 1.69 -4.80
N ALA A 333 -17.60 2.33 -5.05
CA ALA A 333 -18.87 1.66 -5.04
C ALA A 333 -18.94 0.72 -6.21
N ALA A 334 -18.00 0.86 -7.15
CA ALA A 334 -18.03 0.06 -8.37
C ALA A 334 -17.68 -1.38 -8.02
N SER A 335 -18.36 -2.32 -8.67
CA SER A 335 -18.26 -3.74 -8.35
C SER A 335 -16.86 -4.19 -8.72
N SER A 336 -16.32 -3.65 -9.80
CA SER A 336 -15.00 -4.04 -10.20
C SER A 336 -13.95 -3.59 -9.20
N LEU A 337 -14.27 -2.63 -8.34
CA LEU A 337 -13.33 -2.26 -7.25
C LEU A 337 -13.72 -2.89 -5.92
N GLY A 338 -14.65 -3.83 -5.91
CA GLY A 338 -14.98 -4.50 -4.63
C GLY A 338 -16.18 -3.92 -3.93
N GLY A 339 -16.76 -2.83 -4.43
CA GLY A 339 -18.02 -2.30 -3.87
C GLY A 339 -19.29 -3.13 -4.13
N VAL A 340 -20.45 -2.62 -3.65
CA VAL A 340 -21.76 -3.26 -3.88
C VAL A 340 -22.35 -3.07 -5.27
N GLY A 341 -21.78 -2.13 -6.04
CA GLY A 341 -22.21 -1.86 -7.39
C GLY A 341 -23.04 -0.64 -7.53
N PHE A 342 -22.86 0.10 -8.62
CA PHE A 342 -23.75 1.23 -8.97
C PHE A 342 -25.10 0.67 -9.35
N ALA A 343 -26.12 1.53 -9.23
CA ALA A 343 -27.46 1.23 -9.71
C ALA A 343 -27.45 0.86 -11.22
N GLU A 344 -28.47 0.14 -11.69
CA GLU A 344 -28.54 -0.29 -13.10
C GLU A 344 -28.40 0.88 -14.10
N GLY A 345 -27.54 0.71 -15.09
CA GLY A 345 -27.26 1.72 -16.09
C GLY A 345 -26.41 2.94 -15.70
N VAL A 346 -25.85 2.95 -14.49
CA VAL A 346 -25.02 4.05 -14.02
C VAL A 346 -23.53 3.76 -14.23
N THR A 347 -22.80 4.70 -14.78
CA THR A 347 -21.38 4.57 -14.98
C THR A 347 -20.63 5.27 -13.87
N MET A 348 -19.39 4.89 -13.67
CA MET A 348 -18.59 5.60 -12.68
C MET A 348 -18.53 7.11 -12.91
N GLY A 349 -18.42 7.51 -14.20
CA GLY A 349 -18.30 8.95 -14.58
C GLY A 349 -19.58 9.73 -14.28
N HIS A 350 -20.74 9.19 -14.67
CA HIS A 350 -21.97 9.73 -14.29
C HIS A 350 -22.03 9.79 -12.74
N GLN A 351 -21.69 8.70 -12.06
CA GLN A 351 -21.86 8.73 -10.60
C GLN A 351 -20.94 9.74 -9.93
N LEU A 352 -19.73 9.88 -10.42
CA LEU A 352 -18.87 10.95 -9.88
C LEU A 352 -19.45 12.35 -10.07
N LEU A 353 -20.19 12.51 -11.15
CA LEU A 353 -20.69 13.80 -11.53
C LEU A 353 -21.73 14.17 -10.53
N VAL A 354 -22.60 13.21 -10.25
CA VAL A 354 -23.62 13.36 -9.19
C VAL A 354 -22.98 13.64 -7.80
N GLN A 355 -21.89 12.97 -7.47
CA GLN A 355 -21.26 13.17 -6.18
C GLN A 355 -20.77 14.60 -6.06
N LEU A 356 -20.11 15.08 -7.13
CA LEU A 356 -19.67 16.47 -7.23
C LEU A 356 -20.79 17.46 -7.14
N GLU A 357 -21.87 17.23 -7.88
CA GLU A 357 -23.05 18.14 -7.84
C GLU A 357 -23.62 18.21 -6.42
N SER A 358 -23.65 17.07 -5.74
CA SER A 358 -24.16 16.99 -4.36
C SER A 358 -23.30 17.78 -3.38
N ILE A 359 -22.00 17.65 -3.54
CA ILE A 359 -21.05 18.32 -2.68
C ILE A 359 -21.18 19.82 -2.87
N ALA A 360 -21.23 20.21 -4.14
CA ALA A 360 -21.29 21.62 -4.54
C ALA A 360 -22.54 22.33 -3.97
N ILE A 361 -23.69 21.68 -4.15
CA ILE A 361 -24.98 22.17 -3.65
C ILE A 361 -25.00 22.28 -2.13
N THR A 362 -24.45 21.26 -1.46
CA THR A 362 -24.37 21.22 -0.01
C THR A 362 -23.58 22.41 0.52
N ILE A 363 -22.45 22.67 -0.12
CA ILE A 363 -21.57 23.75 0.32
C ILE A 363 -22.25 25.09 0.20
N VAL A 364 -22.79 25.37 -1.00
CA VAL A 364 -23.42 26.67 -1.26
C VAL A 364 -24.65 26.81 -0.32
N TRP A 365 -25.61 25.89 -0.40
CA TRP A 365 -26.78 25.91 0.48
C TRP A 365 -26.48 26.21 1.99
N SER A 366 -25.44 25.60 2.54
CA SER A 366 -25.16 25.68 3.96
C SER A 366 -24.35 26.96 4.25
N GLY A 367 -23.45 27.30 3.34
CA GLY A 367 -22.80 28.63 3.32
C GLY A 367 -23.79 29.78 3.37
N VAL A 368 -24.79 29.73 2.49
CA VAL A 368 -25.81 30.78 2.40
C VAL A 368 -26.65 30.82 3.66
N VAL A 369 -27.14 29.64 4.10
CA VAL A 369 -28.03 29.57 5.30
C VAL A 369 -27.28 29.95 6.57
N ALA A 370 -26.07 29.45 6.73
CA ALA A 370 -25.21 29.86 7.87
C ALA A 370 -25.02 31.38 7.89
N PHE A 371 -24.75 31.97 6.74
CA PHE A 371 -24.58 33.42 6.63
C PHE A 371 -25.81 34.14 7.15
N ILE A 372 -26.97 33.77 6.59
CA ILE A 372 -28.24 34.31 7.01
C ILE A 372 -28.48 34.16 8.52
N GLY A 373 -28.10 33.01 9.06
CA GLY A 373 -28.36 32.76 10.48
C GLY A 373 -27.48 33.60 11.38
N TYR A 374 -26.20 33.66 11.06
CA TYR A 374 -25.27 34.43 11.86
C TYR A 374 -25.64 35.91 11.83
N LYS A 375 -26.01 36.40 10.65
CA LYS A 375 -26.35 37.79 10.46
C LYS A 375 -27.57 38.14 11.25
N LEU A 376 -28.66 37.41 11.02
CA LEU A 376 -29.85 37.56 11.84
C LEU A 376 -29.51 37.60 13.32
N ALA A 377 -28.57 36.76 13.76
CA ALA A 377 -28.11 36.82 15.15
C ALA A 377 -27.32 38.09 15.43
N ASP A 378 -26.48 38.50 14.49
CA ASP A 378 -25.57 39.65 14.70
C ASP A 378 -26.39 40.90 14.86
N LEU A 379 -27.37 41.06 13.94
CA LEU A 379 -28.22 42.25 13.91
C LEU A 379 -29.21 42.27 15.06
N THR A 380 -29.38 41.15 15.77
CA THR A 380 -30.39 41.05 16.84
C THR A 380 -29.79 41.13 18.23
N VAL A 381 -28.73 40.36 18.46
CA VAL A 381 -27.98 40.35 19.71
C VAL A 381 -26.54 40.67 19.14
N GLY A 382 -25.41 40.64 19.85
CA GLY A 382 -24.11 40.86 19.05
C GLY A 382 -23.65 39.45 18.85
N LEU A 383 -22.71 39.21 17.93
CA LEU A 383 -21.96 37.97 17.96
C LEU A 383 -20.83 38.01 19.00
N ARG A 384 -20.66 39.11 19.73
CA ARG A 384 -19.50 39.27 20.61
C ARG A 384 -19.87 39.12 22.09
N VAL A 385 -18.84 39.14 22.94
CA VAL A 385 -18.98 38.90 24.40
C VAL A 385 -19.54 37.49 24.62
N GLY B 1 8.28 -36.62 -32.84
CA GLY B 1 9.24 -36.11 -33.84
C GLY B 1 10.10 -35.01 -33.21
N ALA B 2 11.03 -34.52 -34.01
CA ALA B 2 12.10 -33.66 -33.57
C ALA B 2 11.59 -32.28 -33.10
N SER B 3 12.22 -31.75 -32.08
CA SER B 3 12.06 -30.33 -31.71
C SER B 3 12.56 -29.41 -32.84
N VAL B 4 11.76 -28.36 -33.14
CA VAL B 4 12.04 -27.39 -34.20
C VAL B 4 12.19 -26.04 -33.53
N ALA B 5 13.17 -25.26 -33.95
CA ALA B 5 13.41 -24.01 -33.23
C ALA B 5 12.42 -23.05 -33.79
N ASP B 6 11.86 -22.21 -32.94
CA ASP B 6 11.08 -21.09 -33.41
C ASP B 6 12.01 -19.86 -33.49
N LYS B 7 12.03 -19.24 -34.67
CA LYS B 7 12.93 -18.18 -34.90
C LYS B 7 12.76 -16.93 -34.02
N ALA B 8 11.54 -16.66 -33.60
CA ALA B 8 11.27 -15.53 -32.81
C ALA B 8 11.89 -15.76 -31.47
N ASP B 9 11.77 -16.98 -30.97
CA ASP B 9 12.41 -17.35 -29.72
C ASP B 9 13.96 -17.32 -29.85
N ASN B 10 14.50 -17.75 -30.97
CA ASN B 10 15.95 -17.61 -31.15
C ASN B 10 16.39 -16.15 -31.03
N ALA B 11 15.69 -15.29 -31.73
CA ALA B 11 15.97 -13.86 -31.84
C ALA B 11 15.88 -13.23 -30.48
N PHE B 12 14.77 -13.45 -29.83
CA PHE B 12 14.59 -13.00 -28.46
C PHE B 12 15.75 -13.38 -27.56
N MET B 13 16.15 -14.64 -27.63
CA MET B 13 17.09 -15.14 -26.66
C MET B 13 18.55 -14.73 -26.93
N MET B 14 18.88 -14.49 -28.18
CA MET B 14 20.21 -13.99 -28.53
C MET B 14 20.32 -12.54 -28.04
N ILE B 15 19.28 -11.74 -28.21
CA ILE B 15 19.27 -10.44 -27.69
C ILE B 15 19.30 -10.44 -26.17
N CYS B 16 18.45 -11.24 -25.55
CA CYS B 16 18.49 -11.35 -24.07
C CYS B 16 19.87 -11.73 -23.55
N THR B 17 20.57 -12.60 -24.28
CA THR B 17 21.88 -12.96 -23.95
C THR B 17 22.82 -11.77 -23.94
N ALA B 18 22.77 -10.98 -25.01
CA ALA B 18 23.64 -9.87 -25.17
C ALA B 18 23.39 -8.87 -24.04
N LEU B 19 22.14 -8.72 -23.67
CA LEU B 19 21.75 -7.85 -22.57
C LEU B 19 22.33 -8.30 -21.22
N VAL B 20 22.37 -9.62 -21.00
CA VAL B 20 22.97 -10.12 -19.77
C VAL B 20 24.51 -9.96 -19.81
N LEU B 21 25.15 -10.16 -20.97
CA LEU B 21 26.57 -9.97 -21.05
C LEU B 21 26.92 -8.48 -20.72
N PHE B 22 26.08 -7.58 -21.22
CA PHE B 22 26.08 -6.15 -20.96
C PHE B 22 26.14 -5.84 -19.47
N MET B 23 25.50 -6.67 -18.68
CA MET B 23 25.39 -6.40 -17.26
C MET B 23 26.74 -6.58 -16.57
N THR B 24 27.58 -7.42 -17.14
CA THR B 24 28.91 -7.64 -16.63
C THR B 24 29.88 -6.66 -17.25
N ILE B 25 29.82 -6.58 -18.59
CA ILE B 25 30.68 -5.77 -19.39
C ILE B 25 29.79 -4.73 -20.10
N PRO B 26 29.64 -3.52 -19.53
CA PRO B 26 30.38 -2.94 -18.38
C PRO B 26 29.60 -2.77 -17.09
N GLY B 27 28.33 -3.16 -17.08
CA GLY B 27 27.46 -2.90 -15.95
C GLY B 27 28.07 -3.02 -14.54
N ILE B 28 28.51 -4.22 -14.19
CA ILE B 28 28.92 -4.47 -12.86
C ILE B 28 30.27 -3.76 -12.62
N ALA B 29 31.05 -3.66 -13.67
CA ALA B 29 32.38 -3.09 -13.58
C ALA B 29 32.24 -1.57 -13.23
N LEU B 30 31.31 -0.88 -13.87
CA LEU B 30 31.05 0.53 -13.56
C LEU B 30 30.35 0.76 -12.24
N PHE B 31 29.51 -0.16 -11.82
CA PHE B 31 28.91 -0.13 -10.51
C PHE B 31 30.00 -0.18 -9.38
N TYR B 32 30.86 -1.18 -9.42
CA TYR B 32 31.92 -1.26 -8.45
C TYR B 32 32.97 -0.14 -8.67
N GLY B 33 33.20 0.24 -9.92
CA GLY B 33 34.16 1.27 -10.26
C GLY B 33 33.96 2.58 -9.50
N GLY B 34 32.70 2.98 -9.30
CA GLY B 34 32.41 4.21 -8.57
C GLY B 34 32.22 4.03 -7.08
N LEU B 35 32.19 2.79 -6.62
CA LEU B 35 32.07 2.47 -5.21
C LEU B 35 33.45 2.39 -4.52
N ILE B 36 34.43 1.78 -5.17
CA ILE B 36 35.71 1.45 -4.51
C ILE B 36 36.64 2.65 -4.57
N ARG B 37 37.76 2.62 -3.84
CA ARG B 37 38.73 3.74 -3.81
C ARG B 37 39.44 3.87 -5.18
N GLY B 38 39.51 5.10 -5.70
CA GLY B 38 40.12 5.40 -7.02
C GLY B 38 41.44 4.74 -7.40
N LYS B 39 42.33 4.56 -6.40
CA LYS B 39 43.65 3.93 -6.60
C LYS B 39 43.49 2.47 -7.03
N ASN B 40 42.31 1.90 -6.80
CA ASN B 40 42.03 0.49 -7.10
C ASN B 40 41.20 0.19 -8.36
N VAL B 41 40.77 1.22 -9.09
CA VAL B 41 39.74 1.03 -10.10
C VAL B 41 40.32 0.27 -11.30
N LEU B 42 41.43 0.79 -11.82
CA LEU B 42 42.05 0.23 -13.00
C LEU B 42 42.31 -1.27 -12.85
N SER B 43 42.73 -1.66 -11.66
CA SER B 43 43.06 -3.05 -11.39
C SER B 43 41.79 -3.92 -11.19
N MET B 44 40.76 -3.34 -10.59
CA MET B 44 39.45 -3.98 -10.48
C MET B 44 38.84 -4.27 -11.87
N LEU B 45 38.88 -3.28 -12.76
CA LEU B 45 38.31 -3.40 -14.12
C LEU B 45 39.00 -4.48 -14.89
N THR B 46 40.29 -4.61 -14.66
CA THR B 46 41.12 -5.60 -15.33
C THR B 46 40.82 -7.00 -14.81
N GLN B 47 40.56 -7.11 -13.53
CA GLN B 47 40.28 -8.41 -12.95
C GLN B 47 38.87 -8.93 -13.28
N VAL B 48 37.94 -8.01 -13.52
CA VAL B 48 36.58 -8.37 -13.91
C VAL B 48 36.62 -8.82 -15.34
N THR B 49 37.37 -8.08 -16.14
CA THR B 49 37.52 -8.40 -17.55
C THR B 49 38.17 -9.77 -17.75
N VAL B 50 39.23 -10.04 -16.99
CA VAL B 50 40.00 -11.26 -17.15
C VAL B 50 39.27 -12.51 -16.65
N THR B 51 38.62 -12.39 -15.51
CA THR B 51 37.83 -13.48 -14.99
C THR B 51 36.56 -13.74 -15.82
N PHE B 52 36.02 -12.70 -16.43
CA PHE B 52 34.93 -12.83 -17.31
C PHE B 52 35.37 -13.73 -18.45
N ALA B 53 36.50 -13.38 -19.06
CA ALA B 53 37.07 -14.20 -20.12
C ALA B 53 37.27 -15.62 -19.68
N LEU B 54 37.84 -15.80 -18.50
CA LEU B 54 38.11 -17.12 -17.97
C LEU B 54 36.79 -17.91 -17.83
N VAL B 55 35.74 -17.26 -17.36
CA VAL B 55 34.47 -17.95 -17.15
C VAL B 55 33.88 -18.38 -18.46
N CYS B 56 33.98 -17.52 -19.46
CA CYS B 56 33.53 -17.85 -20.78
C CYS B 56 34.23 -19.13 -21.25
N ILE B 57 35.54 -19.22 -21.07
CA ILE B 57 36.29 -20.37 -21.61
C ILE B 57 35.89 -21.64 -20.86
N LEU B 58 35.85 -21.56 -19.55
CA LEU B 58 35.53 -22.73 -18.77
C LEU B 58 34.10 -23.25 -19.09
N TRP B 59 33.19 -22.33 -19.39
CA TRP B 59 31.80 -22.62 -19.66
C TRP B 59 31.66 -23.50 -20.87
N VAL B 60 32.31 -23.12 -21.96
CA VAL B 60 32.23 -23.94 -23.20
C VAL B 60 33.10 -25.19 -23.15
N VAL B 61 34.25 -25.12 -22.47
CA VAL B 61 35.07 -26.35 -22.30
C VAL B 61 34.32 -27.51 -21.59
N TYR B 62 33.87 -27.26 -20.34
CA TYR B 62 33.16 -28.25 -19.54
C TYR B 62 31.94 -27.73 -18.75
N GLY B 63 31.86 -26.43 -18.50
CA GLY B 63 30.92 -25.88 -17.53
C GLY B 63 29.44 -26.05 -17.90
N TYR B 64 29.12 -25.88 -19.17
CA TYR B 64 27.74 -26.07 -19.63
C TYR B 64 27.30 -27.49 -19.47
N SER B 65 28.15 -28.41 -19.86
CA SER B 65 27.93 -29.87 -19.74
C SER B 65 27.77 -30.33 -18.27
N LEU B 66 28.61 -29.79 -17.39
CA LEU B 66 28.56 -30.20 -15.98
C LEU B 66 27.35 -29.58 -15.24
N ALA B 67 26.81 -28.51 -15.80
CA ALA B 67 25.63 -27.87 -15.21
C ALA B 67 24.34 -28.43 -15.81
N PHE B 68 24.27 -28.57 -17.15
CA PHE B 68 23.04 -28.94 -17.81
C PHE B 68 22.93 -30.31 -18.47
N GLY B 69 24.02 -31.07 -18.54
CA GLY B 69 23.96 -32.47 -19.03
C GLY B 69 23.28 -33.42 -18.04
N GLU B 70 22.86 -34.59 -18.52
CA GLU B 70 22.37 -35.64 -17.65
C GLU B 70 23.47 -36.10 -16.65
N GLY B 71 23.11 -36.19 -15.37
CA GLY B 71 24.06 -36.61 -14.39
C GLY B 71 23.33 -37.26 -13.26
N ASN B 72 23.56 -36.76 -12.06
CA ASN B 72 22.80 -37.20 -10.89
C ASN B 72 21.94 -36.02 -10.39
N ASN B 73 21.51 -36.05 -9.14
CA ASN B 73 20.85 -34.95 -8.53
C ASN B 73 21.70 -33.70 -8.33
N PHE B 74 23.03 -33.81 -8.47
CA PHE B 74 23.94 -32.70 -8.11
C PHE B 74 24.82 -32.13 -9.22
N PHE B 75 25.31 -33.00 -10.10
CA PHE B 75 26.15 -32.59 -11.19
C PHE B 75 25.60 -33.20 -12.51
N GLY B 76 25.95 -32.55 -13.65
CA GLY B 76 25.71 -33.11 -14.98
C GLY B 76 26.85 -34.06 -15.35
N ASN B 77 27.52 -33.82 -16.46
CA ASN B 77 28.63 -34.71 -16.86
C ASN B 77 29.66 -33.89 -17.67
N ILE B 78 30.83 -34.46 -17.86
CA ILE B 78 31.89 -33.93 -18.74
C ILE B 78 32.26 -35.04 -19.68
N ASN B 79 31.26 -35.73 -20.25
CA ASN B 79 31.51 -36.81 -21.24
C ASN B 79 32.01 -36.23 -22.56
N TRP B 80 31.66 -34.97 -22.84
CA TRP B 80 32.11 -34.30 -24.06
C TRP B 80 32.60 -32.88 -23.74
N LEU B 81 33.77 -32.54 -24.25
CA LEU B 81 34.30 -31.18 -24.04
C LEU B 81 33.96 -30.31 -25.27
N MET B 82 33.91 -29.00 -25.06
CA MET B 82 33.77 -28.04 -26.14
C MET B 82 32.49 -28.21 -26.96
N LEU B 83 31.37 -28.59 -26.30
CA LEU B 83 30.09 -28.66 -26.94
C LEU B 83 30.01 -29.70 -28.03
N LYS B 84 30.90 -30.66 -27.97
CA LYS B 84 31.08 -31.61 -29.05
C LYS B 84 29.87 -32.50 -29.29
N ASN B 85 29.18 -32.92 -28.24
CA ASN B 85 27.91 -33.70 -28.37
C ASN B 85 26.72 -32.89 -28.91
N ILE B 86 26.92 -31.59 -29.17
CA ILE B 86 25.81 -30.73 -29.51
C ILE B 86 25.90 -30.38 -30.97
N GLU B 87 25.03 -30.98 -31.77
CA GLU B 87 24.91 -30.59 -33.16
C GLU B 87 24.47 -29.13 -33.27
N LEU B 88 24.91 -28.47 -34.31
CA LEU B 88 24.64 -27.10 -34.52
C LEU B 88 23.15 -26.85 -34.56
N THR B 89 22.41 -27.77 -35.21
CA THR B 89 20.94 -27.72 -35.28
C THR B 89 20.21 -28.30 -34.08
N ALA B 90 20.89 -28.70 -33.02
CA ALA B 90 20.18 -29.26 -31.91
C ALA B 90 19.31 -28.14 -31.33
N VAL B 91 18.10 -28.53 -30.85
CA VAL B 91 17.16 -27.65 -30.27
C VAL B 91 16.93 -28.01 -28.82
N MET B 92 16.88 -26.98 -27.97
CA MET B 92 16.59 -27.15 -26.58
C MET B 92 15.40 -26.23 -26.22
N GLY B 93 14.29 -26.83 -25.84
CA GLY B 93 13.02 -26.12 -25.68
C GLY B 93 12.57 -25.69 -27.04
N SER B 94 12.45 -24.38 -27.29
CA SER B 94 12.13 -23.83 -28.64
C SER B 94 13.25 -23.03 -29.26
N ILE B 95 14.51 -23.23 -28.82
CA ILE B 95 15.61 -22.47 -29.45
C ILE B 95 16.74 -23.42 -29.80
N TYR B 96 17.67 -22.96 -30.68
CA TYR B 96 18.89 -23.71 -30.89
C TYR B 96 19.68 -23.79 -29.58
N GLN B 97 20.29 -24.94 -29.35
CA GLN B 97 20.85 -25.20 -28.04
C GLN B 97 22.11 -24.36 -27.81
N TYR B 98 22.76 -23.95 -28.89
CA TYR B 98 23.89 -23.10 -28.79
C TYR B 98 23.50 -21.75 -28.11
N ILE B 99 22.28 -21.28 -28.38
CA ILE B 99 21.79 -20.08 -27.77
C ILE B 99 21.59 -20.28 -26.28
N HIS B 100 21.03 -21.42 -25.90
CA HIS B 100 20.91 -21.82 -24.48
C HIS B 100 22.26 -21.88 -23.79
N VAL B 101 23.28 -22.34 -24.50
CA VAL B 101 24.60 -22.35 -23.98
C VAL B 101 25.13 -20.94 -23.65
N ALA B 102 25.03 -20.02 -24.62
CA ALA B 102 25.40 -18.63 -24.39
C ALA B 102 24.53 -17.96 -23.30
N PHE B 103 23.22 -18.17 -23.32
CA PHE B 103 22.39 -17.52 -22.35
C PHE B 103 22.85 -17.91 -20.96
N GLN B 104 23.01 -19.21 -20.72
CA GLN B 104 23.33 -19.69 -19.40
C GLN B 104 24.78 -19.32 -18.97
N GLY B 105 25.65 -19.15 -19.97
CA GLY B 105 27.03 -18.80 -19.79
C GLY B 105 27.15 -17.37 -19.35
N SER B 106 26.28 -16.53 -19.89
CA SER B 106 26.22 -15.17 -19.43
C SER B 106 25.76 -15.06 -17.97
N PHE B 107 25.00 -16.05 -17.49
CA PHE B 107 24.59 -16.07 -16.08
C PHE B 107 25.76 -16.40 -15.16
N ALA B 108 26.61 -17.31 -15.57
CA ALA B 108 27.75 -17.61 -14.80
C ALA B 108 28.62 -16.35 -14.68
N CYS B 109 28.64 -15.59 -15.76
CA CYS B 109 29.56 -14.48 -15.89
C CYS B 109 29.19 -13.35 -14.93
N ILE B 110 27.92 -12.96 -14.91
CA ILE B 110 27.50 -11.89 -14.02
C ILE B 110 27.65 -12.34 -12.57
N THR B 111 27.41 -13.60 -12.32
CA THR B 111 27.45 -14.09 -10.97
C THR B 111 28.88 -13.91 -10.43
N VAL B 112 29.85 -14.33 -11.22
CA VAL B 112 31.22 -14.23 -10.89
C VAL B 112 31.68 -12.77 -10.87
N GLY B 113 31.22 -11.98 -11.82
CA GLY B 113 31.53 -10.57 -11.84
C GLY B 113 31.18 -9.85 -10.52
N LEU B 114 30.04 -10.25 -9.97
CA LEU B 114 29.54 -9.75 -8.72
C LEU B 114 30.51 -9.91 -7.57
N ILE B 115 31.06 -11.12 -7.49
CA ILE B 115 31.98 -11.50 -6.44
C ILE B 115 33.35 -10.86 -6.68
N VAL B 116 33.82 -10.96 -7.90
CA VAL B 116 35.13 -10.46 -8.26
C VAL B 116 35.28 -8.95 -8.13
N GLY B 117 34.23 -8.20 -8.44
CA GLY B 117 34.30 -6.75 -8.37
C GLY B 117 34.46 -6.24 -6.93
N ALA B 118 33.99 -7.03 -5.97
CA ALA B 118 34.01 -6.64 -4.58
C ALA B 118 35.33 -7.05 -3.95
N LEU B 119 35.83 -8.22 -4.32
CA LEU B 119 37.11 -8.77 -3.80
C LEU B 119 38.39 -8.30 -4.48
N ALA B 120 38.28 -7.53 -5.57
CA ALA B 120 39.46 -7.07 -6.31
C ALA B 120 40.31 -6.10 -5.45
N GLU B 121 41.62 -6.26 -5.55
CA GLU B 121 42.58 -5.53 -4.71
C GLU B 121 42.22 -5.53 -3.20
N ARG B 122 41.74 -6.68 -2.74
CA ARG B 122 41.63 -7.00 -1.33
C ARG B 122 42.34 -8.33 -1.13
N ILE B 123 41.92 -9.32 -1.92
CA ILE B 123 42.68 -10.55 -2.08
C ILE B 123 43.46 -10.44 -3.38
N ARG B 124 44.64 -11.03 -3.37
CA ARG B 124 45.51 -10.98 -4.54
C ARG B 124 44.86 -11.70 -5.71
N PHE B 125 45.28 -11.31 -6.91
CA PHE B 125 44.64 -11.72 -8.14
C PHE B 125 44.76 -13.22 -8.37
N SER B 126 45.96 -13.73 -8.17
CA SER B 126 46.21 -15.17 -8.11
C SER B 126 45.13 -15.91 -7.35
N ALA B 127 44.84 -15.43 -6.15
CA ALA B 127 43.88 -16.09 -5.27
C ALA B 127 42.43 -15.96 -5.73
N VAL B 128 42.10 -14.86 -6.41
CA VAL B 128 40.80 -14.70 -7.05
C VAL B 128 40.61 -15.80 -8.10
N LEU B 129 41.63 -15.99 -8.93
CA LEU B 129 41.55 -16.96 -10.04
C LEU B 129 41.38 -18.39 -9.59
N ILE B 130 42.04 -18.77 -8.51
CA ILE B 130 41.86 -20.09 -7.93
C ILE B 130 40.48 -20.19 -7.32
N PHE B 131 40.04 -19.13 -6.66
CA PHE B 131 38.73 -19.16 -6.05
C PHE B 131 37.63 -19.36 -7.10
N VAL B 132 37.72 -18.57 -8.17
CA VAL B 132 36.76 -18.60 -9.29
C VAL B 132 36.62 -19.99 -9.92
N VAL B 133 37.75 -20.62 -10.26
CA VAL B 133 37.75 -21.98 -10.81
C VAL B 133 37.12 -22.99 -9.86
N VAL B 134 37.50 -22.92 -8.58
CA VAL B 134 36.98 -23.86 -7.59
C VAL B 134 35.47 -23.71 -7.37
N TRP B 135 35.09 -22.47 -7.11
CA TRP B 135 33.70 -22.13 -6.79
C TRP B 135 32.68 -22.18 -7.98
N LEU B 136 33.09 -21.79 -9.17
CA LEU B 136 32.28 -21.98 -10.33
C LEU B 136 32.03 -23.49 -10.53
N THR B 137 33.09 -24.26 -10.46
CA THR B 137 33.04 -25.69 -10.78
C THR B 137 32.27 -26.49 -9.74
N LEU B 138 32.42 -26.08 -8.48
CA LEU B 138 31.87 -26.87 -7.39
C LEU B 138 30.74 -26.23 -6.64
N SER B 139 30.44 -24.96 -6.94
CA SER B 139 29.24 -24.31 -6.37
C SER B 139 28.24 -23.85 -7.41
N TYR B 140 28.68 -22.97 -8.35
CA TYR B 140 27.74 -22.39 -9.33
C TYR B 140 27.15 -23.51 -10.15
N ILE B 141 28.02 -24.36 -10.67
CA ILE B 141 27.63 -25.41 -11.57
C ILE B 141 26.65 -26.45 -10.99
N PRO B 142 26.96 -27.01 -9.83
CA PRO B 142 26.00 -27.98 -9.27
C PRO B 142 24.70 -27.31 -8.81
N ILE B 143 24.78 -26.10 -8.25
CA ILE B 143 23.57 -25.41 -7.82
C ILE B 143 22.66 -25.03 -9.02
N ALA B 144 23.25 -24.63 -10.15
CA ALA B 144 22.50 -24.58 -11.38
C ALA B 144 21.91 -25.94 -11.81
N HIS B 145 22.64 -27.04 -11.59
CA HIS B 145 22.17 -28.35 -12.03
C HIS B 145 20.99 -28.71 -11.20
N MET B 146 21.10 -28.43 -9.90
CA MET B 146 20.06 -28.79 -8.92
C MET B 146 18.75 -28.06 -9.20
N VAL B 147 18.83 -26.78 -9.57
CA VAL B 147 17.66 -25.90 -9.76
C VAL B 147 17.09 -25.88 -11.21
N TRP B 148 17.97 -25.79 -12.21
CA TRP B 148 17.56 -25.68 -13.62
C TRP B 148 17.99 -26.86 -14.50
N GLY B 149 18.83 -27.79 -13.99
CA GLY B 149 19.28 -28.92 -14.79
C GLY B 149 18.68 -30.29 -14.43
N GLY B 150 17.53 -30.31 -13.79
CA GLY B 150 16.85 -31.55 -13.48
C GLY B 150 17.31 -32.24 -12.23
N GLY B 151 18.15 -31.59 -11.43
CA GLY B 151 18.66 -32.20 -10.20
C GLY B 151 17.70 -32.09 -9.04
N LEU B 152 18.26 -31.98 -7.85
CA LEU B 152 17.53 -32.27 -6.61
C LEU B 152 16.39 -31.29 -6.39
N LEU B 153 16.68 -29.99 -6.45
CA LEU B 153 15.71 -28.98 -6.06
C LEU B 153 14.60 -28.92 -7.10
N ALA B 154 14.95 -28.98 -8.37
CA ALA B 154 13.94 -29.07 -9.46
C ALA B 154 12.97 -30.28 -9.33
N SER B 155 13.48 -31.42 -8.88
CA SER B 155 12.69 -32.64 -8.65
C SER B 155 11.73 -32.55 -7.48
N HIS B 156 12.00 -31.64 -6.55
CA HIS B 156 11.04 -31.34 -5.50
C HIS B 156 10.17 -30.13 -5.84
N GLY B 157 10.20 -29.63 -7.07
CA GLY B 157 9.34 -28.49 -7.46
C GLY B 157 9.75 -27.13 -6.85
N ALA B 158 11.05 -26.93 -6.56
CA ALA B 158 11.54 -25.59 -6.18
C ALA B 158 11.28 -24.55 -7.29
N LEU B 159 10.83 -23.37 -6.88
CA LEU B 159 10.47 -22.27 -7.76
C LEU B 159 11.55 -21.20 -7.67
N ASP B 160 12.23 -20.98 -8.78
CA ASP B 160 13.27 -19.99 -8.86
C ASP B 160 13.46 -19.69 -10.31
N PHE B 161 12.75 -18.65 -10.79
CA PHE B 161 12.63 -18.38 -12.20
C PHE B 161 13.88 -18.02 -12.87
N ALA B 162 14.61 -17.09 -12.24
CA ALA B 162 15.82 -16.59 -12.84
C ALA B 162 17.00 -16.43 -11.87
N GLY B 163 16.94 -17.01 -10.66
CA GLY B 163 18.20 -17.29 -9.92
C GLY B 163 18.42 -16.60 -8.56
N GLY B 164 17.37 -16.53 -7.76
CA GLY B 164 17.50 -16.10 -6.38
C GLY B 164 18.46 -17.00 -5.63
N THR B 165 18.45 -18.31 -5.90
CA THR B 165 19.39 -19.23 -5.22
C THR B 165 20.69 -19.35 -6.00
N VAL B 166 20.57 -19.77 -7.24
CA VAL B 166 21.68 -19.98 -8.16
C VAL B 166 22.64 -18.80 -8.32
N VAL B 167 22.10 -17.62 -8.44
CA VAL B 167 22.93 -16.47 -8.66
C VAL B 167 23.12 -15.69 -7.32
N HIS B 168 22.04 -15.21 -6.76
CA HIS B 168 22.08 -14.22 -5.70
C HIS B 168 22.49 -14.73 -4.33
N ILE B 169 21.77 -15.69 -3.80
CA ILE B 169 22.14 -16.26 -2.54
C ILE B 169 23.52 -16.89 -2.67
N ASN B 170 23.72 -17.61 -3.77
CA ASN B 170 24.95 -18.35 -4.00
C ASN B 170 26.13 -17.40 -3.90
N ALA B 171 26.03 -16.29 -4.64
CA ALA B 171 27.12 -15.30 -4.71
C ALA B 171 27.25 -14.48 -3.42
N ALA B 172 26.14 -14.20 -2.78
CA ALA B 172 26.15 -13.45 -1.55
C ALA B 172 26.98 -14.17 -0.49
N ILE B 173 26.80 -15.48 -0.38
CA ILE B 173 27.47 -16.26 0.62
C ILE B 173 28.96 -16.43 0.31
N ALA B 174 29.31 -16.61 -0.96
CA ALA B 174 30.70 -16.67 -1.35
C ALA B 174 31.43 -15.37 -1.02
N GLY B 175 30.81 -14.24 -1.33
CA GLY B 175 31.38 -12.96 -0.99
C GLY B 175 31.54 -12.71 0.50
N LEU B 176 30.54 -13.08 1.30
CA LEU B 176 30.57 -12.86 2.73
C LEU B 176 31.65 -13.74 3.38
N VAL B 177 31.73 -15.02 2.98
CA VAL B 177 32.81 -15.90 3.44
C VAL B 177 34.18 -15.31 3.08
N GLY B 178 34.32 -14.72 1.90
CA GLY B 178 35.54 -14.08 1.49
C GLY B 178 35.86 -12.85 2.33
N ALA B 179 34.80 -12.14 2.73
CA ALA B 179 34.93 -10.89 3.49
C ALA B 179 35.32 -11.17 4.92
N TYR B 180 34.73 -12.22 5.48
CA TYR B 180 35.05 -12.72 6.81
C TYR B 180 36.49 -13.19 6.89
N LEU B 181 36.95 -13.91 5.88
CA LEU B 181 38.31 -14.44 5.89
C LEU B 181 39.41 -13.41 5.64
N ILE B 182 39.08 -12.16 5.34
CA ILE B 182 40.13 -11.12 5.34
C ILE B 182 40.21 -10.34 6.66
N GLY B 183 39.07 -9.94 7.21
CA GLY B 183 38.99 -9.32 8.55
C GLY B 183 39.63 -10.14 9.68
N LYS B 184 39.82 -11.45 9.46
CA LYS B 184 40.69 -12.27 10.32
C LYS B 184 42.09 -11.68 10.49
N HIS B 196 33.65 7.47 -4.72
CA HIS B 196 34.36 8.62 -5.34
C HIS B 196 33.71 9.10 -6.67
N ASN B 197 32.96 8.21 -7.36
CA ASN B 197 32.20 8.60 -8.56
C ASN B 197 30.75 8.08 -8.55
N LEU B 198 29.86 8.80 -7.90
CA LEU B 198 28.50 8.33 -7.72
C LEU B 198 27.73 8.30 -9.04
N PRO B 199 28.03 9.23 -9.96
CA PRO B 199 27.42 9.12 -11.28
C PRO B 199 27.82 7.84 -12.01
N MET B 200 29.02 7.33 -11.73
CA MET B 200 29.45 6.09 -12.33
C MET B 200 28.64 4.92 -11.77
N VAL B 201 28.30 4.99 -10.49
CA VAL B 201 27.50 3.98 -9.82
C VAL B 201 26.07 3.97 -10.39
N PHE B 202 25.54 5.17 -10.69
CA PHE B 202 24.24 5.32 -11.28
C PHE B 202 24.24 4.64 -12.65
N THR B 203 25.29 4.84 -13.38
CA THR B 203 25.39 4.35 -14.73
C THR B 203 25.44 2.83 -14.75
N GLY B 204 26.17 2.26 -13.82
CA GLY B 204 26.28 0.81 -13.68
C GLY B 204 24.96 0.20 -13.29
N THR B 205 24.32 0.86 -12.34
CA THR B 205 23.02 0.48 -11.86
C THR B 205 22.01 0.48 -12.99
N ALA B 206 22.06 1.53 -13.79
CA ALA B 206 21.15 1.68 -14.89
C ALA B 206 21.34 0.55 -15.91
N ILE B 207 22.60 0.33 -16.30
CA ILE B 207 22.95 -0.76 -17.21
C ILE B 207 22.49 -2.09 -16.66
N LEU B 208 22.70 -2.30 -15.37
CA LEU B 208 22.32 -3.50 -14.71
C LEU B 208 20.81 -3.66 -14.83
N TYR B 209 20.05 -2.56 -14.66
CA TYR B 209 18.58 -2.58 -14.77
C TYR B 209 18.08 -2.98 -16.17
N ILE B 210 18.65 -2.37 -17.22
CA ILE B 210 18.28 -2.63 -18.56
C ILE B 210 18.62 -4.07 -18.93
N GLY B 211 19.84 -4.48 -18.59
CA GLY B 211 20.24 -5.82 -18.84
C GLY B 211 19.34 -6.85 -18.18
N TRP B 212 18.79 -6.49 -17.02
CA TRP B 212 18.14 -7.48 -16.18
C TRP B 212 16.87 -7.94 -16.90
N PHE B 213 16.44 -7.16 -17.86
CA PHE B 213 15.21 -7.54 -18.60
C PHE B 213 15.48 -8.76 -19.45
N GLY B 214 16.70 -8.83 -19.96
CA GLY B 214 17.15 -10.02 -20.67
C GLY B 214 17.34 -11.20 -19.71
N PHE B 215 17.85 -10.88 -18.55
CA PHE B 215 18.03 -11.86 -17.49
C PHE B 215 16.71 -12.50 -17.09
N ASN B 216 15.81 -11.63 -16.68
CA ASN B 216 14.54 -12.06 -16.09
C ASN B 216 13.55 -12.60 -17.19
N ALA B 217 13.28 -11.84 -18.25
CA ALA B 217 12.32 -12.29 -19.30
C ALA B 217 12.86 -13.43 -20.11
N GLY B 218 14.17 -13.38 -20.36
CA GLY B 218 14.85 -14.40 -21.12
C GLY B 218 14.83 -15.74 -20.43
N SER B 219 14.57 -15.75 -19.12
CA SER B 219 14.59 -16.97 -18.36
C SER B 219 13.33 -17.77 -18.62
N ALA B 220 12.40 -17.21 -19.38
CA ALA B 220 11.22 -17.97 -19.88
C ALA B 220 11.58 -18.82 -21.02
N GLY B 221 12.61 -18.43 -21.77
CA GLY B 221 13.14 -19.20 -22.90
C GLY B 221 12.43 -18.97 -24.21
N THR B 222 11.48 -18.06 -24.19
CA THR B 222 10.64 -17.91 -25.36
C THR B 222 9.90 -16.65 -25.18
N ALA B 223 9.63 -15.97 -26.29
CA ALA B 223 8.86 -14.74 -26.24
C ALA B 223 7.37 -15.00 -26.14
N ASN B 224 6.96 -15.48 -24.97
CA ASN B 224 5.60 -15.75 -24.74
C ASN B 224 5.07 -14.89 -23.57
N GLU B 225 4.01 -15.34 -22.95
CA GLU B 225 3.31 -14.53 -21.98
C GLU B 225 3.95 -14.57 -20.65
N ILE B 226 4.67 -15.66 -20.36
CA ILE B 226 5.49 -15.76 -19.16
C ILE B 226 6.69 -14.76 -19.21
N ALA B 227 7.27 -14.55 -20.39
CA ALA B 227 8.30 -13.52 -20.54
C ALA B 227 7.67 -12.13 -20.34
N ALA B 228 6.51 -11.92 -20.90
CA ALA B 228 5.84 -10.68 -20.68
C ALA B 228 5.51 -10.39 -19.22
N LEU B 229 4.95 -11.39 -18.52
CA LEU B 229 4.76 -11.27 -17.10
C LEU B 229 6.11 -10.92 -16.37
N ALA B 230 7.20 -11.64 -16.70
CA ALA B 230 8.47 -11.48 -16.05
C ALA B 230 8.98 -10.05 -16.30
N PHE B 231 8.72 -9.55 -17.50
CA PHE B 231 9.11 -8.20 -17.90
C PHE B 231 8.40 -7.15 -17.03
N VAL B 232 7.09 -7.18 -17.08
CA VAL B 232 6.27 -6.24 -16.33
C VAL B 232 6.57 -6.30 -14.81
N ASN B 233 6.87 -7.48 -14.28
CA ASN B 233 7.08 -7.65 -12.86
C ASN B 233 8.44 -7.06 -12.45
N THR B 234 9.39 -7.08 -13.37
CA THR B 234 10.68 -6.48 -13.18
C THR B 234 10.57 -4.99 -13.09
N VAL B 235 9.77 -4.39 -13.98
CA VAL B 235 9.51 -2.98 -13.96
C VAL B 235 8.95 -2.56 -12.63
N VAL B 236 7.90 -3.26 -12.24
CA VAL B 236 7.11 -2.91 -11.09
C VAL B 236 7.80 -3.15 -9.72
N ALA B 237 8.43 -4.31 -9.56
CA ALA B 237 9.07 -4.60 -8.36
C ALA B 237 10.29 -3.64 -8.11
N THR B 238 10.97 -3.25 -9.19
CA THR B 238 12.13 -2.41 -9.07
C THR B 238 11.70 -1.05 -8.59
N ALA B 239 10.55 -0.61 -9.11
CA ALA B 239 10.06 0.72 -8.89
C ALA B 239 9.61 0.77 -7.45
N ALA B 240 8.86 -0.22 -7.04
CA ALA B 240 8.43 -0.33 -5.67
C ALA B 240 9.57 -0.41 -4.63
N ALA B 241 10.64 -1.14 -4.93
CA ALA B 241 11.83 -1.21 -4.10
C ALA B 241 12.61 0.10 -4.03
N ILE B 242 12.79 0.78 -5.16
CA ILE B 242 13.36 2.10 -5.16
C ILE B 242 12.64 2.97 -4.11
N LEU B 243 11.29 2.97 -4.15
CA LEU B 243 10.50 3.81 -3.27
C LEU B 243 10.60 3.27 -1.86
N GLY B 244 10.45 1.95 -1.72
CA GLY B 244 10.57 1.28 -0.41
C GLY B 244 11.84 1.75 0.31
N TRP B 245 12.98 1.56 -0.32
CA TRP B 245 14.25 1.92 0.25
C TRP B 245 14.35 3.42 0.54
N ILE B 246 13.97 4.22 -0.45
CA ILE B 246 14.07 5.68 -0.39
C ILE B 246 13.25 6.28 0.78
N PHE B 247 12.08 5.72 1.07
CA PHE B 247 11.22 6.19 2.14
C PHE B 247 11.80 5.74 3.46
N GLY B 248 12.32 4.51 3.50
CA GLY B 248 13.06 4.02 4.64
C GLY B 248 14.27 4.92 4.98
N GLU B 249 14.98 5.41 3.97
CA GLU B 249 16.23 6.14 4.15
C GLU B 249 15.98 7.57 4.60
N TRP B 250 14.99 8.19 3.98
CA TRP B 250 14.47 9.47 4.42
C TRP B 250 14.13 9.43 5.91
N ALA B 251 13.48 8.35 6.34
CA ALA B 251 13.10 8.20 7.73
C ALA B 251 14.34 8.04 8.58
N LEU B 252 15.14 7.02 8.28
CA LEU B 252 16.26 6.62 9.13
C LEU B 252 17.38 7.69 9.19
N ARG B 253 17.52 8.51 8.14
CA ARG B 253 18.62 9.50 8.09
C ARG B 253 18.22 10.94 7.77
N GLY B 254 16.93 11.23 7.57
CA GLY B 254 16.46 12.59 7.25
C GLY B 254 16.59 13.05 5.80
N LYS B 255 17.56 12.51 5.07
CA LYS B 255 17.76 12.80 3.65
C LYS B 255 17.74 11.47 2.86
N PRO B 256 17.20 11.47 1.64
CA PRO B 256 17.40 10.34 0.74
C PRO B 256 18.61 10.59 -0.16
N SER B 257 19.37 9.55 -0.46
CA SER B 257 20.56 9.66 -1.34
C SER B 257 20.49 8.89 -2.70
N LEU B 258 21.33 9.32 -3.64
CA LEU B 258 21.47 8.66 -4.95
C LEU B 258 21.86 7.18 -4.79
N LEU B 259 22.78 6.90 -3.89
CA LEU B 259 23.21 5.54 -3.61
C LEU B 259 22.05 4.67 -3.03
N GLY B 260 21.15 5.33 -2.31
CA GLY B 260 19.98 4.67 -1.76
C GLY B 260 18.97 4.31 -2.84
N ALA B 261 18.75 5.24 -3.76
CA ALA B 261 17.96 5.04 -4.93
C ALA B 261 18.47 3.85 -5.73
N CYS B 262 19.77 3.84 -6.04
CA CYS B 262 20.41 2.74 -6.77
C CYS B 262 20.31 1.42 -6.02
N SER B 263 20.45 1.45 -4.70
CA SER B 263 20.49 0.23 -3.89
C SER B 263 19.13 -0.39 -3.84
N GLY B 264 18.13 0.45 -3.79
CA GLY B 264 16.76 0.03 -3.80
C GLY B 264 16.43 -0.67 -5.11
N ALA B 265 16.88 -0.07 -6.20
CA ALA B 265 16.67 -0.61 -7.52
C ALA B 265 17.22 -2.03 -7.55
N ILE B 266 18.48 -2.16 -7.14
CA ILE B 266 19.14 -3.48 -7.06
C ILE B 266 18.35 -4.47 -6.17
N ALA B 267 17.72 -3.95 -5.11
CA ALA B 267 17.09 -4.79 -4.13
C ALA B 267 15.81 -5.40 -4.70
N GLY B 268 15.07 -4.60 -5.44
CA GLY B 268 13.85 -5.04 -6.08
C GLY B 268 14.15 -6.04 -7.18
N LEU B 269 15.20 -5.74 -7.95
CA LEU B 269 15.63 -6.62 -9.01
C LEU B 269 16.04 -7.96 -8.48
N VAL B 270 16.82 -7.95 -7.40
CA VAL B 270 17.23 -9.23 -6.76
C VAL B 270 16.03 -9.94 -6.18
N GLY B 271 15.22 -9.17 -5.46
CA GLY B 271 14.01 -9.74 -4.88
C GLY B 271 13.09 -10.36 -5.92
N VAL B 272 12.96 -9.74 -7.09
CA VAL B 272 11.99 -10.22 -8.09
C VAL B 272 12.53 -11.33 -8.98
N THR B 273 13.84 -11.55 -8.91
CA THR B 273 14.53 -12.53 -9.73
C THR B 273 13.94 -13.93 -9.64
N PRO B 274 13.72 -14.45 -8.42
CA PRO B 274 13.16 -15.78 -8.35
C PRO B 274 11.68 -15.88 -8.63
N ALA B 275 10.99 -14.76 -8.44
CA ALA B 275 9.55 -14.66 -8.48
C ALA B 275 8.96 -14.22 -9.82
N CYS B 276 9.77 -13.61 -10.67
CA CYS B 276 9.23 -12.78 -11.71
C CYS B 276 8.24 -13.46 -12.70
N GLY B 277 8.49 -14.70 -13.11
CA GLY B 277 7.59 -15.38 -14.02
C GLY B 277 6.55 -16.28 -13.39
N TYR B 278 6.37 -16.12 -12.10
CA TYR B 278 5.44 -16.98 -11.32
C TYR B 278 4.38 -16.19 -10.60
N ILE B 279 4.61 -14.88 -10.42
CA ILE B 279 3.71 -14.08 -9.64
C ILE B 279 3.02 -13.04 -10.46
N GLY B 280 1.90 -12.51 -9.93
CA GLY B 280 1.08 -11.49 -10.57
C GLY B 280 1.70 -10.14 -10.28
N VAL B 281 1.21 -9.10 -10.94
CA VAL B 281 1.80 -7.81 -10.79
C VAL B 281 1.60 -7.18 -9.38
N GLY B 282 0.47 -7.50 -8.75
CA GLY B 282 0.19 -7.09 -7.35
C GLY B 282 1.22 -7.71 -6.43
N GLY B 283 1.47 -8.99 -6.64
CA GLY B 283 2.56 -9.69 -5.99
C GLY B 283 3.91 -8.99 -6.13
N ALA B 284 4.20 -8.51 -7.34
CA ALA B 284 5.50 -7.92 -7.62
C ALA B 284 5.72 -6.57 -6.90
N LEU B 285 4.61 -5.81 -6.72
CA LEU B 285 4.61 -4.55 -6.03
C LEU B 285 4.91 -4.78 -4.58
N ILE B 286 4.31 -5.81 -4.02
CA ILE B 286 4.57 -6.22 -2.60
C ILE B 286 6.01 -6.71 -2.36
N ILE B 287 6.50 -7.53 -3.26
CA ILE B 287 7.78 -8.08 -3.14
C ILE B 287 8.84 -7.00 -3.20
N GLY B 288 8.60 -6.04 -4.10
CA GLY B 288 9.51 -4.98 -4.27
C GLY B 288 9.60 -4.20 -2.98
N VAL B 289 8.46 -3.81 -2.43
CA VAL B 289 8.40 -2.98 -1.21
C VAL B 289 9.15 -3.65 -0.10
N VAL B 290 8.85 -4.95 0.12
CA VAL B 290 9.47 -5.70 1.18
C VAL B 290 10.95 -5.87 0.92
N ALA B 291 11.29 -6.15 -0.33
CA ALA B 291 12.70 -6.37 -0.67
C ALA B 291 13.52 -5.08 -0.49
N GLY B 292 12.91 -3.95 -0.80
CA GLY B 292 13.56 -2.65 -0.66
C GLY B 292 13.84 -2.35 0.79
N LEU B 293 12.86 -2.60 1.65
CA LEU B 293 13.04 -2.43 3.10
C LEU B 293 14.00 -3.44 3.70
N ALA B 294 13.86 -4.71 3.34
CA ALA B 294 14.73 -5.76 3.84
C ALA B 294 16.19 -5.49 3.47
N GLY B 295 16.42 -4.96 2.27
CA GLY B 295 17.77 -4.58 1.87
C GLY B 295 18.29 -3.40 2.68
N LEU B 296 17.43 -2.44 2.99
CA LEU B 296 17.88 -1.29 3.76
C LEU B 296 18.25 -1.75 5.16
N TRP B 297 17.41 -2.60 5.74
CA TRP B 297 17.72 -3.32 6.97
C TRP B 297 19.08 -4.05 6.93
N GLY B 298 19.24 -4.96 5.99
CA GLY B 298 20.46 -5.73 5.76
C GLY B 298 21.75 -4.94 5.80
N VAL B 299 21.84 -3.87 5.00
CA VAL B 299 23.05 -3.02 5.01
C VAL B 299 23.24 -2.21 6.30
N THR B 300 22.15 -1.67 6.84
CA THR B 300 22.20 -0.94 8.09
C THR B 300 22.78 -1.77 9.20
N MET B 301 22.28 -2.99 9.37
CA MET B 301 22.95 -3.95 10.28
C MET B 301 24.47 -4.02 10.04
N LEU B 302 24.90 -4.52 8.86
CA LEU B 302 26.34 -4.64 8.56
C LEU B 302 27.14 -3.33 8.73
N ASP B 310 31.56 -0.38 3.29
CA ASP B 310 32.43 -1.44 2.77
C ASP B 310 31.70 -2.12 1.61
N PRO B 311 32.14 -1.88 0.35
CA PRO B 311 31.51 -2.53 -0.82
C PRO B 311 30.94 -3.97 -0.67
N CYS B 312 31.38 -4.72 0.36
CA CYS B 312 30.80 -6.04 0.68
C CYS B 312 29.45 -6.00 1.41
N ASP B 313 28.92 -4.81 1.60
CA ASP B 313 27.50 -4.60 1.88
C ASP B 313 26.61 -5.05 0.72
N VAL B 314 27.16 -4.96 -0.49
CA VAL B 314 26.49 -5.44 -1.68
C VAL B 314 26.06 -6.91 -1.49
N PHE B 315 26.87 -7.73 -0.87
CA PHE B 315 26.49 -9.11 -0.60
C PHE B 315 25.32 -9.22 0.39
N GLY B 316 25.23 -8.27 1.32
CA GLY B 316 24.12 -8.24 2.24
C GLY B 316 22.81 -8.17 1.48
N VAL B 317 22.73 -7.20 0.54
CA VAL B 317 21.56 -7.01 -0.28
C VAL B 317 21.28 -8.20 -1.18
N HIS B 318 22.27 -8.71 -1.89
CA HIS B 318 21.97 -9.91 -2.69
C HIS B 318 21.45 -11.07 -1.84
N GLY B 319 21.95 -11.19 -0.60
CA GLY B 319 21.65 -12.31 0.29
C GLY B 319 20.30 -12.17 0.93
N VAL B 320 20.07 -11.06 1.60
CA VAL B 320 18.80 -10.88 2.29
C VAL B 320 17.66 -10.82 1.24
N CYS B 321 17.83 -10.03 0.16
CA CYS B 321 16.81 -9.87 -0.87
C CYS B 321 16.57 -11.11 -1.71
N GLY B 322 17.62 -11.88 -1.90
CA GLY B 322 17.50 -13.22 -2.44
C GLY B 322 16.65 -14.15 -1.63
N ILE B 323 16.84 -14.12 -0.31
CA ILE B 323 16.11 -14.99 0.55
C ILE B 323 14.66 -14.51 0.57
N VAL B 324 14.48 -13.22 0.73
CA VAL B 324 13.13 -12.61 0.72
C VAL B 324 12.35 -13.05 -0.54
N GLY B 325 12.98 -12.93 -1.71
CA GLY B 325 12.36 -13.25 -2.97
C GLY B 325 12.05 -14.71 -3.22
N CYS B 326 12.91 -15.61 -2.74
CA CYS B 326 12.61 -17.04 -2.75
C CYS B 326 11.48 -17.42 -1.84
N ILE B 327 11.37 -16.75 -0.71
CA ILE B 327 10.30 -17.07 0.22
C ILE B 327 9.00 -16.60 -0.43
N MET B 328 9.01 -15.34 -0.86
CA MET B 328 7.79 -14.74 -1.33
C MET B 328 7.29 -15.42 -2.65
N THR B 329 8.20 -16.00 -3.43
CA THR B 329 7.79 -16.74 -4.60
C THR B 329 6.86 -17.90 -4.18
N GLY B 330 7.11 -18.51 -3.03
CA GLY B 330 6.32 -19.64 -2.52
C GLY B 330 4.95 -19.25 -2.03
N ILE B 331 4.78 -17.99 -1.70
CA ILE B 331 3.47 -17.41 -1.34
C ILE B 331 2.69 -16.95 -2.58
N PHE B 332 3.31 -16.07 -3.36
CA PHE B 332 2.60 -15.26 -4.37
C PHE B 332 2.46 -15.99 -5.69
N ALA B 333 3.08 -17.15 -5.82
CA ALA B 333 2.87 -18.03 -6.93
C ALA B 333 1.48 -18.65 -6.87
N ALA B 334 0.82 -18.57 -5.73
CA ALA B 334 -0.55 -19.08 -5.55
C ALA B 334 -1.56 -18.29 -6.39
N SER B 335 -2.49 -19.01 -6.99
CA SER B 335 -3.38 -18.43 -8.02
C SER B 335 -4.34 -17.50 -7.34
N SER B 336 -4.68 -17.81 -6.11
CA SER B 336 -5.55 -16.95 -5.36
C SER B 336 -4.87 -15.62 -5.01
N LEU B 337 -3.53 -15.54 -5.09
CA LEU B 337 -2.83 -14.26 -4.90
C LEU B 337 -2.39 -13.65 -6.20
N GLY B 338 -2.88 -14.18 -7.32
CA GLY B 338 -2.55 -13.56 -8.61
C GLY B 338 -1.42 -14.21 -9.36
N GLY B 339 -0.76 -15.17 -8.77
CA GLY B 339 0.29 -15.90 -9.48
C GLY B 339 -0.18 -16.93 -10.51
N VAL B 340 0.76 -17.64 -11.12
CA VAL B 340 0.43 -18.60 -12.17
C VAL B 340 -0.15 -19.93 -11.67
N GLY B 341 -0.02 -20.14 -10.38
CA GLY B 341 -0.44 -21.35 -9.75
C GLY B 341 0.66 -22.34 -9.43
N PHE B 342 0.56 -22.99 -8.28
CA PHE B 342 1.46 -24.08 -7.94
C PHE B 342 1.14 -25.25 -8.87
N ALA B 343 2.11 -26.18 -9.00
CA ALA B 343 1.91 -27.48 -9.64
C ALA B 343 0.76 -28.30 -8.99
N GLU B 344 0.18 -29.23 -9.73
CA GLU B 344 -1.01 -30.00 -9.26
C GLU B 344 -0.78 -30.69 -7.90
N GLY B 345 -1.73 -30.51 -6.98
CA GLY B 345 -1.62 -31.05 -5.61
C GLY B 345 -0.61 -30.42 -4.62
N VAL B 346 0.02 -29.30 -4.98
CA VAL B 346 0.98 -28.62 -4.12
C VAL B 346 0.28 -27.53 -3.31
N THR B 347 0.50 -27.51 -1.99
CA THR B 347 -0.09 -26.51 -1.15
C THR B 347 0.95 -25.39 -0.91
N MET B 348 0.49 -24.22 -0.53
CA MET B 348 1.41 -23.17 -0.22
C MET B 348 2.42 -23.59 0.82
N GLY B 349 1.96 -24.35 1.82
CA GLY B 349 2.80 -24.73 2.99
C GLY B 349 3.90 -25.65 2.56
N HIS B 350 3.54 -26.67 1.77
CA HIS B 350 4.54 -27.55 1.13
C HIS B 350 5.47 -26.70 0.31
N GLN B 351 4.95 -25.81 -0.51
CA GLN B 351 5.85 -25.11 -1.40
C GLN B 351 6.82 -24.21 -0.61
N LEU B 352 6.36 -23.58 0.47
CA LEU B 352 7.23 -22.76 1.29
C LEU B 352 8.31 -23.58 1.93
N LEU B 353 7.99 -24.83 2.20
CA LEU B 353 8.93 -25.71 2.85
C LEU B 353 10.06 -25.99 1.89
N VAL B 354 9.70 -26.35 0.65
CA VAL B 354 10.68 -26.52 -0.44
C VAL B 354 11.54 -25.27 -0.71
N GLN B 355 10.95 -24.09 -0.63
CA GLN B 355 11.71 -22.87 -0.84
C GLN B 355 12.76 -22.68 0.23
N LEU B 356 12.35 -22.89 1.48
CA LEU B 356 13.27 -22.89 2.64
C LEU B 356 14.39 -23.93 2.51
N GLU B 357 14.04 -25.16 2.14
CA GLU B 357 15.05 -26.22 1.99
C GLU B 357 16.07 -25.79 0.92
N SER B 358 15.57 -25.19 -0.17
CA SER B 358 16.39 -24.74 -1.25
C SER B 358 17.36 -23.64 -0.84
N ILE B 359 16.85 -22.70 -0.08
CA ILE B 359 17.67 -21.62 0.44
C ILE B 359 18.77 -22.16 1.31
N ALA B 360 18.38 -23.06 2.21
CA ALA B 360 19.25 -23.59 3.24
C ALA B 360 20.44 -24.35 2.63
N ILE B 361 20.11 -25.26 1.72
CA ILE B 361 21.09 -26.05 0.99
C ILE B 361 22.05 -25.16 0.20
N THR B 362 21.49 -24.14 -0.46
CA THR B 362 22.29 -23.21 -1.23
C THR B 362 23.32 -22.48 -0.35
N ILE B 363 22.87 -22.04 0.81
CA ILE B 363 23.75 -21.31 1.72
C ILE B 363 24.91 -22.20 2.22
N VAL B 364 24.58 -23.39 2.72
CA VAL B 364 25.58 -24.31 3.22
C VAL B 364 26.54 -24.69 2.11
N TRP B 365 26.00 -25.29 1.04
CA TRP B 365 26.84 -25.70 -0.10
C TRP B 365 27.85 -24.64 -0.58
N SER B 366 27.44 -23.38 -0.69
CA SER B 366 28.27 -22.34 -1.23
C SER B 366 29.22 -21.81 -0.15
N GLY B 367 28.73 -21.73 1.11
CA GLY B 367 29.59 -21.48 2.28
C GLY B 367 30.77 -22.46 2.38
N VAL B 368 30.48 -23.75 2.24
CA VAL B 368 31.49 -24.81 2.34
C VAL B 368 32.45 -24.73 1.16
N VAL B 369 31.91 -24.61 -0.06
CA VAL B 369 32.76 -24.56 -1.27
C VAL B 369 33.59 -23.26 -1.33
N ALA B 370 33.00 -22.14 -0.97
CA ALA B 370 33.77 -20.88 -0.88
C ALA B 370 34.91 -21.00 0.12
N PHE B 371 34.63 -21.61 1.27
CA PHE B 371 35.66 -21.84 2.29
C PHE B 371 36.82 -22.63 1.70
N ILE B 372 36.51 -23.78 1.13
CA ILE B 372 37.49 -24.64 0.47
C ILE B 372 38.29 -23.91 -0.59
N GLY B 373 37.63 -23.05 -1.36
CA GLY B 373 38.32 -22.35 -2.44
C GLY B 373 39.27 -21.31 -1.91
N TYR B 374 38.81 -20.52 -0.95
CA TYR B 374 39.68 -19.48 -0.37
C TYR B 374 40.89 -20.10 0.32
N LYS B 375 40.69 -21.20 1.06
CA LYS B 375 41.76 -21.83 1.82
C LYS B 375 42.78 -22.38 0.87
N LEU B 376 42.34 -23.20 -0.07
CA LEU B 376 43.23 -23.66 -1.15
C LEU B 376 44.03 -22.52 -1.77
N ALA B 377 43.40 -21.36 -1.97
CA ALA B 377 44.13 -20.18 -2.44
C ALA B 377 45.10 -19.64 -1.36
N ASP B 378 44.66 -19.62 -0.10
CA ASP B 378 45.46 -19.05 0.98
C ASP B 378 46.73 -19.86 1.13
N LEU B 379 46.57 -21.18 1.17
CA LEU B 379 47.67 -22.10 1.41
C LEU B 379 48.58 -22.20 0.20
N THR B 380 48.16 -21.69 -0.97
CA THR B 380 48.92 -21.84 -2.24
C THR B 380 49.65 -20.53 -2.59
N VAL B 381 48.93 -19.42 -2.53
CA VAL B 381 49.50 -18.12 -2.83
C VAL B 381 49.30 -17.08 -1.75
N GLY B 382 48.55 -17.43 -0.72
CA GLY B 382 48.06 -16.46 0.25
C GLY B 382 47.09 -15.39 -0.26
N LEU B 383 46.24 -14.90 0.64
CA LEU B 383 45.16 -13.97 0.29
C LEU B 383 45.51 -12.48 0.39
N ARG B 384 46.72 -12.12 0.79
CA ARG B 384 46.97 -10.74 1.15
C ARG B 384 47.65 -10.00 -0.03
N VAL B 385 47.69 -8.66 0.02
CA VAL B 385 48.61 -7.88 -0.82
C VAL B 385 48.20 -8.07 -2.27
N GLY C 1 7.65 -18.50 -55.96
CA GLY C 1 6.85 -17.27 -55.78
C GLY C 1 7.71 -16.18 -55.18
N ALA C 2 7.02 -15.09 -54.81
CA ALA C 2 7.65 -13.92 -54.19
C ALA C 2 8.26 -14.27 -52.85
N SER C 3 9.39 -13.63 -52.56
CA SER C 3 9.96 -13.64 -51.22
C SER C 3 9.01 -12.95 -50.24
N VAL C 4 8.87 -13.59 -49.08
CA VAL C 4 8.01 -13.13 -47.96
C VAL C 4 8.95 -12.86 -46.77
N ALA C 5 8.74 -11.80 -46.02
CA ALA C 5 9.65 -11.51 -44.94
C ALA C 5 9.16 -12.35 -43.78
N ASP C 6 10.08 -12.89 -43.01
CA ASP C 6 9.76 -13.51 -41.77
C ASP C 6 9.94 -12.44 -40.65
N LYS C 7 8.91 -12.29 -39.84
CA LYS C 7 8.90 -11.26 -38.85
C LYS C 7 9.91 -11.41 -37.74
N ALA C 8 10.33 -12.64 -37.48
CA ALA C 8 11.30 -12.88 -36.52
C ALA C 8 12.63 -12.36 -37.02
N ASP C 9 12.90 -12.58 -38.28
CA ASP C 9 14.12 -12.15 -38.87
C ASP C 9 14.11 -10.61 -38.96
N ASN C 10 12.96 -9.99 -39.23
CA ASN C 10 12.92 -8.55 -39.28
C ASN C 10 13.30 -7.97 -37.91
N ALA C 11 12.68 -8.51 -36.87
CA ALA C 11 12.89 -8.13 -35.50
C ALA C 11 14.33 -8.23 -35.12
N PHE C 12 14.90 -9.40 -35.40
CA PHE C 12 16.26 -9.66 -35.08
C PHE C 12 17.18 -8.64 -35.72
N MET C 13 16.95 -8.38 -36.99
CA MET C 13 17.85 -7.59 -37.72
C MET C 13 17.75 -6.11 -37.41
N MET C 14 16.56 -5.66 -37.00
CA MET C 14 16.40 -4.28 -36.61
C MET C 14 17.15 -4.07 -35.30
N ILE C 15 17.03 -4.99 -34.37
CA ILE C 15 17.77 -4.89 -33.11
C ILE C 15 19.29 -5.05 -33.32
N CYS C 16 19.71 -5.98 -34.17
CA CYS C 16 21.11 -6.04 -34.55
C CYS C 16 21.61 -4.73 -35.13
N THR C 17 20.77 -4.09 -35.96
CA THR C 17 21.17 -2.86 -36.58
C THR C 17 21.42 -1.78 -35.51
N ALA C 18 20.51 -1.69 -34.56
CA ALA C 18 20.60 -0.70 -33.55
C ALA C 18 21.92 -0.91 -32.79
N LEU C 19 22.26 -2.18 -32.59
CA LEU C 19 23.41 -2.57 -31.80
C LEU C 19 24.70 -2.14 -32.52
N VAL C 20 24.70 -2.25 -33.84
CA VAL C 20 25.85 -1.82 -34.63
C VAL C 20 25.93 -0.27 -34.70
N LEU C 21 24.76 0.44 -34.74
CA LEU C 21 24.78 1.89 -34.58
C LEU C 21 25.38 2.35 -33.22
N PHE C 22 24.99 1.63 -32.17
CA PHE C 22 25.51 1.76 -30.82
C PHE C 22 27.05 1.71 -30.76
N MET C 23 27.66 0.89 -31.60
CA MET C 23 29.08 0.70 -31.51
C MET C 23 29.84 1.92 -32.08
N THR C 24 29.16 2.75 -32.87
CA THR C 24 29.70 4.04 -33.27
C THR C 24 29.31 5.16 -32.29
N ILE C 25 28.01 5.24 -32.00
CA ILE C 25 27.41 6.25 -31.17
C ILE C 25 26.84 5.55 -29.95
N PRO C 26 27.62 5.49 -28.83
CA PRO C 26 28.89 6.15 -28.55
C PRO C 26 30.14 5.28 -28.49
N GLY C 27 30.00 3.99 -28.73
CA GLY C 27 31.10 3.05 -28.58
C GLY C 27 32.50 3.50 -29.00
N ILE C 28 32.67 3.77 -30.28
CA ILE C 28 33.97 4.09 -30.81
C ILE C 28 34.41 5.49 -30.30
N ALA C 29 33.42 6.36 -30.11
CA ALA C 29 33.72 7.71 -29.68
C ALA C 29 34.31 7.70 -28.26
N LEU C 30 33.74 6.90 -27.37
CA LEU C 30 34.26 6.76 -26.01
C LEU C 30 35.59 6.02 -25.95
N PHE C 31 35.78 5.07 -26.85
CA PHE C 31 37.03 4.33 -26.93
C PHE C 31 38.18 5.30 -27.24
N TYR C 32 38.02 6.08 -28.32
CA TYR C 32 39.05 7.03 -28.68
C TYR C 32 39.08 8.18 -27.69
N GLY C 33 37.94 8.57 -27.15
CA GLY C 33 37.85 9.63 -26.17
C GLY C 33 38.79 9.49 -24.98
N GLY C 34 38.96 8.28 -24.47
CA GLY C 34 39.88 8.05 -23.36
C GLY C 34 41.32 7.75 -23.76
N LEU C 35 41.54 7.53 -25.05
CA LEU C 35 42.86 7.27 -25.56
C LEU C 35 43.61 8.57 -25.89
N ILE C 36 42.93 9.54 -26.51
CA ILE C 36 43.61 10.69 -27.09
C ILE C 36 43.83 11.75 -26.01
N ARG C 37 44.61 12.79 -26.30
CA ARG C 37 44.88 13.85 -25.30
C ARG C 37 43.60 14.65 -25.02
N GLY C 38 43.31 14.89 -23.73
CA GLY C 38 42.12 15.66 -23.29
C GLY C 38 41.74 16.94 -24.03
N LYS C 39 42.75 17.72 -24.45
CA LYS C 39 42.55 19.00 -25.17
C LYS C 39 41.88 18.74 -26.54
N ASN C 40 41.91 17.48 -27.01
CA ASN C 40 41.37 17.09 -28.31
C ASN C 40 40.01 16.34 -28.29
N VAL C 41 39.44 16.08 -27.13
CA VAL C 41 38.32 15.13 -27.02
C VAL C 41 37.04 15.72 -27.63
N LEU C 42 36.70 16.91 -27.16
CA LEU C 42 35.49 17.60 -27.59
C LEU C 42 35.40 17.69 -29.12
N SER C 43 36.54 17.97 -29.75
CA SER C 43 36.60 18.12 -31.18
C SER C 43 36.57 16.77 -31.94
N MET C 44 37.19 15.74 -31.36
CA MET C 44 37.09 14.38 -31.86
C MET C 44 35.62 13.86 -31.84
N LEU C 45 34.94 14.08 -30.72
CA LEU C 45 33.54 13.63 -30.56
C LEU C 45 32.62 14.30 -31.58
N THR C 46 32.94 15.54 -31.89
CA THR C 46 32.17 16.33 -32.85
C THR C 46 32.39 15.84 -34.24
N GLN C 47 33.61 15.45 -34.53
CA GLN C 47 33.92 15.02 -35.87
C GLN C 47 33.41 13.60 -36.17
N VAL C 48 33.27 12.78 -35.12
CA VAL C 48 32.79 11.40 -35.27
C VAL C 48 31.29 11.45 -35.42
N THR C 49 30.66 12.36 -34.66
CA THR C 49 29.25 12.61 -34.80
C THR C 49 28.86 13.15 -36.18
N VAL C 50 29.62 14.12 -36.70
CA VAL C 50 29.28 14.79 -37.94
C VAL C 50 29.50 13.91 -39.17
N THR C 51 30.59 13.15 -39.15
CA THR C 51 30.88 12.23 -40.24
C THR C 51 30.00 11.01 -40.21
N PHE C 52 29.57 10.62 -39.04
CA PHE C 52 28.53 9.61 -38.88
C PHE C 52 27.25 10.06 -39.61
N ALA C 53 26.81 11.27 -39.29
CA ALA C 53 25.69 11.86 -40.01
C ALA C 53 25.88 11.89 -41.51
N LEU C 54 27.05 12.31 -41.94
CA LEU C 54 27.39 12.37 -43.35
C LEU C 54 27.32 11.02 -44.01
N VAL C 55 27.83 10.00 -43.33
CA VAL C 55 27.79 8.65 -43.90
C VAL C 55 26.39 8.13 -44.05
N CYS C 56 25.55 8.38 -43.05
CA CYS C 56 24.13 8.01 -43.11
C CYS C 56 23.47 8.64 -44.31
N ILE C 57 23.76 9.90 -44.59
CA ILE C 57 23.12 10.55 -45.75
C ILE C 57 23.62 9.94 -47.07
N LEU C 58 24.93 9.79 -47.21
CA LEU C 58 25.49 9.33 -48.46
C LEU C 58 25.01 7.89 -48.75
N TRP C 59 24.83 7.11 -47.69
CA TRP C 59 24.37 5.73 -47.78
C TRP C 59 23.00 5.62 -48.42
N VAL C 60 22.02 6.35 -47.90
CA VAL C 60 20.69 6.34 -48.54
C VAL C 60 20.59 7.09 -49.89
N VAL C 61 21.38 8.17 -50.07
CA VAL C 61 21.37 8.84 -51.37
C VAL C 61 21.79 7.94 -52.53
N TYR C 62 23.03 7.47 -52.50
CA TYR C 62 23.58 6.59 -53.53
C TYR C 62 24.37 5.36 -53.01
N GLY C 63 24.82 5.37 -51.76
CA GLY C 63 25.84 4.40 -51.26
C GLY C 63 25.37 2.96 -51.18
N TYR C 64 24.16 2.75 -50.69
CA TYR C 64 23.59 1.43 -50.67
C TYR C 64 23.50 0.85 -52.10
N SER C 65 22.98 1.62 -53.03
CA SER C 65 22.80 1.23 -54.44
C SER C 65 24.15 0.86 -55.11
N LEU C 66 25.18 1.67 -54.86
CA LEU C 66 26.46 1.47 -55.50
C LEU C 66 27.21 0.27 -54.89
N ALA C 67 26.85 -0.10 -53.66
CA ALA C 67 27.44 -1.21 -52.99
C ALA C 67 26.66 -2.48 -53.27
N PHE C 68 25.33 -2.42 -53.23
CA PHE C 68 24.53 -3.67 -53.35
C PHE C 68 23.67 -3.86 -54.58
N GLY C 69 23.54 -2.86 -55.42
CA GLY C 69 22.78 -2.97 -56.71
C GLY C 69 23.55 -3.80 -57.74
N GLU C 70 22.85 -4.29 -58.77
CA GLU C 70 23.53 -4.99 -59.86
C GLU C 70 24.46 -4.04 -60.59
N GLY C 71 25.66 -4.51 -60.84
CA GLY C 71 26.62 -3.71 -61.53
C GLY C 71 27.58 -4.61 -62.25
N ASN C 72 28.86 -4.40 -62.01
CA ASN C 72 29.88 -5.28 -62.56
C ASN C 72 30.54 -6.05 -61.38
N ASN C 73 31.75 -6.56 -61.58
CA ASN C 73 32.49 -7.20 -60.50
C ASN C 73 32.95 -6.25 -59.39
N PHE C 74 32.92 -4.94 -59.65
CA PHE C 74 33.50 -3.95 -58.71
C PHE C 74 32.54 -2.95 -58.06
N PHE C 75 31.56 -2.49 -58.82
CA PHE C 75 30.58 -1.50 -58.36
C PHE C 75 29.16 -1.95 -58.70
N GLY C 76 28.22 -1.43 -57.94
CA GLY C 76 26.77 -1.65 -58.21
C GLY C 76 26.30 -0.61 -59.18
N ASN C 77 25.28 0.17 -58.82
CA ASN C 77 24.80 1.22 -59.76
C ASN C 77 24.19 2.38 -58.94
N ILE C 78 23.96 3.50 -59.61
CA ILE C 78 23.29 4.68 -59.04
C ILE C 78 22.19 5.06 -60.00
N ASN C 79 21.45 4.06 -60.49
CA ASN C 79 20.34 4.30 -61.41
C ASN C 79 19.21 5.00 -60.67
N TRP C 80 19.13 4.80 -59.36
CA TRP C 80 18.05 5.36 -58.56
C TRP C 80 18.64 5.94 -57.26
N LEU C 81 18.27 7.17 -56.97
CA LEU C 81 18.72 7.77 -55.74
C LEU C 81 17.66 7.56 -54.66
N MET C 82 18.11 7.61 -53.41
CA MET C 82 17.19 7.69 -52.25
C MET C 82 16.28 6.49 -52.12
N LEU C 83 16.78 5.30 -52.45
CA LEU C 83 16.03 4.06 -52.32
C LEU C 83 14.77 3.99 -53.15
N LYS C 84 14.72 4.78 -54.22
CA LYS C 84 13.53 4.93 -55.02
C LYS C 84 13.08 3.64 -55.73
N ASN C 85 13.99 2.83 -56.22
CA ASN C 85 13.65 1.49 -56.81
C ASN C 85 13.20 0.44 -55.80
N ILE C 86 13.17 0.80 -54.52
CA ILE C 86 12.89 -0.19 -53.48
C ILE C 86 11.52 0.04 -52.90
N GLU C 87 10.57 -0.82 -53.23
CA GLU C 87 9.27 -0.76 -52.60
C GLU C 87 9.38 -1.05 -51.13
N LEU C 88 8.49 -0.48 -50.36
CA LEU C 88 8.53 -0.58 -48.97
C LEU C 88 8.43 -2.04 -48.54
N THR C 89 7.60 -2.81 -49.26
CA THR C 89 7.45 -4.24 -49.01
C THR C 89 8.47 -5.14 -49.71
N ALA C 90 9.46 -4.59 -50.39
CA ALA C 90 10.43 -5.46 -51.06
C ALA C 90 11.19 -6.24 -49.96
N VAL C 91 11.52 -7.49 -50.28
CA VAL C 91 12.18 -8.43 -49.42
C VAL C 91 13.54 -8.82 -49.98
N MET C 92 14.57 -8.83 -49.13
CA MET C 92 15.94 -9.22 -49.49
C MET C 92 16.34 -10.34 -48.50
N GLY C 93 16.51 -11.54 -49.02
CA GLY C 93 16.69 -12.73 -48.19
C GLY C 93 15.38 -13.06 -47.50
N SER C 94 15.34 -13.01 -46.14
CA SER C 94 14.09 -13.15 -45.37
C SER C 94 13.67 -11.92 -44.61
N ILE C 95 14.16 -10.76 -44.98
CA ILE C 95 13.78 -9.53 -44.28
C ILE C 95 13.35 -8.41 -45.27
N TYR C 96 12.63 -7.41 -44.77
CA TYR C 96 12.35 -6.24 -45.63
C TYR C 96 13.64 -5.54 -45.99
N GLN C 97 13.72 -5.04 -47.24
CA GLN C 97 14.98 -4.66 -47.76
C GLN C 97 15.42 -3.38 -47.09
N TYR C 98 14.47 -2.59 -46.61
CA TYR C 98 14.80 -1.39 -45.87
C TYR C 98 15.63 -1.67 -44.63
N ILE C 99 15.37 -2.83 -44.00
CA ILE C 99 16.19 -3.30 -42.87
C ILE C 99 17.61 -3.66 -43.30
N HIS C 100 17.75 -4.34 -44.42
CA HIS C 100 19.05 -4.58 -45.04
C HIS C 100 19.81 -3.28 -45.34
N VAL C 101 19.08 -2.23 -45.74
CA VAL C 101 19.67 -0.94 -46.02
C VAL C 101 20.28 -0.31 -44.76
N ALA C 102 19.52 -0.29 -43.68
CA ALA C 102 19.98 0.18 -42.38
C ALA C 102 21.10 -0.70 -41.83
N PHE C 103 20.95 -2.00 -41.90
CA PHE C 103 22.01 -2.85 -41.35
C PHE C 103 23.32 -2.51 -42.03
N GLN C 104 23.34 -2.52 -43.34
CA GLN C 104 24.59 -2.36 -44.06
C GLN C 104 25.17 -0.92 -43.95
N GLY C 105 24.27 0.04 -43.73
CA GLY C 105 24.58 1.44 -43.51
C GLY C 105 25.23 1.66 -42.18
N SER C 106 24.81 0.89 -41.17
CA SER C 106 25.50 0.89 -39.92
C SER C 106 26.95 0.33 -39.98
N PHE C 107 27.24 -0.51 -40.94
CA PHE C 107 28.57 -1.02 -41.16
C PHE C 107 29.48 0.01 -41.78
N ALA C 108 28.97 0.80 -42.71
CA ALA C 108 29.77 1.84 -43.28
C ALA C 108 30.14 2.82 -42.16
N CYS C 109 29.19 3.03 -41.26
CA CYS C 109 29.32 4.03 -40.21
C CYS C 109 30.43 3.70 -39.22
N ILE C 110 30.44 2.46 -38.70
CA ILE C 110 31.46 2.07 -37.73
C ILE C 110 32.80 2.06 -38.41
N THR C 111 32.83 1.69 -39.68
CA THR C 111 34.09 1.57 -40.41
C THR C 111 34.74 2.96 -40.46
N VAL C 112 33.95 3.93 -40.86
CA VAL C 112 34.36 5.32 -40.96
C VAL C 112 34.65 5.92 -39.58
N GLY C 113 33.81 5.61 -38.60
CA GLY C 113 34.10 6.00 -37.21
C GLY C 113 35.48 5.60 -36.66
N LEU C 114 35.89 4.39 -37.00
CA LEU C 114 37.16 3.84 -36.65
C LEU C 114 38.36 4.66 -37.17
N ILE C 115 38.27 5.07 -38.44
CA ILE C 115 39.28 5.89 -39.07
C ILE C 115 39.24 7.33 -38.51
N VAL C 116 38.04 7.92 -38.44
CA VAL C 116 37.84 9.31 -38.06
C VAL C 116 38.22 9.60 -36.62
N GLY C 117 37.97 8.65 -35.71
CA GLY C 117 38.31 8.85 -34.35
C GLY C 117 39.82 8.91 -34.10
N ALA C 118 40.60 8.22 -34.93
CA ALA C 118 42.03 8.21 -34.81
C ALA C 118 42.68 9.47 -35.45
N LEU C 119 42.17 9.88 -36.62
CA LEU C 119 42.67 11.04 -37.36
C LEU C 119 42.14 12.42 -36.93
N ALA C 120 41.19 12.47 -36.03
CA ALA C 120 40.65 13.74 -35.57
C ALA C 120 41.72 14.58 -34.85
N GLU C 121 41.70 15.90 -35.12
CA GLU C 121 42.71 16.84 -34.60
C GLU C 121 44.15 16.34 -34.80
N ARG C 122 44.38 15.75 -35.97
CA ARG C 122 45.71 15.51 -36.50
C ARG C 122 45.71 16.08 -37.90
N ILE C 123 44.71 15.65 -38.65
CA ILE C 123 44.42 16.20 -39.95
C ILE C 123 43.22 17.13 -39.73
N ARG C 124 43.23 18.24 -40.45
CA ARG C 124 42.14 19.20 -40.32
C ARG C 124 40.80 18.58 -40.78
N PHE C 125 39.72 19.17 -40.27
CA PHE C 125 38.40 18.59 -40.39
C PHE C 125 37.94 18.56 -41.84
N SER C 126 38.14 19.70 -42.50
CA SER C 126 37.93 19.81 -43.93
C SER C 126 38.48 18.62 -44.66
N ALA C 127 39.73 18.28 -44.35
CA ALA C 127 40.41 17.19 -45.03
C ALA C 127 39.86 15.79 -44.68
N VAL C 128 39.37 15.62 -43.44
CA VAL C 128 38.70 14.39 -43.03
C VAL C 128 37.44 14.17 -43.86
N LEU C 129 36.65 15.25 -44.04
CA LEU C 129 35.43 15.20 -44.85
C LEU C 129 35.63 14.86 -46.31
N ILE C 130 36.68 15.37 -46.92
CA ILE C 130 37.00 15.03 -48.31
C ILE C 130 37.50 13.60 -48.37
N PHE C 131 38.29 13.21 -47.38
CA PHE C 131 38.81 11.84 -47.35
C PHE C 131 37.65 10.81 -47.26
N VAL C 132 36.73 11.08 -46.34
CA VAL C 132 35.58 10.22 -46.08
C VAL C 132 34.74 9.99 -47.33
N VAL C 133 34.40 11.08 -48.02
CA VAL C 133 33.60 10.99 -49.26
C VAL C 133 34.30 10.17 -50.31
N VAL C 134 35.58 10.45 -50.48
CA VAL C 134 36.36 9.77 -51.52
C VAL C 134 36.47 8.27 -51.23
N TRP C 135 36.91 7.98 -50.02
CA TRP C 135 37.26 6.63 -49.59
C TRP C 135 36.02 5.70 -49.33
N LEU C 136 34.93 6.26 -48.85
CA LEU C 136 33.69 5.53 -48.76
C LEU C 136 33.21 5.13 -50.17
N THR C 137 33.23 6.09 -51.07
CA THR C 137 32.65 5.93 -52.37
C THR C 137 33.49 5.00 -53.21
N LEU C 138 34.81 5.09 -53.03
CA LEU C 138 35.70 4.41 -53.95
C LEU C 138 36.50 3.28 -53.31
N SER C 139 36.40 3.11 -51.99
CA SER C 139 37.00 1.95 -51.35
C SER C 139 35.99 1.09 -50.61
N TYR C 140 35.27 1.68 -49.65
CA TYR C 140 34.34 0.90 -48.82
C TYR C 140 33.30 0.26 -49.77
N ILE C 141 32.68 1.07 -50.61
CA ILE C 141 31.56 0.68 -51.42
C ILE C 141 31.87 -0.41 -52.45
N PRO C 142 32.92 -0.25 -53.25
CA PRO C 142 33.28 -1.35 -54.14
C PRO C 142 33.78 -2.59 -53.43
N ILE C 143 34.52 -2.44 -52.34
CA ILE C 143 34.96 -3.62 -51.57
C ILE C 143 33.78 -4.38 -50.97
N ALA C 144 32.78 -3.67 -50.44
CA ALA C 144 31.53 -4.32 -50.03
C ALA C 144 30.86 -5.00 -51.23
N HIS C 145 30.94 -4.39 -52.40
CA HIS C 145 30.27 -4.96 -53.57
C HIS C 145 30.93 -6.26 -53.93
N MET C 146 32.26 -6.22 -53.92
CA MET C 146 33.11 -7.34 -54.32
C MET C 146 32.86 -8.55 -53.40
N VAL C 147 32.69 -8.31 -52.09
CA VAL C 147 32.60 -9.34 -51.07
C VAL C 147 31.13 -9.79 -50.76
N TRP C 148 30.22 -8.83 -50.59
CA TRP C 148 28.85 -9.12 -50.21
C TRP C 148 27.79 -8.75 -51.27
N GLY C 149 28.17 -8.07 -52.35
CA GLY C 149 27.26 -7.65 -53.40
C GLY C 149 27.38 -8.40 -54.73
N GLY C 150 27.93 -9.60 -54.71
CA GLY C 150 27.97 -10.46 -55.90
C GLY C 150 29.11 -10.16 -56.84
N GLY C 151 30.04 -9.29 -56.43
CA GLY C 151 31.16 -8.95 -57.28
C GLY C 151 32.27 -10.00 -57.27
N LEU C 152 33.51 -9.51 -57.44
CA LEU C 152 34.63 -10.37 -57.81
C LEU C 152 34.97 -11.43 -56.76
N LEU C 153 35.16 -10.99 -55.51
CA LEU C 153 35.61 -11.90 -54.46
C LEU C 153 34.53 -12.91 -54.07
N ALA C 154 33.31 -12.47 -53.95
CA ALA C 154 32.17 -13.38 -53.76
C ALA C 154 32.03 -14.47 -54.85
N SER C 155 32.28 -14.13 -56.11
CA SER C 155 32.17 -15.09 -57.19
C SER C 155 33.31 -16.11 -57.22
N HIS C 156 34.41 -15.82 -56.55
CA HIS C 156 35.44 -16.82 -56.34
C HIS C 156 35.27 -17.54 -54.98
N GLY C 157 34.14 -17.34 -54.28
CA GLY C 157 33.90 -18.03 -53.02
C GLY C 157 34.73 -17.54 -51.83
N ALA C 158 35.13 -16.26 -51.82
CA ALA C 158 35.82 -15.69 -50.63
C ALA C 158 34.91 -15.73 -49.43
N LEU C 159 35.50 -16.10 -48.30
CA LEU C 159 34.79 -16.27 -47.10
C LEU C 159 35.13 -15.08 -46.21
N ASP C 160 34.10 -14.34 -45.84
CA ASP C 160 34.25 -13.23 -44.96
C ASP C 160 32.89 -12.91 -44.44
N PHE C 161 32.56 -13.49 -43.29
CA PHE C 161 31.21 -13.48 -42.78
C PHE C 161 30.66 -12.13 -42.44
N ALA C 162 31.48 -11.39 -41.68
CA ALA C 162 31.08 -10.08 -41.24
C ALA C 162 32.11 -8.94 -41.40
N GLY C 163 33.21 -9.15 -42.17
CA GLY C 163 33.98 -8.04 -42.67
C GLY C 163 35.44 -7.84 -42.22
N GLY C 164 36.19 -8.93 -42.18
CA GLY C 164 37.58 -8.86 -41.98
C GLY C 164 38.22 -8.04 -43.09
N THR C 165 37.74 -8.19 -44.31
CA THR C 165 38.33 -7.41 -45.44
C THR C 165 37.65 -6.07 -45.56
N VAL C 166 36.33 -6.13 -45.73
CA VAL C 166 35.45 -4.95 -45.94
C VAL C 166 35.57 -3.86 -44.88
N VAL C 167 35.61 -4.27 -43.63
CA VAL C 167 35.65 -3.35 -42.55
C VAL C 167 37.11 -3.21 -42.07
N HIS C 168 37.71 -4.31 -41.59
CA HIS C 168 38.91 -4.26 -40.77
C HIS C 168 40.22 -4.01 -41.51
N ILE C 169 40.56 -4.87 -42.47
CA ILE C 169 41.73 -4.64 -43.30
C ILE C 169 41.58 -3.35 -44.08
N ASN C 170 40.39 -3.13 -44.65
CA ASN C 170 40.09 -1.94 -45.42
C ASN C 170 40.39 -0.66 -44.63
N ALA C 171 39.83 -0.57 -43.41
CA ALA C 171 40.02 0.60 -42.55
C ALA C 171 41.43 0.69 -41.98
N ALA C 172 42.04 -0.45 -41.66
CA ALA C 172 43.38 -0.47 -41.12
C ALA C 172 44.37 0.20 -42.09
N ILE C 173 44.25 -0.13 -43.37
CA ILE C 173 45.13 0.40 -44.37
C ILE C 173 44.89 1.88 -44.62
N ALA C 174 43.64 2.31 -44.64
CA ALA C 174 43.34 3.72 -44.79
C ALA C 174 43.94 4.55 -43.65
N GLY C 175 43.78 4.07 -42.43
CA GLY C 175 44.35 4.75 -41.29
C GLY C 175 45.86 4.81 -41.32
N LEU C 176 46.52 3.70 -41.72
CA LEU C 176 47.96 3.63 -41.72
C LEU C 176 48.52 4.54 -42.81
N VAL C 177 47.91 4.55 -43.99
CA VAL C 177 48.30 5.49 -45.05
C VAL C 177 48.15 6.94 -44.56
N GLY C 178 47.11 7.22 -43.79
CA GLY C 178 46.88 8.54 -43.24
C GLY C 178 47.91 8.91 -42.20
N ALA C 179 48.34 7.90 -41.43
CA ALA C 179 49.32 8.07 -40.35
C ALA C 179 50.72 8.33 -40.92
N TYR C 180 51.06 7.57 -41.96
CA TYR C 180 52.30 7.72 -42.71
C TYR C 180 52.40 9.10 -43.36
N LEU C 181 51.30 9.58 -43.95
CA LEU C 181 51.30 10.87 -44.63
C LEU C 181 51.28 12.09 -43.70
N ILE C 182 51.15 11.91 -42.40
CA ILE C 182 51.41 13.04 -41.50
C ILE C 182 52.86 13.12 -40.97
N GLY C 183 53.61 14.11 -41.46
CA GLY C 183 54.97 14.42 -41.00
C GLY C 183 55.96 14.23 -42.13
N PRO C 195 47.20 8.51 -22.66
CA PRO C 195 45.81 8.16 -22.35
C PRO C 195 45.39 8.69 -21.01
N HIS C 196 44.28 9.42 -20.96
CA HIS C 196 43.89 10.19 -19.77
C HIS C 196 42.65 9.66 -19.01
N ASN C 197 41.79 8.87 -19.68
CA ASN C 197 40.63 8.25 -19.02
C ASN C 197 40.45 6.77 -19.38
N LEU C 198 41.17 5.89 -18.68
CA LEU C 198 41.19 4.48 -19.02
C LEU C 198 39.86 3.79 -18.74
N PRO C 199 39.14 4.23 -17.70
CA PRO C 199 37.75 3.76 -17.54
C PRO C 199 36.83 4.10 -18.73
N MET C 200 37.07 5.22 -19.40
CA MET C 200 36.29 5.60 -20.58
C MET C 200 36.63 4.64 -21.75
N VAL C 201 37.88 4.21 -21.84
CA VAL C 201 38.31 3.26 -22.84
C VAL C 201 37.66 1.89 -22.61
N PHE C 202 37.51 1.50 -21.33
CA PHE C 202 36.90 0.26 -20.99
C PHE C 202 35.44 0.30 -21.42
N THR C 203 34.80 1.42 -21.15
CA THR C 203 33.41 1.58 -21.42
C THR C 203 33.14 1.47 -22.93
N GLY C 204 34.00 2.09 -23.73
CA GLY C 204 33.87 2.05 -25.17
C GLY C 204 34.07 0.63 -25.69
N THR C 205 35.08 -0.03 -25.13
CA THR C 205 35.42 -1.39 -25.46
C THR C 205 34.23 -2.30 -25.14
N ALA C 206 33.60 -2.07 -24.01
CA ALA C 206 32.51 -2.85 -23.59
C ALA C 206 31.29 -2.67 -24.56
N ILE C 207 30.94 -1.41 -24.84
CA ILE C 207 29.92 -1.10 -25.78
C ILE C 207 30.21 -1.70 -27.18
N LEU C 208 31.45 -1.61 -27.59
CA LEU C 208 31.89 -2.23 -28.82
C LEU C 208 31.67 -3.74 -28.82
N TYR C 209 31.96 -4.42 -27.68
CA TYR C 209 31.75 -5.80 -27.51
C TYR C 209 30.26 -6.23 -27.66
N ILE C 210 29.39 -5.55 -26.93
CA ILE C 210 27.99 -5.85 -26.92
C ILE C 210 27.45 -5.61 -28.33
N GLY C 211 27.81 -4.47 -28.92
CA GLY C 211 27.35 -4.16 -30.23
C GLY C 211 27.77 -5.15 -31.27
N TRP C 212 28.96 -5.74 -31.08
CA TRP C 212 29.54 -6.64 -32.04
C TRP C 212 28.71 -7.94 -32.21
N PHE C 213 27.89 -8.27 -31.24
CA PHE C 213 26.94 -9.39 -31.36
C PHE C 213 25.91 -9.14 -32.45
N GLY C 214 25.47 -7.90 -32.59
CA GLY C 214 24.62 -7.51 -33.69
C GLY C 214 25.37 -7.55 -35.02
N PHE C 215 26.60 -7.07 -34.97
CA PHE C 215 27.48 -7.08 -36.12
C PHE C 215 27.70 -8.45 -36.66
N ASN C 216 28.15 -9.34 -35.75
CA ASN C 216 28.52 -10.62 -36.14
C ASN C 216 27.28 -11.55 -36.38
N ALA C 217 26.38 -11.68 -35.44
CA ALA C 217 25.24 -12.62 -35.59
C ALA C 217 24.31 -12.13 -36.65
N GLY C 218 24.15 -10.80 -36.71
CA GLY C 218 23.27 -10.16 -37.66
C GLY C 218 23.70 -10.36 -39.08
N SER C 219 24.98 -10.72 -39.27
CA SER C 219 25.49 -10.89 -40.57
C SER C 219 25.00 -12.16 -41.20
N ALA C 220 24.30 -12.98 -40.41
CA ALA C 220 23.62 -14.18 -40.94
C ALA C 220 22.37 -13.82 -41.66
N GLY C 221 21.75 -12.72 -41.25
CA GLY C 221 20.58 -12.17 -41.88
C GLY C 221 19.30 -12.76 -41.36
N THR C 222 19.39 -13.61 -40.37
CA THR C 222 18.17 -14.31 -39.89
C THR C 222 18.55 -14.88 -38.56
N ALA C 223 17.58 -15.02 -37.67
CA ALA C 223 17.81 -15.65 -36.41
C ALA C 223 17.78 -17.20 -36.51
N ASN C 224 18.79 -17.77 -37.15
CA ASN C 224 18.88 -19.18 -37.30
C ASN C 224 20.10 -19.76 -36.56
N GLU C 225 20.53 -20.95 -36.99
CA GLU C 225 21.62 -21.61 -36.31
C GLU C 225 22.96 -21.05 -36.66
N ILE C 226 23.09 -20.45 -37.84
CA ILE C 226 24.31 -19.75 -38.22
C ILE C 226 24.52 -18.48 -37.31
N ALA C 227 23.42 -17.78 -36.96
CA ALA C 227 23.57 -16.61 -36.13
C ALA C 227 23.97 -17.11 -34.77
N ALA C 228 23.33 -18.18 -34.32
CA ALA C 228 23.68 -18.73 -33.03
C ALA C 228 25.18 -19.13 -32.98
N LEU C 229 25.67 -19.76 -34.04
CA LEU C 229 27.07 -20.11 -34.13
C LEU C 229 27.92 -18.85 -34.05
N ALA C 230 27.56 -17.83 -34.82
CA ALA C 230 28.30 -16.61 -34.88
C ALA C 230 28.35 -15.95 -33.50
N PHE C 231 27.25 -16.03 -32.76
CA PHE C 231 27.12 -15.45 -31.46
C PHE C 231 28.09 -16.16 -30.48
N VAL C 232 27.96 -17.45 -30.38
CA VAL C 232 28.81 -18.25 -29.52
C VAL C 232 30.31 -18.07 -29.84
N ASN C 233 30.66 -17.91 -31.11
CA ASN C 233 32.00 -17.86 -31.52
C ASN C 233 32.60 -16.50 -31.17
N THR C 234 31.76 -15.48 -31.14
CA THR C 234 32.14 -14.13 -30.72
C THR C 234 32.43 -14.10 -29.21
N VAL C 235 31.60 -14.77 -28.41
CA VAL C 235 31.83 -14.91 -26.93
C VAL C 235 33.19 -15.58 -26.67
N VAL C 236 33.41 -16.70 -27.36
CA VAL C 236 34.60 -17.56 -27.15
C VAL C 236 35.91 -16.99 -27.67
N ALA C 237 35.90 -16.48 -28.90
CA ALA C 237 37.08 -15.94 -29.46
C ALA C 237 37.55 -14.66 -28.72
N THR C 238 36.60 -13.84 -28.27
CA THR C 238 36.92 -12.65 -27.53
C THR C 238 37.60 -13.00 -26.21
N ALA C 239 37.08 -14.04 -25.57
CA ALA C 239 37.55 -14.44 -24.28
C ALA C 239 38.95 -14.98 -24.45
N ALA C 240 39.12 -15.83 -25.41
CA ALA C 240 40.42 -16.43 -25.66
C ALA C 240 41.49 -15.36 -26.02
N ALA C 241 41.11 -14.33 -26.77
CA ALA C 241 42.01 -13.24 -27.12
C ALA C 241 42.39 -12.36 -25.93
N ILE C 242 41.44 -12.05 -25.08
CA ILE C 242 41.67 -11.33 -23.83
C ILE C 242 42.79 -12.03 -23.07
N LEU C 243 42.68 -13.36 -22.93
CA LEU C 243 43.64 -14.14 -22.18
C LEU C 243 44.94 -14.22 -22.95
N GLY C 244 44.85 -14.50 -24.24
CA GLY C 244 46.00 -14.53 -25.12
C GLY C 244 46.89 -13.31 -24.92
N TRP C 245 46.32 -12.14 -25.15
CA TRP C 245 47.02 -10.88 -25.02
C TRP C 245 47.55 -10.67 -23.61
N ILE C 246 46.70 -10.88 -22.62
CA ILE C 246 47.02 -10.65 -21.21
C ILE C 246 48.19 -11.51 -20.72
N PHE C 247 48.29 -12.76 -21.20
CA PHE C 247 49.40 -13.66 -20.84
C PHE C 247 50.66 -13.21 -21.55
N GLY C 248 50.52 -12.80 -22.82
CA GLY C 248 51.61 -12.22 -23.56
C GLY C 248 52.17 -10.96 -22.90
N GLU C 249 51.31 -10.13 -22.31
CA GLU C 249 51.72 -8.84 -21.73
C GLU C 249 52.38 -9.00 -20.39
N TRP C 250 51.81 -9.89 -19.57
CA TRP C 250 52.43 -10.32 -18.33
C TRP C 250 53.84 -10.80 -18.57
N ALA C 251 54.04 -11.57 -19.62
CA ALA C 251 55.36 -12.08 -19.96
C ALA C 251 56.25 -10.91 -20.38
N LEU C 252 55.83 -10.19 -21.40
CA LEU C 252 56.65 -9.17 -22.03
C LEU C 252 57.04 -8.02 -21.08
N ARG C 253 56.16 -7.68 -20.14
CA ARG C 253 56.34 -6.49 -19.32
C ARG C 253 56.24 -6.74 -17.82
N GLY C 254 56.02 -7.98 -17.38
CA GLY C 254 55.89 -8.29 -15.94
C GLY C 254 54.54 -8.01 -15.25
N LYS C 255 53.80 -7.03 -15.76
CA LYS C 255 52.45 -6.71 -15.27
C LYS C 255 51.46 -6.76 -16.46
N PRO C 256 50.22 -7.20 -16.22
CA PRO C 256 49.15 -7.01 -17.19
C PRO C 256 48.39 -5.72 -16.93
N SER C 257 47.95 -5.04 -18.00
CA SER C 257 47.18 -3.76 -17.86
C SER C 257 45.70 -3.78 -18.41
N LEU C 258 44.89 -2.82 -17.93
CA LEU C 258 43.52 -2.64 -18.39
C LEU C 258 43.43 -2.41 -19.90
N LEU C 259 44.34 -1.60 -20.43
CA LEU C 259 44.44 -1.34 -21.84
C LEU C 259 44.80 -2.61 -22.65
N GLY C 260 45.57 -3.49 -22.01
CA GLY C 260 45.91 -4.78 -22.61
C GLY C 260 44.71 -5.71 -22.70
N ALA C 261 43.95 -5.75 -21.63
CA ALA C 261 42.68 -6.48 -21.53
C ALA C 261 41.70 -6.03 -22.64
N CYS C 262 41.53 -4.72 -22.76
CA CYS C 262 40.68 -4.15 -23.78
C CYS C 262 41.16 -4.42 -25.19
N SER C 263 42.47 -4.36 -25.40
CA SER C 263 43.04 -4.50 -26.73
C SER C 263 42.87 -5.93 -27.19
N GLY C 264 42.99 -6.84 -26.23
CA GLY C 264 42.85 -8.25 -26.51
C GLY C 264 41.42 -8.56 -26.95
N ALA C 265 40.47 -7.99 -26.22
CA ALA C 265 39.08 -8.13 -26.51
C ALA C 265 38.87 -7.73 -27.96
N ILE C 266 39.32 -6.52 -28.30
CA ILE C 266 39.22 -6.00 -29.68
C ILE C 266 39.86 -6.93 -30.71
N ALA C 267 40.96 -7.54 -30.33
CA ALA C 267 41.71 -8.37 -31.23
C ALA C 267 40.95 -9.65 -31.59
N GLY C 268 40.32 -10.24 -30.61
CA GLY C 268 39.53 -11.44 -30.79
C GLY C 268 38.29 -11.16 -31.60
N LEU C 269 37.66 -10.03 -31.30
CA LEU C 269 36.49 -9.57 -32.04
C LEU C 269 36.77 -9.27 -33.50
N VAL C 270 37.89 -8.61 -33.74
CA VAL C 270 38.38 -8.45 -35.14
C VAL C 270 38.73 -9.78 -35.76
N GLY C 271 39.49 -10.58 -35.04
CA GLY C 271 39.93 -11.87 -35.59
C GLY C 271 38.78 -12.77 -35.92
N VAL C 272 37.72 -12.75 -35.08
CA VAL C 272 36.60 -13.66 -35.30
C VAL C 272 35.56 -13.15 -36.34
N THR C 273 35.70 -11.89 -36.74
CA THR C 273 34.75 -11.22 -37.64
C THR C 273 34.54 -11.95 -38.95
N PRO C 274 35.62 -12.30 -39.62
CA PRO C 274 35.44 -12.99 -40.88
C PRO C 274 35.02 -14.45 -40.75
N ALA C 275 35.34 -15.04 -39.60
CA ALA C 275 35.25 -16.47 -39.36
C ALA C 275 33.98 -16.91 -38.67
N CYS C 276 33.30 -15.98 -38.01
CA CYS C 276 32.38 -16.32 -36.96
C CYS C 276 31.21 -17.28 -37.35
N GLY C 277 30.63 -17.13 -38.52
CA GLY C 277 29.56 -18.01 -38.96
C GLY C 277 29.99 -19.17 -39.85
N TYR C 278 31.31 -19.41 -39.96
CA TYR C 278 31.83 -20.47 -40.76
C TYR C 278 32.58 -21.51 -39.97
N ILE C 279 32.94 -21.21 -38.70
CA ILE C 279 33.80 -22.09 -37.97
C ILE C 279 33.11 -22.68 -36.75
N GLY C 280 33.70 -23.77 -36.19
CA GLY C 280 33.21 -24.40 -34.98
C GLY C 280 33.75 -23.69 -33.77
N VAL C 281 33.23 -24.02 -32.61
CA VAL C 281 33.65 -23.31 -31.42
C VAL C 281 35.15 -23.57 -30.98
N GLY C 282 35.65 -24.76 -31.30
CA GLY C 282 37.04 -25.10 -31.09
C GLY C 282 37.89 -24.17 -31.95
N GLY C 283 37.50 -24.05 -33.21
CA GLY C 283 38.10 -23.11 -34.13
C GLY C 283 38.18 -21.70 -33.55
N ALA C 284 37.09 -21.25 -32.91
CA ALA C 284 37.01 -19.90 -32.46
C ALA C 284 37.95 -19.63 -31.28
N LEU C 285 38.17 -20.66 -30.46
CA LEU C 285 39.08 -20.58 -29.33
C LEU C 285 40.50 -20.39 -29.84
N ILE C 286 40.81 -21.12 -30.89
CA ILE C 286 42.16 -21.07 -31.50
C ILE C 286 42.38 -19.71 -32.13
N ILE C 287 41.38 -19.24 -32.82
CA ILE C 287 41.48 -18.02 -33.54
C ILE C 287 41.70 -16.87 -32.60
N GLY C 288 40.97 -16.92 -31.52
CA GLY C 288 41.04 -15.91 -30.49
C GLY C 288 42.43 -15.83 -29.87
N VAL C 289 42.97 -16.98 -29.45
CA VAL C 289 44.30 -17.06 -28.90
C VAL C 289 45.31 -16.45 -29.86
N VAL C 290 45.31 -16.92 -31.11
CA VAL C 290 46.29 -16.47 -32.09
C VAL C 290 46.10 -14.98 -32.37
N ALA C 291 44.84 -14.54 -32.51
CA ALA C 291 44.55 -13.15 -32.82
C ALA C 291 44.99 -12.23 -31.68
N GLY C 292 44.79 -12.68 -30.45
CA GLY C 292 45.23 -11.94 -29.29
C GLY C 292 46.75 -11.75 -29.31
N LEU C 293 47.50 -12.84 -29.56
CA LEU C 293 48.96 -12.76 -29.62
C LEU C 293 49.46 -11.95 -30.82
N ALA C 294 48.88 -12.21 -31.99
CA ALA C 294 49.25 -11.47 -33.19
C ALA C 294 49.02 -9.97 -33.02
N GLY C 295 47.96 -9.58 -32.35
CA GLY C 295 47.72 -8.19 -32.05
C GLY C 295 48.74 -7.63 -31.09
N LEU C 296 49.13 -8.39 -30.08
CA LEU C 296 50.13 -7.90 -29.14
C LEU C 296 51.45 -7.69 -29.85
N TRP C 297 51.83 -8.66 -30.68
CA TRP C 297 52.95 -8.56 -31.63
C TRP C 297 52.89 -7.28 -32.50
N GLY C 298 51.81 -7.14 -33.27
CA GLY C 298 51.53 -5.95 -34.09
C GLY C 298 51.79 -4.57 -33.45
N VAL C 299 51.21 -4.32 -32.28
CA VAL C 299 51.44 -3.05 -31.61
C VAL C 299 52.86 -2.90 -31.06
N THR C 300 53.40 -3.97 -30.50
CA THR C 300 54.78 -3.97 -29.96
C THR C 300 55.79 -3.59 -31.04
N MET C 301 55.70 -4.23 -32.20
CA MET C 301 56.46 -3.78 -33.38
C MET C 301 56.33 -2.23 -33.59
N LEU C 302 55.13 -1.73 -33.88
CA LEU C 302 54.90 -0.27 -33.97
C LEU C 302 55.31 0.40 -32.65
N ASP C 309 53.67 5.40 -28.40
CA ASP C 309 52.25 5.08 -28.15
C ASP C 309 51.29 6.14 -28.68
N ASP C 310 50.68 5.72 -29.76
CA ASP C 310 50.07 6.58 -30.75
C ASP C 310 48.77 5.89 -31.14
N PRO C 311 47.59 6.44 -30.76
CA PRO C 311 46.29 5.86 -31.11
C PRO C 311 46.17 5.16 -32.48
N CYS C 312 47.08 5.43 -33.43
CA CYS C 312 47.12 4.70 -34.71
C CYS C 312 47.75 3.29 -34.65
N ASP C 313 48.11 2.86 -33.45
CA ASP C 313 48.36 1.45 -33.14
C ASP C 313 47.09 0.63 -33.32
N VAL C 314 45.95 1.30 -33.12
CA VAL C 314 44.65 0.68 -33.31
C VAL C 314 44.60 0.07 -34.70
N PHE C 315 45.12 0.75 -35.69
CA PHE C 315 45.09 0.22 -37.04
C PHE C 315 45.96 -1.04 -37.17
N GLY C 316 47.02 -1.12 -36.38
CA GLY C 316 47.86 -2.29 -36.39
C GLY C 316 47.06 -3.53 -36.05
N VAL C 317 46.31 -3.44 -34.95
CA VAL C 317 45.44 -4.49 -34.49
C VAL C 317 44.32 -4.82 -35.49
N HIS C 318 43.59 -3.83 -36.01
CA HIS C 318 42.58 -4.18 -37.02
C HIS C 318 43.18 -4.86 -38.22
N GLY C 319 44.41 -4.46 -38.59
CA GLY C 319 45.06 -4.94 -39.79
C GLY C 319 45.64 -6.30 -39.61
N VAL C 320 46.45 -6.49 -38.58
CA VAL C 320 47.06 -7.79 -38.41
C VAL C 320 45.99 -8.85 -38.07
N CYS C 321 45.11 -8.53 -37.14
CA CYS C 321 44.07 -9.46 -36.69
C CYS C 321 43.02 -9.74 -37.77
N GLY C 322 42.77 -8.75 -38.62
CA GLY C 322 41.96 -8.94 -39.82
C GLY C 322 42.54 -9.95 -40.77
N ILE C 323 43.86 -9.87 -40.96
CA ILE C 323 44.55 -10.77 -41.88
C ILE C 323 44.57 -12.14 -41.26
N VAL C 324 44.91 -12.20 -39.98
CA VAL C 324 44.92 -13.46 -39.24
C VAL C 324 43.57 -14.17 -39.37
N GLY C 325 42.49 -13.44 -39.15
CA GLY C 325 41.18 -14.02 -39.17
C GLY C 325 40.77 -14.51 -40.55
N CYS C 326 41.17 -13.78 -41.60
CA CYS C 326 40.78 -14.14 -42.96
C CYS C 326 41.52 -15.34 -43.38
N ILE C 327 42.75 -15.49 -42.88
CA ILE C 327 43.52 -16.68 -43.23
C ILE C 327 42.90 -17.87 -42.50
N MET C 328 42.68 -17.72 -41.20
CA MET C 328 42.20 -18.81 -40.42
C MET C 328 40.78 -19.26 -40.85
N THR C 329 39.98 -18.36 -41.42
CA THR C 329 38.67 -18.72 -41.89
C THR C 329 38.79 -19.80 -42.98
N GLY C 330 39.86 -19.71 -43.78
CA GLY C 330 40.09 -20.63 -44.86
C GLY C 330 40.58 -22.00 -44.43
N ILE C 331 41.09 -22.07 -43.21
CA ILE C 331 41.45 -23.37 -42.58
C ILE C 331 40.26 -23.98 -41.83
N PHE C 332 39.73 -23.25 -40.87
CA PHE C 332 38.79 -23.76 -39.90
C PHE C 332 37.32 -23.85 -40.36
N ALA C 333 37.02 -23.30 -41.53
CA ALA C 333 35.78 -23.51 -42.19
C ALA C 333 35.64 -24.95 -42.66
N ALA C 334 36.73 -25.69 -42.67
CA ALA C 334 36.72 -27.11 -43.06
C ALA C 334 35.94 -27.91 -42.05
N SER C 335 35.16 -28.84 -42.57
CA SER C 335 34.21 -29.63 -41.83
C SER C 335 34.99 -30.59 -40.89
N SER C 336 36.15 -31.06 -41.35
CA SER C 336 36.98 -31.88 -40.52
C SER C 336 37.61 -31.11 -39.36
N LEU C 337 37.65 -29.76 -39.42
CA LEU C 337 38.07 -28.96 -38.26
C LEU C 337 36.92 -28.37 -37.48
N GLY C 338 35.69 -28.85 -37.73
CA GLY C 338 34.58 -28.39 -36.93
C GLY C 338 33.78 -27.25 -37.56
N GLY C 339 34.25 -26.71 -38.66
CA GLY C 339 33.49 -25.68 -39.39
C GLY C 339 32.27 -26.16 -40.21
N VAL C 340 31.62 -25.23 -40.92
CA VAL C 340 30.36 -25.56 -41.66
C VAL C 340 30.63 -26.28 -42.98
N GLY C 341 31.90 -26.28 -43.40
CA GLY C 341 32.30 -26.89 -44.63
C GLY C 341 32.48 -25.93 -45.77
N PHE C 342 33.49 -26.19 -46.59
CA PHE C 342 33.70 -25.44 -47.82
C PHE C 342 32.57 -25.80 -48.76
N ALA C 343 32.35 -24.92 -49.74
CA ALA C 343 31.47 -25.21 -50.88
C ALA C 343 31.90 -26.49 -51.63
N GLU C 344 30.96 -27.15 -52.32
CA GLU C 344 31.24 -28.42 -53.01
C GLU C 344 32.47 -28.35 -53.94
N GLY C 345 33.38 -29.30 -53.79
CA GLY C 345 34.61 -29.39 -54.61
C GLY C 345 35.74 -28.40 -54.33
N VAL C 346 35.63 -27.67 -53.21
CA VAL C 346 36.63 -26.68 -52.85
C VAL C 346 37.55 -27.34 -51.86
N THR C 347 38.84 -27.18 -52.06
CA THR C 347 39.84 -27.74 -51.15
C THR C 347 40.34 -26.64 -50.20
N MET C 348 40.86 -27.02 -49.07
CA MET C 348 41.40 -26.05 -48.18
C MET C 348 42.46 -25.17 -48.84
N GLY C 349 43.29 -25.78 -49.70
CA GLY C 349 44.41 -25.09 -50.36
C GLY C 349 43.87 -24.03 -51.29
N HIS C 350 42.91 -24.43 -52.13
CA HIS C 350 42.26 -23.49 -52.98
C HIS C 350 41.63 -22.38 -52.11
N GLN C 351 40.91 -22.75 -51.07
CA GLN C 351 40.20 -21.73 -50.34
C GLN C 351 41.20 -20.74 -49.68
N LEU C 352 42.33 -21.24 -49.20
CA LEU C 352 43.33 -20.35 -48.66
C LEU C 352 43.84 -19.37 -49.70
N LEU C 353 43.83 -19.81 -50.96
CA LEU C 353 44.46 -19.05 -51.99
C LEU C 353 43.56 -17.89 -52.23
N VAL C 354 42.25 -18.17 -52.31
CA VAL C 354 41.22 -17.15 -52.42
C VAL C 354 41.22 -16.17 -51.22
N GLN C 355 41.46 -16.65 -50.02
CA GLN C 355 41.52 -15.76 -48.86
C GLN C 355 42.69 -14.78 -48.98
N LEU C 356 43.85 -15.30 -49.37
CA LEU C 356 45.03 -14.47 -49.65
C LEU C 356 44.77 -13.44 -50.75
N GLU C 357 44.18 -13.88 -51.85
CA GLU C 357 43.97 -12.96 -52.99
C GLU C 357 43.08 -11.81 -52.49
N SER C 358 42.12 -12.15 -51.65
CA SER C 358 41.14 -11.20 -51.17
C SER C 358 41.80 -10.17 -50.28
N ILE C 359 42.65 -10.65 -49.42
CA ILE C 359 43.40 -9.79 -48.52
C ILE C 359 44.27 -8.84 -49.31
N ALA C 360 44.94 -9.38 -50.33
CA ALA C 360 45.91 -8.67 -51.12
C ALA C 360 45.26 -7.52 -51.89
N ILE C 361 44.17 -7.86 -52.57
CA ILE C 361 43.38 -6.91 -53.34
C ILE C 361 42.80 -5.78 -52.45
N THR C 362 42.31 -6.17 -51.28
CA THR C 362 41.78 -5.22 -50.31
C THR C 362 42.83 -4.22 -49.85
N ILE C 363 44.03 -4.71 -49.55
CA ILE C 363 45.10 -3.85 -49.11
C ILE C 363 45.49 -2.84 -50.20
N VAL C 364 45.72 -3.32 -51.42
CA VAL C 364 46.21 -2.45 -52.49
C VAL C 364 45.11 -1.46 -52.89
N TRP C 365 43.93 -1.96 -53.22
CA TRP C 365 42.78 -1.09 -53.46
C TRP C 365 42.56 0.06 -52.44
N SER C 366 42.63 -0.23 -51.15
CA SER C 366 42.32 0.76 -50.14
C SER C 366 43.54 1.68 -49.91
N GLY C 367 44.74 1.10 -49.99
CA GLY C 367 46.00 1.88 -50.00
C GLY C 367 45.99 2.96 -51.11
N VAL C 368 45.60 2.55 -52.32
CA VAL C 368 45.60 3.44 -53.48
C VAL C 368 44.51 4.49 -53.32
N VAL C 369 43.31 4.06 -52.91
CA VAL C 369 42.17 5.00 -52.74
C VAL C 369 42.34 5.95 -51.55
N ALA C 370 42.84 5.46 -50.44
CA ALA C 370 43.24 6.33 -49.33
C ALA C 370 44.30 7.36 -49.76
N PHE C 371 45.31 6.92 -50.50
CA PHE C 371 46.34 7.83 -51.00
C PHE C 371 45.68 8.97 -51.79
N ILE C 372 44.88 8.59 -52.78
CA ILE C 372 44.18 9.54 -53.64
C ILE C 372 43.33 10.51 -52.84
N GLY C 373 42.66 10.02 -51.82
CA GLY C 373 41.76 10.85 -51.02
C GLY C 373 42.52 11.83 -50.17
N TYR C 374 43.57 11.37 -49.51
CA TYR C 374 44.38 12.26 -48.69
C TYR C 374 45.06 13.35 -49.54
N LYS C 375 45.58 12.97 -50.71
CA LYS C 375 46.30 13.92 -51.56
C LYS C 375 45.33 14.96 -52.04
N LEU C 376 44.22 14.53 -52.66
CA LEU C 376 43.15 15.43 -53.04
C LEU C 376 42.79 16.41 -51.92
N ALA C 377 42.76 15.91 -50.69
CA ALA C 377 42.55 16.81 -49.54
C ALA C 377 43.77 17.73 -49.31
N ASP C 378 44.98 17.19 -49.45
CA ASP C 378 46.21 17.93 -49.12
C ASP C 378 46.33 19.10 -50.08
N LEU C 379 46.14 18.81 -51.36
CA LEU C 379 46.29 19.78 -52.39
C LEU C 379 45.16 20.80 -52.39
N THR C 380 44.09 20.56 -51.65
CA THR C 380 42.90 21.41 -51.69
C THR C 380 42.82 22.28 -50.45
N VAL C 381 42.98 21.67 -49.29
CA VAL C 381 42.87 22.37 -48.02
C VAL C 381 44.10 22.17 -47.14
N GLY C 382 44.99 21.29 -47.57
CA GLY C 382 46.09 20.81 -46.73
C GLY C 382 45.71 20.00 -45.50
N LEU C 383 46.62 19.13 -45.08
CA LEU C 383 46.35 18.20 -43.98
C LEU C 383 46.70 18.70 -42.55
N ARG C 384 47.14 19.94 -42.39
CA ARG C 384 47.60 20.44 -41.09
C ARG C 384 46.56 21.40 -40.45
N VAL C 385 46.67 21.68 -39.13
CA VAL C 385 45.69 22.52 -38.31
C VAL C 385 44.29 21.91 -38.37
N GLY D 1 -48.95 -24.19 25.08
CA GLY D 1 -47.62 -24.84 25.02
C GLY D 1 -46.57 -23.94 25.65
N ALA D 2 -45.34 -24.42 25.61
CA ALA D 2 -44.20 -23.78 26.24
C ALA D 2 -43.89 -22.40 25.62
N SER D 3 -43.51 -21.46 26.48
CA SER D 3 -42.92 -20.23 26.06
C SER D 3 -41.57 -20.50 25.36
N VAL D 4 -41.35 -19.79 24.24
CA VAL D 4 -40.14 -19.89 23.44
C VAL D 4 -39.48 -18.48 23.46
N ALA D 5 -38.17 -18.41 23.59
CA ALA D 5 -37.52 -17.12 23.69
C ALA D 5 -37.36 -16.62 22.30
N ASP D 6 -37.57 -15.32 22.13
CA ASP D 6 -37.29 -14.70 20.88
C ASP D 6 -35.88 -14.09 20.97
N LYS D 7 -35.05 -14.44 20.03
CA LYS D 7 -33.66 -14.08 20.12
C LYS D 7 -33.37 -12.59 20.00
N ALA D 8 -34.24 -11.88 19.29
CA ALA D 8 -34.12 -10.44 19.19
C ALA D 8 -34.37 -9.82 20.56
N ASP D 9 -35.33 -10.36 21.28
CA ASP D 9 -35.61 -9.87 22.59
C ASP D 9 -34.46 -10.24 23.57
N ASN D 10 -33.87 -11.42 23.43
CA ASN D 10 -32.77 -11.78 24.26
C ASN D 10 -31.62 -10.80 24.08
N ALA D 11 -31.32 -10.53 22.81
CA ALA D 11 -30.25 -9.65 22.43
C ALA D 11 -30.49 -8.28 23.01
N PHE D 12 -31.69 -7.75 22.77
CA PHE D 12 -32.07 -6.45 23.26
C PHE D 12 -31.84 -6.32 24.74
N MET D 13 -32.31 -7.31 25.44
CA MET D 13 -32.35 -7.22 26.87
C MET D 13 -30.97 -7.45 27.58
N MET D 14 -30.08 -8.24 26.95
CA MET D 14 -28.79 -8.37 27.45
C MET D 14 -28.08 -7.03 27.28
N ILE D 15 -28.25 -6.37 26.13
CA ILE D 15 -27.58 -5.11 25.94
C ILE D 15 -28.15 -4.07 26.87
N CYS D 16 -29.46 -4.03 27.00
CA CYS D 16 -30.08 -3.13 27.94
C CYS D 16 -29.51 -3.34 29.34
N THR D 17 -29.33 -4.60 29.72
CA THR D 17 -28.79 -4.95 31.02
C THR D 17 -27.38 -4.36 31.22
N ALA D 18 -26.53 -4.51 30.22
CA ALA D 18 -25.20 -3.99 30.26
C ALA D 18 -25.21 -2.45 30.38
N LEU D 19 -26.17 -1.79 29.69
CA LEU D 19 -26.37 -0.35 29.76
C LEU D 19 -26.80 0.15 31.17
N VAL D 20 -27.66 -0.61 31.84
CA VAL D 20 -28.02 -0.30 33.21
C VAL D 20 -26.86 -0.56 34.24
N LEU D 21 -26.06 -1.62 34.04
CA LEU D 21 -24.90 -1.84 34.86
C LEU D 21 -23.90 -0.64 34.73
N PHE D 22 -23.76 -0.16 33.50
CA PHE D 22 -22.98 1.00 33.10
C PHE D 22 -23.35 2.23 33.91
N MET D 23 -24.62 2.35 34.26
CA MET D 23 -25.07 3.54 34.94
C MET D 23 -24.64 3.53 36.45
N THR D 24 -24.30 2.38 36.98
CA THR D 24 -23.65 2.29 38.30
C THR D 24 -22.14 2.33 38.21
N ILE D 25 -21.60 1.48 37.34
CA ILE D 25 -20.19 1.30 37.10
C ILE D 25 -19.91 1.75 35.65
N PRO D 26 -19.49 3.03 35.45
CA PRO D 26 -19.09 4.03 36.47
C PRO D 26 -20.06 5.19 36.65
N GLY D 27 -21.17 5.21 35.92
CA GLY D 27 -22.06 6.36 35.90
C GLY D 27 -22.30 7.11 37.21
N ILE D 28 -22.88 6.42 38.19
CA ILE D 28 -23.27 7.05 39.42
C ILE D 28 -21.99 7.41 40.23
N ALA D 29 -20.95 6.59 40.08
CA ALA D 29 -19.72 6.78 40.81
C ALA D 29 -19.04 8.08 40.37
N LEU D 30 -19.03 8.35 39.07
CA LEU D 30 -18.47 9.61 38.54
C LEU D 30 -19.33 10.80 38.84
N PHE D 31 -20.63 10.60 38.91
CA PHE D 31 -21.59 11.68 39.24
C PHE D 31 -21.36 12.20 40.67
N TYR D 32 -21.34 11.27 41.63
CA TYR D 32 -21.02 11.65 42.98
C TYR D 32 -19.52 12.04 43.13
N GLY D 33 -18.63 11.40 42.38
CA GLY D 33 -17.20 11.69 42.44
C GLY D 33 -16.87 13.16 42.26
N GLY D 34 -17.57 13.85 41.36
CA GLY D 34 -17.30 15.29 41.14
C GLY D 34 -18.12 16.22 42.00
N LEU D 35 -19.08 15.66 42.74
CA LEU D 35 -19.92 16.45 43.64
C LEU D 35 -19.31 16.55 45.03
N ILE D 36 -18.77 15.45 45.56
CA ILE D 36 -18.36 15.39 46.95
C ILE D 36 -16.95 15.96 47.11
N ARG D 37 -16.50 16.19 48.36
CA ARG D 37 -15.16 16.80 48.60
C ARG D 37 -14.04 15.82 48.19
N GLY D 38 -13.04 16.31 47.46
CA GLY D 38 -11.90 15.51 46.97
C GLY D 38 -11.23 14.51 47.91
N LYS D 39 -11.14 14.89 49.20
CA LYS D 39 -10.57 14.04 50.25
C LYS D 39 -11.37 12.76 50.44
N ASN D 40 -12.61 12.74 49.96
CA ASN D 40 -13.54 11.62 50.13
C ASN D 40 -13.79 10.74 48.87
N VAL D 41 -13.18 11.06 47.75
CA VAL D 41 -13.57 10.44 46.48
C VAL D 41 -13.14 8.98 46.45
N LEU D 42 -11.87 8.74 46.72
CA LEU D 42 -11.29 7.42 46.64
C LEU D 42 -12.08 6.41 47.46
N SER D 43 -12.51 6.85 48.63
CA SER D 43 -13.25 6.00 49.54
C SER D 43 -14.72 5.80 49.10
N MET D 44 -15.34 6.84 48.53
CA MET D 44 -16.66 6.75 47.93
C MET D 44 -16.70 5.74 46.76
N LEU D 45 -15.71 5.84 45.87
CA LEU D 45 -15.63 4.94 44.72
C LEU D 45 -15.51 3.49 45.15
N THR D 46 -14.77 3.27 46.24
CA THR D 46 -14.52 1.95 46.77
C THR D 46 -15.77 1.37 47.41
N GLN D 47 -16.54 2.21 48.06
CA GLN D 47 -17.74 1.76 48.72
C GLN D 47 -18.90 1.47 47.73
N VAL D 48 -18.87 2.13 46.57
CA VAL D 48 -19.88 1.93 45.54
C VAL D 48 -19.56 0.64 44.84
N THR D 49 -18.26 0.45 44.56
CA THR D 49 -17.81 -0.77 43.95
C THR D 49 -18.09 -2.02 44.81
N VAL D 50 -17.83 -1.94 46.12
CA VAL D 50 -17.96 -3.07 47.03
C VAL D 50 -19.41 -3.44 47.31
N THR D 51 -20.26 -2.42 47.50
CA THR D 51 -21.67 -2.64 47.70
C THR D 51 -22.41 -3.07 46.43
N PHE D 52 -21.92 -2.63 45.29
CA PHE D 52 -22.36 -3.13 44.02
C PHE D 52 -22.13 -4.66 43.97
N ALA D 53 -20.89 -5.06 44.22
CA ALA D 53 -20.55 -6.49 44.29
C ALA D 53 -21.44 -7.26 45.26
N LEU D 54 -21.66 -6.67 46.43
CA LEU D 54 -22.50 -7.27 47.45
C LEU D 54 -23.94 -7.46 46.96
N VAL D 55 -24.49 -6.44 46.29
CA VAL D 55 -25.83 -6.54 45.80
C VAL D 55 -25.99 -7.60 44.74
N CYS D 56 -25.03 -7.69 43.82
CA CYS D 56 -25.01 -8.74 42.84
C CYS D 56 -25.10 -10.09 43.54
N ILE D 57 -24.34 -10.31 44.61
CA ILE D 57 -24.32 -11.65 45.24
C ILE D 57 -25.66 -11.92 45.89
N LEU D 58 -26.15 -10.96 46.66
CA LEU D 58 -27.37 -11.17 47.40
C LEU D 58 -28.52 -11.44 46.42
N TRP D 59 -28.45 -10.82 45.26
CA TRP D 59 -29.48 -10.94 44.25
C TRP D 59 -29.63 -12.36 43.74
N VAL D 60 -28.54 -12.97 43.32
CA VAL D 60 -28.63 -14.34 42.85
C VAL D 60 -28.83 -15.35 43.96
N VAL D 61 -28.30 -15.07 45.16
CA VAL D 61 -28.53 -16.02 46.26
C VAL D 61 -30.00 -16.17 46.59
N TYR D 62 -30.64 -15.06 46.94
CA TYR D 62 -32.03 -15.07 47.33
C TYR D 62 -32.87 -13.90 46.79
N GLY D 63 -32.23 -12.80 46.38
CA GLY D 63 -32.95 -11.57 46.15
C GLY D 63 -33.90 -11.62 44.96
N TYR D 64 -33.49 -12.26 43.88
CA TYR D 64 -34.34 -12.37 42.71
C TYR D 64 -35.58 -13.16 43.03
N SER D 65 -35.40 -14.28 43.73
CA SER D 65 -36.49 -15.16 44.21
C SER D 65 -37.47 -14.45 45.14
N LEU D 66 -36.93 -13.68 46.08
CA LEU D 66 -37.78 -12.99 47.07
C LEU D 66 -38.51 -11.79 46.48
N ALA D 67 -37.97 -11.26 45.39
CA ALA D 67 -38.63 -10.19 44.68
C ALA D 67 -39.62 -10.73 43.65
N PHE D 68 -39.25 -11.72 42.86
CA PHE D 68 -40.09 -12.13 41.69
C PHE D 68 -40.75 -13.51 41.74
N GLY D 69 -40.42 -14.33 42.72
CA GLY D 69 -41.09 -15.60 42.91
C GLY D 69 -42.50 -15.45 43.44
N GLU D 70 -43.29 -16.52 43.33
CA GLU D 70 -44.59 -16.58 43.95
C GLU D 70 -44.53 -16.42 45.44
N GLY D 71 -45.35 -15.55 46.00
CA GLY D 71 -45.38 -15.40 47.42
C GLY D 71 -46.73 -14.91 47.86
N ASN D 72 -46.73 -13.82 48.60
CA ASN D 72 -47.98 -13.17 49.01
C ASN D 72 -48.07 -11.82 48.28
N ASN D 73 -48.88 -10.89 48.78
CA ASN D 73 -48.92 -9.53 48.24
C ASN D 73 -47.66 -8.69 48.49
N PHE D 74 -46.77 -9.13 49.38
CA PHE D 74 -45.60 -8.34 49.76
C PHE D 74 -44.19 -8.90 49.43
N PHE D 75 -44.02 -10.21 49.56
CA PHE D 75 -42.75 -10.89 49.30
C PHE D 75 -42.97 -12.09 48.37
N GLY D 76 -41.89 -12.49 47.69
CA GLY D 76 -41.87 -13.71 46.88
C GLY D 76 -41.51 -14.87 47.79
N ASN D 77 -40.47 -15.62 47.44
CA ASN D 77 -40.09 -16.74 48.29
C ASN D 77 -38.58 -16.92 48.22
N ILE D 78 -38.04 -17.70 49.16
CA ILE D 78 -36.66 -18.17 49.15
C ILE D 78 -36.71 -19.70 49.25
N ASN D 79 -37.60 -20.34 48.49
CA ASN D 79 -37.66 -21.82 48.47
C ASN D 79 -36.42 -22.44 47.82
N TRP D 80 -35.81 -21.70 46.90
CA TRP D 80 -34.63 -22.15 46.19
C TRP D 80 -33.55 -21.04 46.17
N LEU D 81 -32.33 -21.40 46.50
CA LEU D 81 -31.25 -20.44 46.48
C LEU D 81 -30.52 -20.56 45.14
N MET D 82 -29.86 -19.49 44.73
CA MET D 82 -28.89 -19.52 43.65
C MET D 82 -29.52 -19.91 42.32
N LEU D 83 -30.75 -19.49 42.10
CA LEU D 83 -31.44 -19.73 40.83
C LEU D 83 -31.71 -21.19 40.53
N LYS D 84 -31.72 -22.01 41.56
CA LYS D 84 -31.80 -23.47 41.42
C LYS D 84 -33.09 -23.95 40.77
N ASN D 85 -34.21 -23.34 41.07
CA ASN D 85 -35.51 -23.68 40.42
C ASN D 85 -35.58 -23.24 38.94
N ILE D 86 -34.54 -22.59 38.41
CA ILE D 86 -34.63 -21.97 37.11
C ILE D 86 -33.77 -22.76 36.14
N GLU D 87 -34.42 -23.54 35.28
CA GLU D 87 -33.71 -24.19 34.19
C GLU D 87 -33.08 -23.15 33.24
N LEU D 88 -31.95 -23.50 32.67
CA LEU D 88 -31.21 -22.62 31.81
C LEU D 88 -32.02 -22.18 30.62
N THR D 89 -32.85 -23.11 30.07
CA THR D 89 -33.82 -22.79 29.04
C THR D 89 -35.15 -22.19 29.51
N ALA D 90 -35.35 -21.86 30.77
CA ALA D 90 -36.62 -21.35 31.16
C ALA D 90 -36.78 -19.99 30.51
N VAL D 91 -38.03 -19.68 30.11
CA VAL D 91 -38.41 -18.45 29.47
C VAL D 91 -39.35 -17.65 30.34
N MET D 92 -39.10 -16.33 30.46
CA MET D 92 -39.98 -15.40 31.20
C MET D 92 -40.39 -14.29 30.21
N GLY D 93 -41.67 -14.24 29.88
CA GLY D 93 -42.17 -13.40 28.80
C GLY D 93 -41.69 -13.93 27.48
N SER D 94 -40.88 -13.17 26.76
CA SER D 94 -40.22 -13.61 25.50
C SER D 94 -38.69 -13.67 25.60
N ILE D 95 -38.11 -13.75 26.81
CA ILE D 95 -36.66 -13.93 26.92
C ILE D 95 -36.30 -15.11 27.86
N TYR D 96 -35.04 -15.58 27.81
CA TYR D 96 -34.58 -16.50 28.82
C TYR D 96 -34.61 -15.83 30.17
N GLN D 97 -34.99 -16.60 31.18
CA GLN D 97 -35.26 -16.01 32.46
C GLN D 97 -33.95 -15.51 33.12
N TYR D 98 -32.82 -16.11 32.75
CA TYR D 98 -31.58 -15.72 33.26
C TYR D 98 -31.32 -14.24 32.91
N ILE D 99 -31.80 -13.82 31.74
CA ILE D 99 -31.66 -12.45 31.29
C ILE D 99 -32.53 -11.49 32.08
N HIS D 100 -33.75 -11.91 32.38
CA HIS D 100 -34.60 -11.23 33.36
C HIS D 100 -33.97 -11.07 34.76
N VAL D 101 -33.25 -12.10 35.21
CA VAL D 101 -32.55 -12.05 36.47
C VAL D 101 -31.44 -10.96 36.50
N ALA D 102 -30.60 -10.95 35.47
CA ALA D 102 -29.58 -9.91 35.32
C ALA D 102 -30.21 -8.54 35.13
N PHE D 103 -31.25 -8.44 34.32
CA PHE D 103 -31.82 -7.13 34.09
C PHE D 103 -32.31 -6.53 35.41
N GLN D 104 -33.11 -7.29 36.14
CA GLN D 104 -33.67 -6.79 37.37
C GLN D 104 -32.63 -6.59 38.52
N GLY D 105 -31.55 -7.37 38.44
CA GLY D 105 -30.43 -7.25 39.35
C GLY D 105 -29.70 -5.94 39.13
N SER D 106 -29.57 -5.52 37.87
CA SER D 106 -28.93 -4.28 37.59
C SER D 106 -29.75 -3.11 38.11
N PHE D 107 -31.05 -3.31 38.26
CA PHE D 107 -31.91 -2.30 38.87
C PHE D 107 -31.61 -2.15 40.38
N ALA D 108 -31.40 -3.27 41.06
CA ALA D 108 -31.16 -3.21 42.47
C ALA D 108 -29.83 -2.49 42.70
N CYS D 109 -28.91 -2.73 41.77
CA CYS D 109 -27.59 -2.18 41.83
C CYS D 109 -27.55 -0.67 41.73
N ILE D 110 -28.20 -0.10 40.70
CA ILE D 110 -28.20 1.37 40.54
C ILE D 110 -28.95 2.02 41.71
N THR D 111 -30.00 1.36 42.18
CA THR D 111 -30.82 1.91 43.26
C THR D 111 -29.98 2.08 44.54
N VAL D 112 -29.24 1.03 44.88
CA VAL D 112 -28.32 1.05 45.97
C VAL D 112 -27.15 2.01 45.72
N GLY D 113 -26.60 2.02 44.51
CA GLY D 113 -25.52 2.93 44.18
C GLY D 113 -25.85 4.40 44.43
N LEU D 114 -27.10 4.74 44.14
CA LEU D 114 -27.65 6.03 44.38
C LEU D 114 -27.55 6.51 45.83
N ILE D 115 -27.93 5.61 46.70
CA ILE D 115 -27.93 5.85 48.12
C ILE D 115 -26.50 5.88 48.63
N VAL D 116 -25.74 4.84 48.26
CA VAL D 116 -24.39 4.64 48.77
C VAL D 116 -23.43 5.77 48.39
N GLY D 117 -23.57 6.30 47.19
CA GLY D 117 -22.69 7.34 46.75
C GLY D 117 -22.86 8.65 47.53
N ALA D 118 -24.06 8.86 48.08
CA ALA D 118 -24.35 10.06 48.82
C ALA D 118 -23.90 9.91 50.28
N LEU D 119 -24.14 8.73 50.85
CA LEU D 119 -23.81 8.45 52.26
C LEU D 119 -22.37 8.01 52.55
N ALA D 120 -21.55 7.84 51.51
CA ALA D 120 -20.16 7.43 51.70
C ALA D 120 -19.33 8.51 52.42
N GLU D 121 -18.46 8.06 53.33
CA GLU D 121 -17.67 8.96 54.21
C GLU D 121 -18.57 10.03 54.90
N ARG D 122 -19.78 9.64 55.30
CA ARG D 122 -20.63 10.40 56.23
C ARG D 122 -21.05 9.47 57.34
N ILE D 123 -21.62 8.34 56.95
CA ILE D 123 -21.74 7.19 57.83
C ILE D 123 -20.61 6.20 57.53
N ARG D 124 -20.16 5.55 58.57
CA ARG D 124 -19.10 4.55 58.54
C ARG D 124 -19.47 3.41 57.60
N PHE D 125 -18.46 2.82 57.00
CA PHE D 125 -18.65 1.82 55.94
C PHE D 125 -19.40 0.58 56.47
N SER D 126 -18.95 0.10 57.62
CA SER D 126 -19.66 -0.95 58.36
C SER D 126 -21.13 -0.71 58.36
N ALA D 127 -21.51 0.51 58.70
CA ALA D 127 -22.93 0.86 58.84
C ALA D 127 -23.69 0.94 57.49
N VAL D 128 -22.98 1.33 56.44
CA VAL D 128 -23.53 1.30 55.09
C VAL D 128 -23.90 -0.15 54.73
N LEU D 129 -22.99 -1.08 54.99
CA LEU D 129 -23.17 -2.49 54.62
C LEU D 129 -24.35 -3.12 55.34
N ILE D 130 -24.57 -2.76 56.60
CA ILE D 130 -25.70 -3.27 57.36
C ILE D 130 -26.99 -2.64 56.86
N PHE D 131 -26.90 -1.37 56.55
CA PHE D 131 -28.06 -0.68 55.99
C PHE D 131 -28.51 -1.27 54.64
N VAL D 132 -27.54 -1.49 53.76
CA VAL D 132 -27.76 -2.09 52.44
C VAL D 132 -28.46 -3.47 52.50
N VAL D 133 -27.92 -4.38 53.33
CA VAL D 133 -28.50 -5.71 53.51
C VAL D 133 -29.95 -5.64 54.02
N VAL D 134 -30.16 -4.80 55.03
CA VAL D 134 -31.46 -4.68 55.63
C VAL D 134 -32.48 -4.10 54.65
N TRP D 135 -32.10 -2.97 54.06
CA TRP D 135 -33.00 -2.20 53.22
C TRP D 135 -33.27 -2.83 51.83
N LEU D 136 -32.29 -3.50 51.25
CA LEU D 136 -32.50 -4.23 50.01
C LEU D 136 -33.48 -5.37 50.25
N THR D 137 -33.24 -6.10 51.32
CA THR D 137 -34.02 -7.26 51.65
C THR D 137 -35.44 -6.93 52.02
N LEU D 138 -35.61 -5.81 52.73
CA LEU D 138 -36.90 -5.53 53.36
C LEU D 138 -37.60 -4.32 52.79
N SER D 139 -36.93 -3.56 51.91
CA SER D 139 -37.59 -2.46 51.21
C SER D 139 -37.56 -2.62 49.72
N TYR D 140 -36.36 -2.75 49.13
CA TYR D 140 -36.26 -2.83 47.68
C TYR D 140 -37.06 -4.03 47.19
N ILE D 141 -36.78 -5.17 47.79
CA ILE D 141 -37.30 -6.43 47.33
C ILE D 141 -38.81 -6.53 47.42
N PRO D 142 -39.39 -6.24 48.57
CA PRO D 142 -40.84 -6.30 48.62
C PRO D 142 -41.54 -5.24 47.74
N ILE D 143 -40.99 -4.03 47.68
CA ILE D 143 -41.57 -3.01 46.80
C ILE D 143 -41.51 -3.38 45.32
N ALA D 144 -40.41 -3.99 44.86
CA ALA D 144 -40.39 -4.61 43.57
C ALA D 144 -41.44 -5.73 43.45
N HIS D 145 -41.68 -6.50 44.50
CA HIS D 145 -42.61 -7.62 44.42
C HIS D 145 -43.99 -7.06 44.26
N MET D 146 -44.27 -6.02 45.04
CA MET D 146 -45.58 -5.35 45.05
C MET D 146 -45.92 -4.74 43.67
N VAL D 147 -44.93 -4.13 43.01
CA VAL D 147 -45.16 -3.38 41.75
C VAL D 147 -44.94 -4.21 40.47
N TRP D 148 -43.88 -5.01 40.42
CA TRP D 148 -43.56 -5.80 39.23
C TRP D 148 -43.66 -7.32 39.44
N GLY D 149 -43.82 -7.79 40.68
CA GLY D 149 -43.87 -9.24 40.92
C GLY D 149 -45.25 -9.81 41.26
N GLY D 150 -46.32 -9.12 40.85
CA GLY D 150 -47.68 -9.61 41.06
C GLY D 150 -48.27 -9.37 42.43
N GLY D 151 -47.56 -8.63 43.29
CA GLY D 151 -48.08 -8.33 44.61
C GLY D 151 -49.16 -7.24 44.63
N LEU D 152 -49.19 -6.50 45.72
CA LEU D 152 -50.33 -5.68 46.05
C LEU D 152 -50.63 -4.55 45.00
N LEU D 153 -49.62 -3.75 44.67
CA LEU D 153 -49.81 -2.57 43.84
C LEU D 153 -50.09 -2.94 42.39
N ALA D 154 -49.39 -3.91 41.88
CA ALA D 154 -49.75 -4.53 40.59
C ALA D 154 -51.23 -5.09 40.48
N SER D 155 -51.73 -5.71 41.55
CA SER D 155 -53.11 -6.24 41.60
C SER D 155 -54.17 -5.17 41.65
N HIS D 156 -53.77 -3.96 42.04
CA HIS D 156 -54.67 -2.82 41.96
C HIS D 156 -54.42 -1.99 40.65
N GLY D 157 -53.63 -2.51 39.71
CA GLY D 157 -53.41 -1.78 38.44
C GLY D 157 -52.53 -0.53 38.55
N ALA D 158 -51.61 -0.50 39.52
CA ALA D 158 -50.63 0.59 39.59
C ALA D 158 -49.77 0.63 38.35
N LEU D 159 -49.54 1.83 37.84
CA LEU D 159 -48.75 2.07 36.64
C LEU D 159 -47.39 2.61 37.07
N ASP D 160 -46.35 1.84 36.79
CA ASP D 160 -44.99 2.28 37.04
C ASP D 160 -44.10 1.48 36.13
N PHE D 161 -43.79 2.03 34.95
CA PHE D 161 -43.15 1.31 33.86
C PHE D 161 -41.77 0.84 34.16
N ALA D 162 -40.97 1.76 34.68
CA ALA D 162 -39.60 1.46 35.00
C ALA D 162 -39.08 1.93 36.37
N GLY D 163 -39.95 2.35 37.29
CA GLY D 163 -39.54 2.42 38.71
C GLY D 163 -39.50 3.77 39.43
N GLY D 164 -40.54 4.59 39.19
CA GLY D 164 -40.71 5.77 39.95
C GLY D 164 -40.91 5.47 41.44
N THR D 165 -41.65 4.41 41.77
CA THR D 165 -41.79 4.02 43.16
C THR D 165 -40.61 3.15 43.59
N VAL D 166 -40.42 2.05 42.89
CA VAL D 166 -39.44 0.99 43.22
C VAL D 166 -37.99 1.47 43.32
N VAL D 167 -37.59 2.35 42.43
CA VAL D 167 -36.26 2.84 42.42
C VAL D 167 -36.20 4.22 43.06
N HIS D 168 -36.91 5.19 42.49
CA HIS D 168 -36.71 6.61 42.81
C HIS D 168 -37.27 7.08 44.13
N ILE D 169 -38.57 6.90 44.34
CA ILE D 169 -39.16 7.31 45.57
C ILE D 169 -38.55 6.49 46.70
N ASN D 170 -38.41 5.19 46.45
CA ASN D 170 -37.88 4.26 47.43
C ASN D 170 -36.52 4.72 47.94
N ALA D 171 -35.62 5.01 47.00
CA ALA D 171 -34.28 5.42 47.34
C ALA D 171 -34.20 6.82 47.89
N ALA D 172 -35.05 7.72 47.38
CA ALA D 172 -35.07 9.07 47.86
C ALA D 172 -35.36 9.12 49.38
N ILE D 173 -36.33 8.35 49.81
CA ILE D 173 -36.68 8.39 51.17
C ILE D 173 -35.70 7.68 52.09
N ALA D 174 -35.06 6.61 51.62
CA ALA D 174 -33.97 6.00 52.38
C ALA D 174 -32.81 6.99 52.59
N GLY D 175 -32.43 7.68 51.53
CA GLY D 175 -31.40 8.69 51.64
C GLY D 175 -31.76 9.83 52.58
N LEU D 176 -33.00 10.32 52.51
CA LEU D 176 -33.41 11.44 53.33
C LEU D 176 -33.49 11.05 54.81
N VAL D 177 -34.04 9.88 55.12
CA VAL D 177 -33.98 9.33 56.48
C VAL D 177 -32.53 9.23 56.98
N GLY D 178 -31.61 8.80 56.12
CA GLY D 178 -30.22 8.71 56.47
C GLY D 178 -29.60 10.07 56.73
N ALA D 179 -30.04 11.06 55.96
CA ALA D 179 -29.53 12.43 56.02
C ALA D 179 -30.02 13.14 57.27
N TYR D 180 -31.29 12.93 57.60
CA TYR D 180 -31.91 13.39 58.85
C TYR D 180 -31.22 12.79 60.08
N LEU D 181 -30.93 11.49 60.06
CA LEU D 181 -30.31 10.82 61.23
C LEU D 181 -28.83 11.16 61.44
N ILE D 182 -28.19 11.89 60.54
CA ILE D 182 -26.85 12.40 60.85
C ILE D 182 -26.93 13.81 61.41
N PRO D 195 -18.30 21.34 45.31
CA PRO D 195 -18.08 20.46 44.16
C PRO D 195 -16.78 20.81 43.48
N HIS D 196 -15.93 19.84 43.23
CA HIS D 196 -14.55 20.09 42.80
C HIS D 196 -14.22 19.69 41.34
N ASN D 197 -15.00 18.78 40.74
CA ASN D 197 -14.80 18.41 39.33
C ASN D 197 -16.11 18.35 38.54
N LEU D 198 -16.54 19.50 38.05
CA LEU D 198 -17.85 19.59 37.41
C LEU D 198 -17.88 18.84 36.08
N PRO D 199 -16.73 18.80 35.37
CA PRO D 199 -16.70 17.96 34.18
C PRO D 199 -16.91 16.47 34.48
N MET D 200 -16.51 16.04 35.65
CA MET D 200 -16.71 14.68 36.05
C MET D 200 -18.20 14.41 36.31
N VAL D 201 -18.88 15.40 36.85
CA VAL D 201 -20.32 15.35 37.08
C VAL D 201 -21.10 15.27 35.73
N PHE D 202 -20.64 16.03 34.72
CA PHE D 202 -21.22 16.01 33.41
C PHE D 202 -21.07 14.61 32.80
N THR D 203 -19.90 14.02 32.99
CA THR D 203 -19.59 12.73 32.43
C THR D 203 -20.49 11.65 33.03
N GLY D 204 -20.68 11.70 34.33
CA GLY D 204 -21.53 10.76 35.05
C GLY D 204 -22.98 10.89 34.61
N THR D 205 -23.43 12.14 34.52
CA THR D 205 -24.73 12.48 34.07
C THR D 205 -24.97 11.95 32.65
N ALA D 206 -23.97 12.12 31.78
CA ALA D 206 -24.05 11.65 30.40
C ALA D 206 -24.16 10.11 30.30
N ILE D 207 -23.28 9.41 31.04
CA ILE D 207 -23.35 7.98 31.17
C ILE D 207 -24.69 7.51 31.74
N LEU D 208 -25.19 8.21 32.74
CA LEU D 208 -26.47 7.89 33.34
C LEU D 208 -27.57 8.01 32.30
N TYR D 209 -27.48 9.03 31.46
CA TYR D 209 -28.45 9.25 30.43
C TYR D 209 -28.47 8.09 29.41
N ILE D 210 -27.31 7.70 28.93
CA ILE D 210 -27.19 6.71 27.87
C ILE D 210 -27.68 5.37 28.41
N GLY D 211 -27.23 5.07 29.61
CA GLY D 211 -27.67 3.88 30.26
C GLY D 211 -29.16 3.79 30.46
N TRP D 212 -29.80 4.94 30.70
CA TRP D 212 -31.18 4.98 31.10
C TRP D 212 -32.07 4.49 29.94
N PHE D 213 -31.54 4.50 28.73
CA PHE D 213 -32.26 3.97 27.58
C PHE D 213 -32.46 2.47 27.71
N GLY D 214 -31.45 1.80 28.24
CA GLY D 214 -31.59 0.40 28.61
C GLY D 214 -32.56 0.22 29.77
N PHE D 215 -32.43 1.11 30.73
CA PHE D 215 -33.36 1.10 31.86
C PHE D 215 -34.84 1.21 31.42
N ASN D 216 -35.13 2.28 30.72
CA ASN D 216 -36.47 2.64 30.38
C ASN D 216 -37.07 1.79 29.23
N ALA D 217 -36.38 1.69 28.10
CA ALA D 217 -36.87 0.86 27.00
C ALA D 217 -36.86 -0.63 27.37
N GLY D 218 -35.82 -1.06 28.07
CA GLY D 218 -35.64 -2.46 28.43
C GLY D 218 -36.71 -2.94 29.34
N SER D 219 -37.41 -1.98 29.98
CA SER D 219 -38.45 -2.33 30.91
C SER D 219 -39.70 -2.81 30.19
N ALA D 220 -39.74 -2.68 28.87
CA ALA D 220 -40.77 -3.29 28.07
C ALA D 220 -40.60 -4.76 27.93
N GLY D 221 -39.33 -5.24 27.99
CA GLY D 221 -39.02 -6.66 28.00
C GLY D 221 -38.87 -7.25 26.62
N THR D 222 -38.93 -6.38 25.62
CA THR D 222 -38.91 -6.88 24.24
C THR D 222 -38.68 -5.71 23.36
N ALA D 223 -38.05 -5.90 22.21
CA ALA D 223 -37.84 -4.82 21.29
C ALA D 223 -39.06 -4.53 20.41
N ASN D 224 -40.12 -4.04 21.03
CA ASN D 224 -41.36 -3.79 20.33
C ASN D 224 -41.68 -2.29 20.38
N GLU D 225 -42.95 -1.94 20.16
CA GLU D 225 -43.32 -0.56 19.95
C GLU D 225 -43.43 0.15 21.24
N ILE D 226 -43.70 -0.59 22.33
CA ILE D 226 -43.67 -0.05 23.67
C ILE D 226 -42.21 0.38 24.06
N ALA D 227 -41.18 -0.40 23.64
CA ALA D 227 -39.82 -0.01 23.93
C ALA D 227 -39.49 1.22 23.08
N ALA D 228 -39.91 1.22 21.85
CA ALA D 228 -39.73 2.40 21.04
C ALA D 228 -40.38 3.64 21.64
N LEU D 229 -41.60 3.50 22.13
CA LEU D 229 -42.24 4.61 22.79
C LEU D 229 -41.42 5.10 24.00
N ALA D 230 -40.97 4.16 24.79
CA ALA D 230 -40.27 4.43 25.98
C ALA D 230 -38.98 5.13 25.66
N PHE D 231 -38.39 4.75 24.54
CA PHE D 231 -37.13 5.32 24.06
C PHE D 231 -37.32 6.79 23.69
N VAL D 232 -38.24 7.02 22.79
CA VAL D 232 -38.56 8.36 22.33
C VAL D 232 -38.97 9.29 23.50
N ASN D 233 -39.68 8.77 24.47
CA ASN D 233 -40.20 9.58 25.53
C ASN D 233 -39.08 9.99 26.47
N THR D 234 -38.06 9.14 26.57
CA THR D 234 -36.91 9.39 27.35
C THR D 234 -36.12 10.52 26.77
N VAL D 235 -35.96 10.51 25.45
CA VAL D 235 -35.25 11.56 24.73
C VAL D 235 -35.92 12.89 25.03
N VAL D 236 -37.24 12.89 24.85
CA VAL D 236 -38.05 14.10 24.87
C VAL D 236 -38.22 14.69 26.27
N ALA D 237 -38.54 13.86 27.23
CA ALA D 237 -38.77 14.33 28.56
C ALA D 237 -37.47 14.84 29.23
N THR D 238 -36.33 14.26 28.86
CA THR D 238 -35.06 14.69 29.36
C THR D 238 -34.70 16.06 28.82
N ALA D 239 -35.00 16.27 27.55
CA ALA D 239 -34.64 17.48 26.88
C ALA D 239 -35.51 18.57 27.47
N ALA D 240 -36.80 18.30 27.60
CA ALA D 240 -37.73 19.29 28.13
C ALA D 240 -37.43 19.68 29.59
N ALA D 241 -36.98 18.73 30.40
CA ALA D 241 -36.53 19.00 31.75
C ALA D 241 -35.23 19.80 31.83
N ILE D 242 -34.28 19.50 30.98
CA ILE D 242 -33.07 20.29 30.90
C ILE D 242 -33.45 21.75 30.72
N LEU D 243 -34.35 22.03 29.78
CA LEU D 243 -34.74 23.39 29.44
C LEU D 243 -35.59 23.96 30.58
N GLY D 244 -36.53 23.16 31.07
CA GLY D 244 -37.36 23.54 32.22
C GLY D 244 -36.51 24.08 33.36
N TRP D 245 -35.58 23.26 33.84
CA TRP D 245 -34.72 23.64 34.93
C TRP D 245 -33.88 24.86 34.59
N ILE D 246 -33.26 24.84 33.42
CA ILE D 246 -32.34 25.88 32.99
C ILE D 246 -32.99 27.27 32.90
N PHE D 247 -34.26 27.32 32.49
CA PHE D 247 -35.00 28.56 32.39
C PHE D 247 -35.35 29.00 33.79
N GLY D 248 -35.73 28.06 34.64
CA GLY D 248 -36.01 28.34 36.03
C GLY D 248 -34.80 28.91 36.75
N GLU D 249 -33.61 28.42 36.42
CA GLU D 249 -32.38 28.81 37.11
C GLU D 249 -31.88 30.17 36.64
N TRP D 250 -31.95 30.41 35.34
CA TRP D 250 -31.73 31.72 34.76
C TRP D 250 -32.59 32.78 35.45
N ALA D 251 -33.85 32.45 35.67
CA ALA D 251 -34.77 33.37 36.32
C ALA D 251 -34.35 33.58 37.77
N LEU D 252 -34.27 32.50 38.52
CA LEU D 252 -34.03 32.55 39.95
C LEU D 252 -32.68 33.18 40.34
N ARG D 253 -31.66 32.98 39.52
CA ARG D 253 -30.30 33.35 39.87
C ARG D 253 -29.59 34.22 38.83
N GLY D 254 -30.24 34.56 37.71
CA GLY D 254 -29.62 35.41 36.67
C GLY D 254 -28.67 34.73 35.69
N LYS D 255 -28.01 33.64 36.12
CA LYS D 255 -27.12 32.84 35.28
C LYS D 255 -27.59 31.36 35.31
N PRO D 256 -27.46 30.64 34.18
CA PRO D 256 -27.67 29.19 34.20
C PRO D 256 -26.34 28.48 34.37
N SER D 257 -26.31 27.37 35.11
CA SER D 257 -25.05 26.61 35.36
C SER D 257 -25.03 25.17 34.77
N LEU D 258 -23.82 24.64 34.62
CA LEU D 258 -23.60 23.26 34.19
C LEU D 258 -24.30 22.25 35.12
N LEU D 259 -24.18 22.46 36.43
CA LEU D 259 -24.81 21.57 37.42
C LEU D 259 -26.37 21.66 37.32
N GLY D 260 -26.87 22.80 36.86
CA GLY D 260 -28.31 22.97 36.62
C GLY D 260 -28.79 22.21 35.39
N ALA D 261 -28.02 22.31 34.32
CA ALA D 261 -28.23 21.51 33.10
C ALA D 261 -28.25 19.98 33.42
N CYS D 262 -27.26 19.50 34.14
CA CYS D 262 -27.19 18.10 34.57
C CYS D 262 -28.32 17.66 35.50
N SER D 263 -28.72 18.54 36.42
CA SER D 263 -29.77 18.25 37.37
C SER D 263 -31.10 18.15 36.65
N GLY D 264 -31.30 19.01 35.66
CA GLY D 264 -32.51 19.01 34.88
C GLY D 264 -32.64 17.71 34.11
N ALA D 265 -31.52 17.29 33.51
CA ALA D 265 -31.48 16.05 32.77
C ALA D 265 -31.96 14.94 33.69
N ILE D 266 -31.34 14.85 34.88
CA ILE D 266 -31.71 13.82 35.85
C ILE D 266 -33.18 13.90 36.24
N ALA D 267 -33.71 15.11 36.29
CA ALA D 267 -35.07 15.34 36.74
C ALA D 267 -36.08 14.80 35.72
N GLY D 268 -35.79 15.00 34.46
CA GLY D 268 -36.64 14.51 33.38
C GLY D 268 -36.60 13.03 33.24
N LEU D 269 -35.42 12.50 33.38
CA LEU D 269 -35.23 11.06 33.40
C LEU D 269 -35.96 10.42 34.49
N VAL D 270 -35.85 11.01 35.67
CA VAL D 270 -36.61 10.44 36.82
C VAL D 270 -38.08 10.55 36.54
N GLY D 271 -38.47 11.75 36.16
CA GLY D 271 -39.90 12.04 35.98
C GLY D 271 -40.53 11.13 34.96
N VAL D 272 -39.76 10.77 33.95
CA VAL D 272 -40.31 9.97 32.87
C VAL D 272 -40.25 8.45 33.13
N THR D 273 -39.53 8.08 34.18
CA THR D 273 -39.29 6.66 34.49
C THR D 273 -40.58 5.89 34.66
N PRO D 274 -41.55 6.44 35.38
CA PRO D 274 -42.74 5.63 35.60
C PRO D 274 -43.67 5.64 34.43
N ALA D 275 -43.52 6.68 33.62
CA ALA D 275 -44.48 7.08 32.59
C ALA D 275 -44.13 6.60 31.23
N CYS D 276 -42.87 6.23 31.02
CA CYS D 276 -42.31 6.27 29.69
C CYS D 276 -43.00 5.35 28.67
N GLY D 277 -43.44 4.18 29.07
CA GLY D 277 -44.08 3.27 28.14
C GLY D 277 -45.58 3.27 28.20
N TYR D 278 -46.16 4.28 28.85
CA TYR D 278 -47.59 4.42 28.95
C TYR D 278 -48.13 5.71 28.32
N ILE D 279 -47.26 6.69 28.08
CA ILE D 279 -47.72 8.00 27.65
C ILE D 279 -47.28 8.33 26.26
N GLY D 280 -47.93 9.33 25.63
CA GLY D 280 -47.62 9.81 24.29
C GLY D 280 -46.54 10.86 24.39
N VAL D 281 -45.96 11.22 23.26
CA VAL D 281 -44.79 12.04 23.28
C VAL D 281 -45.12 13.49 23.73
N GLY D 282 -46.32 13.96 23.43
CA GLY D 282 -46.82 15.26 23.96
C GLY D 282 -46.86 15.23 25.48
N GLY D 283 -47.40 14.14 26.02
CA GLY D 283 -47.32 13.84 27.46
C GLY D 283 -45.91 14.00 27.99
N ALA D 284 -44.92 13.48 27.26
CA ALA D 284 -43.58 13.36 27.79
C ALA D 284 -42.94 14.72 27.87
N LEU D 285 -43.28 15.57 26.92
CA LEU D 285 -42.77 16.94 26.86
C LEU D 285 -43.28 17.74 28.08
N ILE D 286 -44.55 17.55 28.40
CA ILE D 286 -45.16 18.15 29.58
C ILE D 286 -44.55 17.62 30.88
N ILE D 287 -44.35 16.31 30.96
CA ILE D 287 -43.86 15.70 32.15
C ILE D 287 -42.45 16.18 32.42
N GLY D 288 -41.69 16.32 31.34
CA GLY D 288 -40.34 16.77 31.44
C GLY D 288 -40.28 18.19 31.99
N VAL D 289 -41.05 19.09 31.37
CA VAL D 289 -41.10 20.48 31.79
C VAL D 289 -41.43 20.58 33.27
N VAL D 290 -42.49 19.92 33.68
CA VAL D 290 -42.96 20.00 35.05
C VAL D 290 -41.93 19.38 35.99
N ALA D 291 -41.37 18.23 35.58
CA ALA D 291 -40.41 17.55 36.43
C ALA D 291 -39.15 18.40 36.61
N GLY D 292 -38.74 19.07 35.55
CA GLY D 292 -37.58 19.94 35.59
C GLY D 292 -37.79 21.08 36.59
N LEU D 293 -38.95 21.72 36.51
CA LEU D 293 -39.31 22.79 37.46
C LEU D 293 -39.51 22.27 38.90
N ALA D 294 -40.26 21.19 39.06
CA ALA D 294 -40.48 20.60 40.39
C ALA D 294 -39.16 20.22 41.07
N GLY D 295 -38.19 19.72 40.29
CA GLY D 295 -36.89 19.40 40.82
C GLY D 295 -36.11 20.66 41.20
N LEU D 296 -36.22 21.73 40.42
CA LEU D 296 -35.55 22.97 40.80
C LEU D 296 -36.16 23.51 42.10
N TRP D 297 -37.49 23.49 42.20
CA TRP D 297 -38.23 23.78 43.43
C TRP D 297 -37.71 22.97 44.62
N GLY D 298 -37.78 21.64 44.50
CA GLY D 298 -37.29 20.69 45.50
C GLY D 298 -35.94 21.02 46.10
N VAL D 299 -34.92 21.21 45.27
CA VAL D 299 -33.58 21.53 45.80
C VAL D 299 -33.49 22.92 46.43
N THR D 300 -34.15 23.90 45.81
CA THR D 300 -34.18 25.25 46.33
C THR D 300 -34.76 25.32 47.73
N MET D 301 -35.92 24.69 47.93
CA MET D 301 -36.45 24.45 49.29
C MET D 301 -35.35 23.91 50.25
N LEU D 302 -34.83 22.69 49.99
CA LEU D 302 -33.73 22.12 50.80
C LEU D 302 -32.50 23.04 50.79
N ASP D 310 -25.43 20.32 49.66
CA ASP D 310 -25.24 19.04 50.32
C ASP D 310 -25.69 17.95 49.35
N PRO D 311 -24.75 17.16 48.78
CA PRO D 311 -25.10 16.06 47.87
C PRO D 311 -26.40 15.27 48.12
N CYS D 312 -26.96 15.34 49.34
CA CYS D 312 -28.29 14.77 49.62
C CYS D 312 -29.49 15.59 49.12
N ASP D 313 -29.22 16.68 48.42
CA ASP D 313 -30.19 17.33 47.54
C ASP D 313 -30.60 16.41 46.40
N VAL D 314 -29.68 15.51 46.01
CA VAL D 314 -29.96 14.52 44.99
C VAL D 314 -31.23 13.76 45.35
N PHE D 315 -31.43 13.44 46.62
CA PHE D 315 -32.60 12.71 47.01
C PHE D 315 -33.86 13.54 46.87
N GLY D 316 -33.73 14.86 47.02
CA GLY D 316 -34.86 15.75 46.81
C GLY D 316 -35.42 15.56 45.40
N VAL D 317 -34.53 15.61 44.41
CA VAL D 317 -34.87 15.44 43.02
C VAL D 317 -35.43 14.04 42.73
N HIS D 318 -34.79 12.98 43.21
CA HIS D 318 -35.39 11.67 42.95
C HIS D 318 -36.76 11.53 43.54
N GLY D 319 -36.98 12.18 44.68
CA GLY D 319 -38.22 12.08 45.43
C GLY D 319 -39.32 12.92 44.80
N VAL D 320 -39.05 14.19 44.58
CA VAL D 320 -40.07 15.04 44.08
C VAL D 320 -40.46 14.61 42.67
N CYS D 321 -39.46 14.43 41.82
CA CYS D 321 -39.66 14.10 40.43
C CYS D 321 -40.24 12.70 40.26
N GLY D 322 -39.91 11.81 41.20
CA GLY D 322 -40.55 10.50 41.28
C GLY D 322 -42.03 10.57 41.57
N ILE D 323 -42.39 11.45 42.50
CA ILE D 323 -43.80 11.64 42.85
C ILE D 323 -44.52 12.32 41.69
N VAL D 324 -43.90 13.35 41.14
CA VAL D 324 -44.46 14.03 39.97
C VAL D 324 -44.77 13.02 38.85
N GLY D 325 -43.79 12.17 38.53
CA GLY D 325 -43.92 11.26 37.43
C GLY D 325 -44.95 10.17 37.64
N CYS D 326 -45.07 9.67 38.87
CA CYS D 326 -46.11 8.69 39.22
C CYS D 326 -47.51 9.26 39.20
N ILE D 327 -47.64 10.53 39.56
CA ILE D 327 -48.93 11.19 39.44
C ILE D 327 -49.26 11.37 37.96
N MET D 328 -48.33 11.95 37.22
CA MET D 328 -48.63 12.30 35.85
C MET D 328 -48.88 11.05 34.96
N THR D 329 -48.33 9.92 35.35
CA THR D 329 -48.57 8.69 34.63
C THR D 329 -50.08 8.37 34.66
N GLY D 330 -50.72 8.70 35.77
CA GLY D 330 -52.14 8.42 35.96
C GLY D 330 -53.07 9.32 35.20
N ILE D 331 -52.56 10.47 34.78
CA ILE D 331 -53.26 11.36 33.87
C ILE D 331 -52.99 10.99 32.41
N PHE D 332 -51.71 10.98 32.02
CA PHE D 332 -51.32 10.99 30.60
C PHE D 332 -51.29 9.62 29.95
N ALA D 333 -51.51 8.59 30.74
CA ALA D 333 -51.74 7.26 30.23
C ALA D 333 -53.06 7.20 29.49
N ALA D 334 -53.90 8.21 29.66
CA ALA D 334 -55.26 8.17 29.11
C ALA D 334 -55.15 8.31 27.62
N SER D 335 -56.00 7.58 26.90
CA SER D 335 -55.88 7.48 25.45
C SER D 335 -56.30 8.80 24.82
N SER D 336 -57.22 9.49 25.45
CA SER D 336 -57.60 10.79 24.96
C SER D 336 -56.46 11.82 25.13
N LEU D 337 -55.47 11.56 25.98
CA LEU D 337 -54.29 12.49 26.10
C LEU D 337 -53.11 11.98 25.32
N GLY D 338 -53.32 10.96 24.49
CA GLY D 338 -52.18 10.45 23.72
C GLY D 338 -51.47 9.24 24.29
N GLY D 339 -51.80 8.84 25.50
CA GLY D 339 -51.24 7.60 26.07
C GLY D 339 -51.73 6.28 25.48
N VAL D 340 -51.25 5.14 26.03
CA VAL D 340 -51.65 3.82 25.56
C VAL D 340 -53.06 3.38 26.00
N GLY D 341 -53.63 4.09 26.96
CA GLY D 341 -54.91 3.76 27.54
C GLY D 341 -54.86 3.07 28.87
N PHE D 342 -55.81 3.40 29.74
CA PHE D 342 -55.99 2.66 31.00
C PHE D 342 -56.50 1.27 30.70
N ALA D 343 -56.32 0.36 31.65
CA ALA D 343 -56.93 -0.98 31.63
C ALA D 343 -58.47 -0.91 31.52
N GLU D 344 -59.10 -1.95 31.02
CA GLU D 344 -60.55 -1.95 30.78
C GLU D 344 -61.35 -1.58 32.04
N GLY D 345 -62.30 -0.65 31.91
CA GLY D 345 -63.12 -0.18 33.03
C GLY D 345 -62.50 0.80 34.05
N VAL D 346 -61.28 1.26 33.82
CA VAL D 346 -60.58 2.13 34.77
C VAL D 346 -60.76 3.60 34.34
N THR D 347 -61.11 4.45 35.30
CA THR D 347 -61.24 5.86 35.01
C THR D 347 -59.95 6.59 35.45
N MET D 348 -59.72 7.75 34.89
CA MET D 348 -58.58 8.53 35.32
C MET D 348 -58.58 8.71 36.86
N GLY D 349 -59.76 8.95 37.44
CA GLY D 349 -59.90 9.31 38.90
C GLY D 349 -59.58 8.15 39.82
N HIS D 350 -60.14 6.99 39.48
CA HIS D 350 -59.63 5.76 40.04
C HIS D 350 -58.11 5.55 39.85
N GLN D 351 -57.61 5.70 38.64
CA GLN D 351 -56.20 5.42 38.44
C GLN D 351 -55.32 6.37 39.27
N LEU D 352 -55.69 7.64 39.35
CA LEU D 352 -54.90 8.60 40.10
C LEU D 352 -54.92 8.23 41.57
N LEU D 353 -56.00 7.59 41.99
CA LEU D 353 -56.15 7.21 43.39
C LEU D 353 -55.16 6.12 43.71
N VAL D 354 -55.10 5.12 42.84
CA VAL D 354 -54.07 4.04 42.89
C VAL D 354 -52.61 4.54 42.80
N GLN D 355 -52.35 5.54 41.99
CA GLN D 355 -51.00 6.12 41.93
C GLN D 355 -50.62 6.76 43.27
N LEU D 356 -51.56 7.53 43.83
CA LEU D 356 -51.39 8.15 45.17
C LEU D 356 -51.19 7.12 46.31
N GLU D 357 -52.02 6.08 46.34
CA GLU D 357 -51.88 5.00 47.32
C GLU D 357 -50.49 4.34 47.18
N SER D 358 -50.03 4.14 45.94
CA SER D 358 -48.74 3.51 45.67
C SER D 358 -47.56 4.36 46.15
N ILE D 359 -47.67 5.65 45.92
CA ILE D 359 -46.68 6.59 46.38
C ILE D 359 -46.60 6.61 47.90
N ALA D 360 -47.77 6.65 48.52
CA ALA D 360 -47.91 6.76 49.97
C ALA D 360 -47.30 5.57 50.70
N ILE D 361 -47.70 4.39 50.23
CA ILE D 361 -47.21 3.12 50.76
C ILE D 361 -45.69 2.99 50.61
N THR D 362 -45.19 3.38 49.43
CA THR D 362 -43.76 3.33 49.15
C THR D 362 -42.96 4.20 50.12
N ILE D 363 -43.47 5.40 50.36
CA ILE D 363 -42.81 6.34 51.26
C ILE D 363 -42.75 5.83 52.70
N VAL D 364 -43.89 5.41 53.24
CA VAL D 364 -43.95 4.87 54.59
C VAL D 364 -43.05 3.65 54.69
N TRP D 365 -43.37 2.61 53.91
CA TRP D 365 -42.57 1.37 53.92
C TRP D 365 -41.03 1.55 53.93
N SER D 366 -40.54 2.45 53.12
CA SER D 366 -39.11 2.65 52.96
C SER D 366 -38.57 3.53 54.09
N GLY D 367 -39.38 4.51 54.51
CA GLY D 367 -39.08 5.32 55.71
C GLY D 367 -38.87 4.44 56.93
N VAL D 368 -39.81 3.53 57.14
CA VAL D 368 -39.78 2.66 58.30
C VAL D 368 -38.59 1.72 58.21
N VAL D 369 -38.41 1.08 57.05
CA VAL D 369 -37.33 0.08 56.87
C VAL D 369 -35.96 0.76 56.92
N ALA D 370 -35.81 1.91 56.30
CA ALA D 370 -34.57 2.70 56.40
C ALA D 370 -34.25 3.03 57.86
N PHE D 371 -35.26 3.44 58.61
CA PHE D 371 -35.09 3.76 60.01
C PHE D 371 -34.54 2.55 60.75
N ILE D 372 -35.22 1.42 60.63
CA ILE D 372 -34.81 0.16 61.24
C ILE D 372 -33.40 -0.22 60.88
N GLY D 373 -33.03 -0.01 59.61
CA GLY D 373 -31.70 -0.38 59.16
C GLY D 373 -30.61 0.50 59.73
N TYR D 374 -30.83 1.80 59.70
CA TYR D 374 -29.87 2.72 60.25
C TYR D 374 -29.67 2.49 61.76
N LYS D 375 -30.77 2.28 62.48
CA LYS D 375 -30.72 2.11 63.94
C LYS D 375 -29.96 0.86 64.26
N LEU D 376 -30.38 -0.27 63.70
CA LEU D 376 -29.62 -1.51 63.82
C LEU D 376 -28.12 -1.32 63.56
N ALA D 377 -27.76 -0.51 62.55
CA ALA D 377 -26.37 -0.15 62.33
C ALA D 377 -25.81 0.73 63.46
N ASP D 378 -26.60 1.70 63.92
CA ASP D 378 -26.14 2.69 64.90
C ASP D 378 -25.82 1.96 66.19
N LEU D 379 -26.74 1.10 66.61
CA LEU D 379 -26.63 0.40 67.86
C LEU D 379 -25.55 -0.68 67.81
N THR D 380 -25.06 -1.02 66.62
CA THR D 380 -24.12 -2.13 66.45
C THR D 380 -22.71 -1.65 66.23
N VAL D 381 -22.56 -0.70 65.32
CA VAL D 381 -21.25 -0.14 64.99
C VAL D 381 -21.19 1.37 65.10
N GLY D 382 -22.34 1.99 65.36
CA GLY D 382 -22.49 3.43 65.23
C GLY D 382 -22.33 4.05 63.84
N LEU D 383 -22.99 5.17 63.61
CA LEU D 383 -23.02 5.85 62.31
C LEU D 383 -21.92 6.87 62.04
N ARG D 384 -20.97 7.04 62.95
CA ARG D 384 -19.96 8.06 62.81
C ARG D 384 -18.64 7.45 62.33
N VAL D 385 -17.71 8.29 61.89
CA VAL D 385 -16.49 7.77 61.29
C VAL D 385 -15.42 7.49 62.36
N GLY E 1 -12.42 -14.80 -34.98
CA GLY E 1 -11.93 -15.52 -33.81
C GLY E 1 -11.06 -14.62 -32.95
N ALA E 2 -10.50 -15.22 -31.90
CA ALA E 2 -9.63 -14.55 -30.95
C ALA E 2 -8.34 -14.05 -31.60
N SER E 3 -7.88 -12.91 -31.13
CA SER E 3 -6.52 -12.46 -31.45
C SER E 3 -5.48 -13.41 -30.85
N VAL E 4 -4.46 -13.72 -31.64
CA VAL E 4 -3.36 -14.60 -31.28
C VAL E 4 -2.06 -13.78 -31.34
N ALA E 5 -1.17 -13.94 -30.37
CA ALA E 5 0.03 -13.10 -30.36
C ALA E 5 0.98 -13.74 -31.28
N ASP E 6 1.69 -12.93 -32.01
CA ASP E 6 2.77 -13.39 -32.81
C ASP E 6 4.08 -13.21 -32.02
N LYS E 7 4.86 -14.29 -31.87
CA LYS E 7 5.97 -14.28 -31.00
C LYS E 7 7.11 -13.38 -31.43
N ALA E 8 7.22 -13.15 -32.74
CA ALA E 8 8.20 -12.25 -33.25
C ALA E 8 7.85 -10.85 -32.82
N ASP E 9 6.58 -10.54 -32.84
CA ASP E 9 6.15 -9.20 -32.46
C ASP E 9 6.31 -9.03 -30.93
N ASN E 10 6.00 -10.05 -30.14
CA ASN E 10 6.24 -10.00 -28.71
C ASN E 10 7.74 -9.66 -28.41
N ALA E 11 8.63 -10.42 -29.07
CA ALA E 11 10.05 -10.33 -28.92
C ALA E 11 10.49 -8.93 -29.31
N PHE E 12 10.17 -8.51 -30.53
CA PHE E 12 10.43 -7.18 -30.96
C PHE E 12 10.03 -6.10 -29.96
N MET E 13 8.82 -6.22 -29.45
CA MET E 13 8.31 -5.18 -28.61
C MET E 13 8.85 -5.14 -27.14
N MET E 14 9.20 -6.30 -26.59
CA MET E 14 9.81 -6.35 -25.32
C MET E 14 11.20 -5.70 -25.44
N ILE E 15 11.94 -5.97 -26.51
CA ILE E 15 13.25 -5.37 -26.68
C ILE E 15 13.07 -3.86 -26.91
N CYS E 16 12.14 -3.46 -27.77
CA CYS E 16 11.86 -2.03 -27.96
C CYS E 16 11.54 -1.35 -26.62
N THR E 17 10.76 -2.02 -25.77
CA THR E 17 10.42 -1.51 -24.48
C THR E 17 11.67 -1.25 -23.59
N ALA E 18 12.58 -2.21 -23.54
CA ALA E 18 13.77 -2.11 -22.77
C ALA E 18 14.62 -0.95 -23.31
N LEU E 19 14.63 -0.77 -24.61
CA LEU E 19 15.36 0.35 -25.26
C LEU E 19 14.80 1.74 -24.86
N VAL E 20 13.49 1.83 -24.70
CA VAL E 20 12.90 3.08 -24.30
C VAL E 20 13.14 3.32 -22.83
N LEU E 21 13.13 2.28 -22.00
CA LEU E 21 13.45 2.44 -20.59
C LEU E 21 14.90 2.96 -20.43
N PHE E 22 15.78 2.41 -21.26
CA PHE E 22 17.17 2.79 -21.42
C PHE E 22 17.35 4.27 -21.68
N MET E 23 16.40 4.89 -22.36
CA MET E 23 16.46 6.31 -22.67
C MET E 23 16.29 7.17 -21.44
N THR E 24 15.58 6.67 -20.45
CA THR E 24 15.41 7.40 -19.22
C THR E 24 16.53 7.03 -18.24
N ILE E 25 16.76 5.73 -18.07
CA ILE E 25 17.72 5.16 -17.15
C ILE E 25 18.76 4.42 -17.98
N PRO E 26 19.86 5.09 -18.35
CA PRO E 26 20.34 6.39 -17.84
C PRO E 26 20.33 7.53 -18.85
N GLY E 27 19.87 7.27 -20.05
CA GLY E 27 19.93 8.27 -21.11
C GLY E 27 19.68 9.74 -20.73
N ILE E 28 18.49 10.04 -20.26
CA ILE E 28 18.11 11.42 -20.05
C ILE E 28 18.89 11.94 -18.81
N ALA E 29 19.13 11.05 -17.87
CA ALA E 29 19.81 11.44 -16.64
C ALA E 29 21.24 11.89 -16.93
N LEU E 30 21.95 11.19 -17.80
CA LEU E 30 23.30 11.58 -18.25
C LEU E 30 23.32 12.79 -19.15
N PHE E 31 22.30 12.96 -19.96
CA PHE E 31 22.16 14.16 -20.79
C PHE E 31 22.06 15.44 -19.92
N TYR E 32 21.14 15.44 -18.97
CA TYR E 32 21.01 16.57 -18.08
C TYR E 32 22.21 16.64 -17.12
N GLY E 33 22.74 15.49 -16.72
CA GLY E 33 23.87 15.43 -15.80
C GLY E 33 25.05 16.26 -16.24
N GLY E 34 25.34 16.30 -17.53
CA GLY E 34 26.47 17.08 -18.04
C GLY E 34 26.11 18.49 -18.46
N LEU E 35 24.82 18.80 -18.47
CA LEU E 35 24.37 20.14 -18.79
C LEU E 35 24.30 21.03 -17.53
N ILE E 36 23.82 20.50 -16.41
CA ILE E 36 23.49 21.32 -15.26
C ILE E 36 24.74 21.54 -14.41
N ARG E 37 24.69 22.44 -13.41
CA ARG E 37 25.87 22.76 -12.59
C ARG E 37 26.21 21.57 -11.68
N GLY E 38 27.50 21.20 -11.64
CA GLY E 38 28.01 20.04 -10.83
C GLY E 38 27.48 19.85 -9.40
N LYS E 39 27.24 20.96 -8.70
CA LYS E 39 26.71 20.94 -7.34
C LYS E 39 25.29 20.34 -7.30
N ASN E 40 24.64 20.29 -8.44
CA ASN E 40 23.26 19.83 -8.55
C ASN E 40 23.05 18.43 -9.20
N VAL E 41 24.12 17.75 -9.61
CA VAL E 41 23.96 16.51 -10.39
C VAL E 41 23.40 15.37 -9.53
N LEU E 42 24.03 15.13 -8.37
CA LEU E 42 23.66 14.01 -7.50
C LEU E 42 22.20 14.03 -7.13
N SER E 43 21.70 15.23 -6.90
CA SER E 43 20.32 15.41 -6.54
C SER E 43 19.35 15.26 -7.75
N MET E 44 19.78 15.75 -8.91
CA MET E 44 19.03 15.60 -10.16
C MET E 44 18.87 14.12 -10.55
N LEU E 45 19.96 13.36 -10.47
CA LEU E 45 19.96 11.90 -10.75
C LEU E 45 19.04 11.14 -9.83
N THR E 46 18.98 11.57 -8.57
CA THR E 46 18.10 10.98 -7.58
C THR E 46 16.64 11.26 -7.84
N GLN E 47 16.34 12.46 -8.32
CA GLN E 47 14.96 12.86 -8.55
C GLN E 47 14.40 12.25 -9.83
N VAL E 48 15.28 11.93 -10.76
CA VAL E 48 14.87 11.28 -12.02
C VAL E 48 14.58 9.83 -11.72
N THR E 49 15.46 9.24 -10.92
CA THR E 49 15.30 7.85 -10.52
C THR E 49 14.03 7.62 -9.71
N VAL E 50 13.74 8.50 -8.75
CA VAL E 50 12.58 8.36 -7.87
C VAL E 50 11.25 8.61 -8.57
N THR E 51 11.20 9.64 -9.42
CA THR E 51 10.00 9.93 -10.17
C THR E 51 9.75 8.93 -11.31
N PHE E 52 10.82 8.38 -11.85
CA PHE E 52 10.72 7.25 -12.75
C PHE E 52 9.97 6.12 -12.01
N ALA E 53 10.46 5.77 -10.83
CA ALA E 53 9.79 4.73 -10.01
C ALA E 53 8.34 5.03 -9.77
N LEU E 54 8.09 6.27 -9.41
CA LEU E 54 6.73 6.71 -9.13
C LEU E 54 5.83 6.55 -10.37
N VAL E 55 6.34 6.96 -11.52
CA VAL E 55 5.55 6.83 -12.73
C VAL E 55 5.23 5.37 -13.09
N CYS E 56 6.22 4.49 -12.95
CA CYS E 56 6.01 3.08 -13.15
C CYS E 56 4.86 2.60 -12.26
N ILE E 57 4.84 3.00 -11.00
CA ILE E 57 3.78 2.53 -10.10
C ILE E 57 2.44 3.04 -10.54
N LEU E 58 2.37 4.35 -10.80
CA LEU E 58 1.08 4.97 -11.10
C LEU E 58 0.49 4.39 -12.40
N TRP E 59 1.37 4.06 -13.31
CA TRP E 59 1.01 3.50 -14.59
C TRP E 59 0.27 2.19 -14.44
N VAL E 60 0.83 1.23 -13.69
CA VAL E 60 0.14 -0.05 -13.50
C VAL E 60 -1.05 0.03 -12.60
N VAL E 61 -1.00 0.90 -11.57
CA VAL E 61 -2.16 1.07 -10.70
C VAL E 61 -3.39 1.48 -11.48
N TYR E 62 -3.31 2.64 -12.15
CA TYR E 62 -4.47 3.21 -12.86
C TYR E 62 -4.15 3.85 -14.20
N GLY E 63 -2.89 4.24 -14.41
CA GLY E 63 -2.55 5.10 -15.53
C GLY E 63 -2.79 4.46 -16.88
N TYR E 64 -2.42 3.21 -17.01
CA TYR E 64 -2.61 2.51 -18.27
C TYR E 64 -4.10 2.48 -18.63
N SER E 65 -4.93 2.09 -17.66
CA SER E 65 -6.41 2.02 -17.82
C SER E 65 -7.04 3.36 -18.18
N LEU E 66 -6.55 4.45 -17.56
CA LEU E 66 -7.12 5.76 -17.78
C LEU E 66 -6.65 6.35 -19.12
N ALA E 67 -5.52 5.87 -19.63
CA ALA E 67 -5.04 6.30 -20.93
C ALA E 67 -5.64 5.39 -22.04
N PHE E 68 -5.63 4.05 -21.87
CA PHE E 68 -5.97 3.14 -23.01
C PHE E 68 -7.28 2.34 -22.89
N GLY E 69 -7.97 2.40 -21.76
CA GLY E 69 -9.28 1.76 -21.65
C GLY E 69 -10.37 2.54 -22.39
N GLU E 70 -11.52 1.90 -22.57
CA GLU E 70 -12.68 2.54 -23.09
C GLU E 70 -13.20 3.63 -22.18
N GLY E 71 -13.47 4.81 -22.75
CA GLY E 71 -13.93 5.89 -21.96
C GLY E 71 -14.71 6.81 -22.82
N ASN E 72 -14.35 8.07 -22.80
CA ASN E 72 -14.97 9.05 -23.69
C ASN E 72 -13.90 9.51 -24.67
N ASN E 73 -14.09 10.67 -25.27
CA ASN E 73 -13.09 11.25 -26.16
C ASN E 73 -11.81 11.72 -25.46
N PHE E 74 -11.85 11.87 -24.15
CA PHE E 74 -10.73 12.46 -23.40
C PHE E 74 -9.96 11.50 -22.42
N PHE E 75 -10.69 10.62 -21.74
CA PHE E 75 -10.14 9.74 -20.74
C PHE E 75 -10.65 8.31 -20.97
N GLY E 76 -9.87 7.33 -20.49
CA GLY E 76 -10.27 5.93 -20.48
C GLY E 76 -11.10 5.68 -19.23
N ASN E 77 -10.71 4.73 -18.40
CA ASN E 77 -11.44 4.45 -17.21
C ASN E 77 -10.49 3.92 -16.13
N ILE E 78 -10.97 3.84 -14.89
CA ILE E 78 -10.28 3.23 -13.77
C ILE E 78 -11.25 2.25 -13.14
N ASN E 79 -11.92 1.45 -13.97
CA ASN E 79 -12.88 0.45 -13.49
C ASN E 79 -12.10 -0.69 -12.79
N TRP E 80 -10.85 -0.88 -13.19
CA TRP E 80 -10.03 -1.93 -12.63
C TRP E 80 -8.62 -1.39 -12.32
N LEU E 81 -8.15 -1.66 -11.13
CA LEU E 81 -6.79 -1.27 -10.79
C LEU E 81 -5.84 -2.43 -11.06
N MET E 82 -4.57 -2.10 -11.27
CA MET E 82 -3.49 -3.07 -11.24
C MET E 82 -3.59 -4.11 -12.34
N LEU E 83 -4.10 -3.70 -13.49
CA LEU E 83 -4.24 -4.57 -14.66
C LEU E 83 -5.18 -5.72 -14.45
N LYS E 84 -6.10 -5.59 -13.49
CA LYS E 84 -6.93 -6.70 -13.06
C LYS E 84 -7.85 -7.25 -14.18
N ASN E 85 -8.37 -6.39 -15.02
CA ASN E 85 -9.24 -6.83 -16.16
C ASN E 85 -8.44 -7.48 -17.27
N ILE E 86 -7.11 -7.59 -17.12
CA ILE E 86 -6.27 -8.03 -18.25
C ILE E 86 -5.76 -9.41 -17.98
N GLU E 87 -6.33 -10.41 -18.66
CA GLU E 87 -5.81 -11.77 -18.58
C GLU E 87 -4.39 -11.79 -19.11
N LEU E 88 -3.59 -12.67 -18.55
CA LEU E 88 -2.22 -12.76 -18.90
C LEU E 88 -2.07 -13.05 -20.37
N THR E 89 -2.97 -13.90 -20.91
CA THR E 89 -2.98 -14.19 -22.35
C THR E 89 -3.68 -13.14 -23.25
N ALA E 90 -4.20 -12.05 -22.72
CA ALA E 90 -4.94 -11.16 -23.53
C ALA E 90 -3.98 -10.57 -24.54
N VAL E 91 -4.48 -10.38 -25.77
CA VAL E 91 -3.72 -9.90 -26.92
C VAL E 91 -4.25 -8.56 -27.36
N MET E 92 -3.32 -7.65 -27.62
CA MET E 92 -3.65 -6.34 -28.13
C MET E 92 -2.82 -6.10 -29.43
N GLY E 93 -3.51 -5.97 -30.55
CA GLY E 93 -2.90 -5.99 -31.87
C GLY E 93 -2.37 -7.39 -32.11
N SER E 94 -1.05 -7.53 -32.30
CA SER E 94 -0.39 -8.81 -32.44
C SER E 94 0.57 -9.14 -31.29
N ILE E 95 0.41 -8.52 -30.13
CA ILE E 95 1.27 -8.86 -28.97
C ILE E 95 0.45 -9.08 -27.70
N TYR E 96 1.06 -9.73 -26.72
CA TYR E 96 0.40 -9.79 -25.42
C TYR E 96 0.23 -8.41 -24.85
N GLN E 97 -0.90 -8.19 -24.17
CA GLN E 97 -1.27 -6.86 -23.82
C GLN E 97 -0.36 -6.33 -22.73
N TYR E 98 0.20 -7.22 -21.95
CA TYR E 98 1.10 -6.85 -20.92
C TYR E 98 2.32 -6.15 -21.47
N ILE E 99 2.74 -6.58 -22.66
CA ILE E 99 3.82 -5.94 -23.34
C ILE E 99 3.45 -4.52 -23.78
N HIS E 100 2.24 -4.36 -24.26
CA HIS E 100 1.70 -3.06 -24.60
C HIS E 100 1.68 -2.14 -23.39
N VAL E 101 1.34 -2.69 -22.24
CA VAL E 101 1.34 -1.95 -21.01
C VAL E 101 2.74 -1.40 -20.65
N ALA E 102 3.75 -2.24 -20.78
CA ALA E 102 5.14 -1.84 -20.50
C ALA E 102 5.59 -0.88 -21.57
N PHE E 103 5.30 -1.16 -22.82
CA PHE E 103 5.81 -0.26 -23.87
C PHE E 103 5.30 1.13 -23.60
N GLN E 104 3.98 1.25 -23.37
CA GLN E 104 3.39 2.57 -23.21
C GLN E 104 3.75 3.28 -21.88
N GLY E 105 4.04 2.48 -20.87
CA GLY E 105 4.52 2.93 -19.60
C GLY E 105 5.90 3.52 -19.72
N SER E 106 6.74 2.91 -20.54
CA SER E 106 8.06 3.47 -20.77
C SER E 106 7.98 4.85 -21.45
N PHE E 107 6.93 5.11 -22.20
CA PHE E 107 6.73 6.38 -22.82
C PHE E 107 6.38 7.44 -21.76
N ALA E 108 5.56 7.07 -20.79
CA ALA E 108 5.22 8.01 -19.76
C ALA E 108 6.49 8.39 -18.97
N CYS E 109 7.37 7.41 -18.81
CA CYS E 109 8.58 7.54 -18.07
C CYS E 109 9.53 8.52 -18.69
N ILE E 110 9.84 8.36 -19.98
CA ILE E 110 10.79 9.27 -20.65
C ILE E 110 10.19 10.68 -20.73
N THR E 111 8.87 10.77 -20.87
CA THR E 111 8.23 12.04 -20.97
C THR E 111 8.47 12.85 -19.66
N VAL E 112 8.21 12.19 -18.53
CA VAL E 112 8.36 12.75 -17.23
C VAL E 112 9.83 12.99 -16.90
N GLY E 113 10.71 12.07 -17.30
CA GLY E 113 12.12 12.25 -17.14
C GLY E 113 12.67 13.53 -17.79
N LEU E 114 12.15 13.83 -18.97
CA LEU E 114 12.49 15.02 -19.69
C LEU E 114 12.20 16.31 -18.93
N ILE E 115 11.06 16.34 -18.28
CA ILE E 115 10.64 17.50 -17.52
C ILE E 115 11.42 17.56 -16.20
N VAL E 116 11.46 16.42 -15.51
CA VAL E 116 12.08 16.36 -14.19
C VAL E 116 13.58 16.67 -14.19
N GLY E 117 14.27 16.26 -15.24
CA GLY E 117 15.70 16.49 -15.30
C GLY E 117 16.04 17.97 -15.41
N ALA E 118 15.15 18.74 -15.98
CA ALA E 118 15.37 20.16 -16.20
C ALA E 118 15.00 20.97 -14.97
N LEU E 119 13.89 20.59 -14.33
CA LEU E 119 13.39 21.25 -13.14
C LEU E 119 14.01 20.83 -11.78
N ALA E 120 14.88 19.81 -11.77
CA ALA E 120 15.50 19.37 -10.54
C ALA E 120 16.42 20.44 -9.94
N GLU E 121 16.37 20.58 -8.62
CA GLU E 121 17.08 21.65 -7.88
C GLU E 121 16.87 23.05 -8.49
N ARG E 122 15.65 23.31 -8.97
CA ARG E 122 15.17 24.66 -9.28
C ARG E 122 13.88 24.82 -8.52
N ILE E 123 13.01 23.84 -8.67
CA ILE E 123 11.81 23.68 -7.88
C ILE E 123 12.10 22.57 -6.85
N ARG E 124 11.58 22.75 -5.65
CA ARG E 124 11.72 21.79 -4.55
C ARG E 124 11.14 20.43 -4.92
N PHE E 125 11.72 19.38 -4.36
CA PHE E 125 11.44 17.99 -4.76
C PHE E 125 9.97 17.65 -4.48
N SER E 126 9.52 17.99 -3.30
CA SER E 126 8.14 17.95 -2.93
C SER E 126 7.25 18.40 -4.04
N ALA E 127 7.55 19.58 -4.57
CA ALA E 127 6.74 20.21 -5.58
C ALA E 127 6.79 19.49 -6.94
N VAL E 128 7.94 18.89 -7.25
CA VAL E 128 8.11 18.10 -8.46
C VAL E 128 7.16 16.92 -8.40
N LEU E 129 7.13 16.24 -7.25
CA LEU E 129 6.28 15.09 -7.06
C LEU E 129 4.79 15.38 -7.20
N ILE E 130 4.34 16.52 -6.69
CA ILE E 130 2.94 16.92 -6.82
C ILE E 130 2.67 17.27 -8.28
N PHE E 131 3.62 17.93 -8.91
CA PHE E 131 3.45 18.30 -10.29
C PHE E 131 3.29 17.06 -11.18
N VAL E 132 4.17 16.10 -10.96
CA VAL E 132 4.20 14.83 -11.71
C VAL E 132 2.89 14.07 -11.63
N VAL E 133 2.38 13.89 -10.41
CA VAL E 133 1.09 13.20 -10.19
C VAL E 133 -0.09 13.91 -10.86
N VAL E 134 -0.16 15.23 -10.68
CA VAL E 134 -1.21 16.03 -11.31
C VAL E 134 -1.16 15.97 -12.86
N TRP E 135 0.02 16.27 -13.39
CA TRP E 135 0.20 16.43 -14.81
C TRP E 135 0.17 15.09 -15.61
N LEU E 136 0.70 14.02 -15.04
CA LEU E 136 0.66 12.70 -15.66
C LEU E 136 -0.80 12.26 -15.75
N THR E 137 -1.51 12.43 -14.66
CA THR E 137 -2.88 12.03 -14.58
C THR E 137 -3.82 12.84 -15.46
N LEU E 138 -3.56 14.15 -15.53
CA LEU E 138 -4.51 15.06 -16.16
C LEU E 138 -4.03 15.67 -17.47
N SER E 139 -2.77 15.44 -17.83
CA SER E 139 -2.28 15.88 -19.13
C SER E 139 -1.74 14.75 -19.97
N TYR E 140 -0.77 13.99 -19.44
CA TYR E 140 -0.14 12.93 -20.27
C TYR E 140 -1.24 11.95 -20.65
N ILE E 141 -1.97 11.51 -19.66
CA ILE E 141 -2.91 10.40 -19.80
C ILE E 141 -4.05 10.71 -20.75
N PRO E 142 -4.73 11.83 -20.57
CA PRO E 142 -5.79 12.14 -21.55
C PRO E 142 -5.27 12.46 -22.95
N ILE E 143 -4.15 13.16 -23.06
CA ILE E 143 -3.56 13.39 -24.39
C ILE E 143 -3.17 12.10 -25.10
N ALA E 144 -2.63 11.08 -24.37
CA ALA E 144 -2.40 9.76 -24.93
C ALA E 144 -3.73 9.11 -25.31
N HIS E 145 -4.74 9.33 -24.52
CA HIS E 145 -6.06 8.70 -24.83
C HIS E 145 -6.61 9.29 -26.10
N MET E 146 -6.50 10.61 -26.21
CA MET E 146 -6.99 11.36 -27.37
C MET E 146 -6.32 10.90 -28.68
N VAL E 147 -5.01 10.68 -28.63
CA VAL E 147 -4.20 10.39 -29.82
C VAL E 147 -4.05 8.89 -30.14
N TRP E 148 -3.81 8.08 -29.12
CA TRP E 148 -3.57 6.64 -29.32
C TRP E 148 -4.61 5.74 -28.66
N GLY E 149 -5.51 6.28 -27.89
CA GLY E 149 -6.53 5.47 -27.20
C GLY E 149 -7.96 5.61 -27.72
N GLY E 150 -8.08 6.03 -28.96
CA GLY E 150 -9.39 6.10 -29.63
C GLY E 150 -10.20 7.32 -29.31
N GLY E 151 -9.61 8.30 -28.59
CA GLY E 151 -10.31 9.51 -28.25
C GLY E 151 -10.41 10.51 -29.40
N LEU E 152 -10.43 11.78 -29.05
CA LEU E 152 -10.85 12.82 -29.94
C LEU E 152 -9.96 12.95 -31.20
N LEU E 153 -8.66 13.08 -31.00
CA LEU E 153 -7.77 13.41 -32.10
C LEU E 153 -7.60 12.20 -33.05
N ALA E 154 -7.50 11.02 -32.51
CA ALA E 154 -7.57 9.78 -33.32
C ALA E 154 -8.86 9.61 -34.18
N SER E 155 -10.00 10.01 -33.66
CA SER E 155 -11.28 9.97 -34.40
C SER E 155 -11.38 10.99 -35.52
N HIS E 156 -10.56 12.02 -35.48
CA HIS E 156 -10.44 12.93 -36.60
C HIS E 156 -9.25 12.58 -37.52
N GLY E 157 -8.61 11.42 -37.34
CA GLY E 157 -7.51 11.01 -38.20
C GLY E 157 -6.18 11.78 -37.96
N ALA E 158 -5.93 12.30 -36.75
CA ALA E 158 -4.64 12.94 -36.45
C ALA E 158 -3.54 11.93 -36.64
N LEU E 159 -2.48 12.36 -37.32
CA LEU E 159 -1.32 11.57 -37.56
C LEU E 159 -0.20 11.95 -36.56
N ASP E 160 0.21 10.96 -35.76
CA ASP E 160 1.28 11.15 -34.81
C ASP E 160 1.71 9.79 -34.43
N PHE E 161 2.73 9.29 -35.13
CA PHE E 161 3.18 7.92 -35.06
C PHE E 161 3.67 7.52 -33.70
N ALA E 162 4.58 8.33 -33.17
CA ALA E 162 5.24 8.02 -31.93
C ALA E 162 5.36 9.16 -30.92
N GLY E 163 4.63 10.29 -31.10
CA GLY E 163 4.35 11.21 -29.96
C GLY E 163 4.89 12.65 -30.02
N GLY E 164 4.77 13.28 -31.18
CA GLY E 164 5.10 14.65 -31.30
C GLY E 164 4.21 15.44 -30.39
N THR E 165 2.96 15.06 -30.27
CA THR E 165 2.03 15.80 -29.43
C THR E 165 2.12 15.28 -28.03
N VAL E 166 1.84 13.98 -27.92
CA VAL E 166 1.77 13.24 -26.63
C VAL E 166 3.03 13.34 -25.71
N VAL E 167 4.19 13.25 -26.32
CA VAL E 167 5.41 13.30 -25.60
C VAL E 167 6.01 14.70 -25.71
N HIS E 168 6.37 15.11 -26.91
CA HIS E 168 7.21 16.29 -27.12
C HIS E 168 6.59 17.66 -26.90
N ILE E 169 5.52 17.97 -27.61
CA ILE E 169 4.82 19.24 -27.41
C ILE E 169 4.28 19.30 -25.98
N ASN E 170 3.71 18.19 -25.53
CA ASN E 170 3.11 18.08 -24.22
C ASN E 170 4.10 18.44 -23.14
N ALA E 171 5.26 17.81 -23.21
CA ALA E 171 6.33 18.03 -22.22
C ALA E 171 7.00 19.40 -22.37
N ALA E 172 7.14 19.86 -23.61
CA ALA E 172 7.76 21.14 -23.86
C ALA E 172 6.98 22.26 -23.14
N ILE E 173 5.67 22.22 -23.23
CA ILE E 173 4.84 23.22 -22.67
C ILE E 173 4.83 23.16 -21.15
N ALA E 174 4.79 21.95 -20.59
CA ALA E 174 4.86 21.82 -19.16
C ALA E 174 6.18 22.40 -18.60
N GLY E 175 7.29 22.07 -19.24
CA GLY E 175 8.56 22.62 -18.84
C GLY E 175 8.65 24.14 -18.96
N LEU E 176 8.12 24.69 -20.05
CA LEU E 176 8.18 26.14 -20.26
C LEU E 176 7.30 26.89 -19.24
N VAL E 177 6.10 26.39 -18.97
CA VAL E 177 5.25 26.94 -17.91
C VAL E 177 5.96 26.89 -16.58
N GLY E 178 6.69 25.80 -16.32
CA GLY E 178 7.44 25.66 -15.08
C GLY E 178 8.61 26.62 -15.00
N ALA E 179 9.22 26.88 -16.15
CA ALA E 179 10.37 27.77 -16.27
C ALA E 179 9.97 29.23 -16.06
N TYR E 180 8.84 29.60 -16.67
CA TYR E 180 8.22 30.91 -16.52
C TYR E 180 7.85 31.18 -15.07
N LEU E 181 7.26 30.21 -14.39
CA LEU E 181 6.81 30.40 -13.02
C LEU E 181 7.91 30.42 -11.97
N ILE E 182 9.15 30.07 -12.29
CA ILE E 182 10.22 30.18 -11.28
C ILE E 182 11.05 31.45 -11.38
N GLY E 183 11.50 31.81 -12.60
CA GLY E 183 12.10 33.12 -12.87
C GLY E 183 11.20 34.30 -12.49
N LYS E 184 9.89 34.04 -12.37
CA LYS E 184 8.93 34.93 -11.74
C LYS E 184 9.07 34.91 -10.20
N ARG E 185 9.35 33.75 -9.61
CA ARG E 185 9.65 33.60 -8.18
C ARG E 185 11.07 34.01 -7.75
N VAL E 186 12.04 33.97 -8.69
CA VAL E 186 13.40 34.51 -8.47
C VAL E 186 13.81 35.36 -9.64
N PRO E 195 27.56 23.96 -17.05
CA PRO E 195 27.80 23.15 -18.28
C PRO E 195 29.21 22.51 -18.29
N HIS E 196 29.32 21.42 -17.55
CA HIS E 196 30.60 20.98 -17.00
C HIS E 196 31.18 19.63 -17.49
N ASN E 197 30.34 18.75 -18.05
CA ASN E 197 30.81 17.47 -18.62
C ASN E 197 30.18 17.18 -19.98
N LEU E 198 30.77 17.74 -21.03
CA LEU E 198 30.19 17.64 -22.36
C LEU E 198 30.26 16.21 -22.92
N PRO E 199 31.31 15.45 -22.56
CA PRO E 199 31.31 14.03 -22.92
C PRO E 199 30.14 13.25 -22.31
N MET E 200 29.68 13.68 -21.15
CA MET E 200 28.57 13.04 -20.52
C MET E 200 27.30 13.35 -21.31
N VAL E 201 27.20 14.56 -21.84
CA VAL E 201 26.06 14.98 -22.66
C VAL E 201 26.00 14.18 -23.97
N PHE E 202 27.18 13.92 -24.56
CA PHE E 202 27.30 13.16 -25.76
C PHE E 202 26.78 11.74 -25.47
N THR E 203 27.16 11.21 -24.32
CA THR E 203 26.83 9.85 -23.96
C THR E 203 25.33 9.68 -23.81
N GLY E 204 24.71 10.64 -23.14
CA GLY E 204 23.28 10.66 -22.97
C GLY E 204 22.54 10.76 -24.30
N THR E 205 23.02 11.67 -25.15
CA THR E 205 22.50 11.91 -26.42
C THR E 205 22.55 10.61 -27.20
N ALA E 206 23.68 9.94 -27.12
CA ALA E 206 23.89 8.73 -27.88
C ALA E 206 22.90 7.63 -27.43
N ILE E 207 22.80 7.43 -26.10
CA ILE E 207 21.86 6.50 -25.51
C ILE E 207 20.42 6.83 -25.88
N LEU E 208 20.10 8.11 -25.84
CA LEU E 208 18.80 8.59 -26.30
C LEU E 208 18.55 8.22 -27.78
N TYR E 209 19.55 8.41 -28.64
CA TYR E 209 19.48 8.02 -30.03
C TYR E 209 19.19 6.50 -30.25
N ILE E 210 19.95 5.63 -29.58
CA ILE E 210 19.83 4.23 -29.76
C ILE E 210 18.46 3.81 -29.24
N GLY E 211 18.11 4.28 -28.07
CA GLY E 211 16.84 3.98 -27.49
C GLY E 211 15.69 4.33 -28.40
N TRP E 212 15.87 5.41 -29.15
CA TRP E 212 14.75 6.03 -29.88
C TRP E 212 14.30 5.08 -31.01
N PHE E 213 15.17 4.18 -31.41
CA PHE E 213 14.83 3.15 -32.37
C PHE E 213 13.75 2.21 -31.85
N GLY E 214 13.79 1.94 -30.56
CA GLY E 214 12.70 1.24 -29.90
C GLY E 214 11.45 2.06 -29.79
N PHE E 215 11.66 3.32 -29.45
CA PHE E 215 10.56 4.33 -29.37
C PHE E 215 9.79 4.43 -30.70
N ASN E 216 10.55 4.70 -31.73
CA ASN E 216 9.99 4.99 -33.01
C ASN E 216 9.54 3.73 -33.81
N ALA E 217 10.40 2.74 -33.98
CA ALA E 217 10.02 1.53 -34.69
C ALA E 217 8.96 0.78 -33.93
N GLY E 218 9.09 0.77 -32.61
CA GLY E 218 8.24 -0.02 -31.77
C GLY E 218 6.84 0.50 -31.75
N SER E 219 6.69 1.74 -32.21
CA SER E 219 5.38 2.37 -32.24
C SER E 219 4.57 1.80 -33.37
N ALA E 220 5.19 0.98 -34.24
CA ALA E 220 4.43 0.20 -35.22
C ALA E 220 3.70 -0.97 -34.60
N GLY E 221 4.20 -1.48 -33.49
CA GLY E 221 3.60 -2.54 -32.72
C GLY E 221 3.94 -3.94 -33.24
N THR E 222 4.79 -4.00 -34.24
CA THR E 222 5.05 -5.30 -34.88
C THR E 222 6.26 -5.11 -35.71
N ALA E 223 7.00 -6.16 -35.95
CA ALA E 223 8.17 -6.08 -36.78
C ALA E 223 7.87 -6.23 -38.24
N ASN E 224 7.21 -5.23 -38.81
CA ASN E 224 6.83 -5.28 -40.19
C ASN E 224 7.55 -4.17 -40.99
N GLU E 225 6.97 -3.80 -42.14
CA GLU E 225 7.60 -2.85 -43.02
C GLU E 225 7.40 -1.44 -42.59
N ILE E 226 6.33 -1.17 -41.85
CA ILE E 226 6.15 0.12 -41.18
C ILE E 226 7.25 0.38 -40.08
N ALA E 227 7.61 -0.65 -39.31
CA ALA E 227 8.72 -0.51 -38.35
C ALA E 227 10.01 -0.31 -39.09
N ALA E 228 10.22 -1.04 -40.16
CA ALA E 228 11.37 -0.81 -40.96
C ALA E 228 11.44 0.63 -41.49
N LEU E 229 10.31 1.14 -42.00
CA LEU E 229 10.28 2.51 -42.47
C LEU E 229 10.63 3.47 -41.35
N ALA E 230 10.04 3.26 -40.18
CA ALA E 230 10.23 4.12 -39.03
C ALA E 230 11.68 4.11 -38.61
N PHE E 231 12.33 2.95 -38.77
CA PHE E 231 13.71 2.77 -38.40
C PHE E 231 14.62 3.59 -39.31
N VAL E 232 14.50 3.33 -40.59
CA VAL E 232 15.28 4.03 -41.60
C VAL E 232 15.08 5.55 -41.50
N ASN E 233 13.85 6.00 -41.16
CA ASN E 233 13.56 7.39 -41.21
C ASN E 233 14.20 8.09 -40.01
N THR E 234 14.33 7.36 -38.91
CA THR E 234 14.95 7.82 -37.72
C THR E 234 16.44 8.01 -37.98
N VAL E 235 17.06 7.07 -38.70
CA VAL E 235 18.50 7.17 -39.05
C VAL E 235 18.72 8.45 -39.85
N VAL E 236 17.89 8.59 -40.85
CA VAL E 236 18.07 9.66 -41.88
C VAL E 236 17.72 11.09 -41.39
N ALA E 237 16.61 11.22 -40.70
CA ALA E 237 16.19 12.49 -40.20
C ALA E 237 17.13 13.02 -39.08
N THR E 238 17.67 12.12 -38.27
CA THR E 238 18.64 12.49 -37.26
C THR E 238 19.96 12.99 -37.86
N ALA E 239 20.37 12.33 -38.93
CA ALA E 239 21.60 12.65 -39.58
C ALA E 239 21.42 13.99 -40.22
N ALA E 240 20.34 14.15 -40.94
CA ALA E 240 20.10 15.42 -41.64
C ALA E 240 19.98 16.61 -40.69
N ALA E 241 19.37 16.42 -39.53
CA ALA E 241 19.27 17.45 -38.52
C ALA E 241 20.64 17.81 -37.91
N ILE E 242 21.45 16.82 -37.63
CA ILE E 242 22.80 17.02 -37.15
C ILE E 242 23.52 18.01 -38.06
N LEU E 243 23.44 17.74 -39.38
CA LEU E 243 24.11 18.54 -40.36
C LEU E 243 23.41 19.89 -40.48
N GLY E 244 22.07 19.89 -40.51
CA GLY E 244 21.26 21.11 -40.51
C GLY E 244 21.69 22.11 -39.43
N TRP E 245 21.64 21.66 -38.19
CA TRP E 245 22.05 22.47 -37.05
C TRP E 245 23.52 22.90 -37.14
N ILE E 246 24.41 21.96 -37.44
CA ILE E 246 25.83 22.19 -37.46
C ILE E 246 26.26 23.23 -38.51
N PHE E 247 25.59 23.24 -39.65
CA PHE E 247 25.88 24.22 -40.70
C PHE E 247 25.33 25.57 -40.30
N GLY E 248 24.15 25.57 -39.70
CA GLY E 248 23.57 26.77 -39.13
C GLY E 248 24.47 27.39 -38.08
N GLU E 249 25.12 26.57 -37.27
CA GLU E 249 25.90 27.05 -36.12
C GLU E 249 27.25 27.60 -36.58
N TRP E 250 27.88 26.89 -37.51
CA TRP E 250 29.06 27.35 -38.18
C TRP E 250 28.83 28.75 -38.75
N ALA E 251 27.68 28.94 -39.37
CA ALA E 251 27.35 30.22 -39.97
C ALA E 251 27.20 31.24 -38.88
N LEU E 252 26.29 30.98 -37.95
CA LEU E 252 25.90 31.96 -36.94
C LEU E 252 27.03 32.38 -36.02
N ARG E 253 27.94 31.46 -35.73
CA ARG E 253 28.96 31.68 -34.71
C ARG E 253 30.39 31.45 -35.17
N GLY E 254 30.61 31.08 -36.43
CA GLY E 254 31.97 30.80 -36.95
C GLY E 254 32.62 29.45 -36.63
N LYS E 255 32.24 28.84 -35.50
CA LYS E 255 32.71 27.48 -35.10
C LYS E 255 31.46 26.57 -34.84
N PRO E 256 31.55 25.27 -35.18
CA PRO E 256 30.55 24.32 -34.76
C PRO E 256 30.96 23.63 -33.46
N SER E 257 30.01 23.36 -32.55
CA SER E 257 30.30 22.72 -31.26
C SER E 257 29.66 21.32 -31.03
N LEU E 258 30.23 20.58 -30.09
CA LEU E 258 29.74 19.25 -29.71
C LEU E 258 28.29 19.30 -29.21
N LEU E 259 27.99 20.32 -28.44
CA LEU E 259 26.63 20.55 -27.98
C LEU E 259 25.64 20.84 -29.11
N GLY E 260 26.15 21.48 -30.16
CA GLY E 260 25.38 21.76 -31.36
C GLY E 260 25.07 20.50 -32.14
N ALA E 261 26.09 19.66 -32.30
CA ALA E 261 25.94 18.34 -32.86
C ALA E 261 24.84 17.54 -32.11
N CYS E 262 24.93 17.51 -30.78
CA CYS E 262 23.99 16.73 -29.99
C CYS E 262 22.59 17.28 -30.04
N SER E 263 22.48 18.61 -30.09
CA SER E 263 21.20 19.28 -30.12
C SER E 263 20.52 19.02 -31.43
N GLY E 264 21.31 18.95 -32.49
CA GLY E 264 20.80 18.70 -33.81
C GLY E 264 20.21 17.29 -33.85
N ALA E 265 20.94 16.35 -33.27
CA ALA E 265 20.56 14.98 -33.25
C ALA E 265 19.19 14.92 -32.61
N ILE E 266 19.10 15.49 -31.43
CA ILE E 266 17.82 15.54 -30.70
C ILE E 266 16.70 16.13 -31.55
N ALA E 267 17.06 17.12 -32.35
CA ALA E 267 16.06 17.92 -33.05
C ALA E 267 15.43 17.09 -34.13
N GLY E 268 16.26 16.32 -34.80
CA GLY E 268 15.81 15.45 -35.87
C GLY E 268 14.96 14.32 -35.31
N LEU E 269 15.39 13.80 -34.16
CA LEU E 269 14.69 12.74 -33.51
C LEU E 269 13.33 13.17 -33.05
N VAL E 270 13.28 14.33 -32.45
CA VAL E 270 11.98 14.92 -32.08
C VAL E 270 11.14 15.22 -33.35
N GLY E 271 11.76 15.84 -34.33
CA GLY E 271 11.06 16.15 -35.52
C GLY E 271 10.47 14.95 -36.23
N VAL E 272 11.22 13.84 -36.26
CA VAL E 272 10.80 12.67 -37.00
C VAL E 272 9.79 11.78 -36.21
N THR E 273 9.64 12.08 -34.93
CA THR E 273 8.83 11.26 -34.06
C THR E 273 7.43 11.10 -34.56
N PRO E 274 6.80 12.20 -35.01
CA PRO E 274 5.39 12.04 -35.36
C PRO E 274 5.22 11.49 -36.71
N ALA E 275 6.27 11.65 -37.51
CA ALA E 275 6.25 11.40 -38.91
C ALA E 275 6.77 10.05 -39.31
N CYS E 276 7.51 9.37 -38.42
CA CYS E 276 8.44 8.37 -38.87
C CYS E 276 7.83 7.19 -39.65
N GLY E 277 6.65 6.74 -39.26
CA GLY E 277 6.02 5.61 -39.94
C GLY E 277 4.92 5.98 -40.92
N TYR E 278 4.88 7.24 -41.31
CA TYR E 278 3.99 7.71 -42.31
C TYR E 278 4.68 8.26 -43.55
N ILE E 279 5.97 8.57 -43.48
CA ILE E 279 6.60 9.30 -44.54
C ILE E 279 7.70 8.49 -45.20
N GLY E 280 8.13 8.92 -46.40
CA GLY E 280 9.17 8.28 -47.18
C GLY E 280 10.51 8.83 -46.76
N VAL E 281 11.56 8.23 -47.26
CA VAL E 281 12.85 8.58 -46.77
C VAL E 281 13.30 9.99 -47.24
N GLY E 282 12.86 10.38 -48.44
CA GLY E 282 13.07 11.73 -48.98
C GLY E 282 12.40 12.74 -48.05
N GLY E 283 11.16 12.45 -47.65
CA GLY E 283 10.49 13.20 -46.62
C GLY E 283 11.33 13.37 -45.38
N ALA E 284 11.97 12.29 -44.93
CA ALA E 284 12.60 12.28 -43.63
C ALA E 284 13.84 13.18 -43.66
N LEU E 285 14.49 13.22 -44.82
CA LEU E 285 15.71 14.01 -45.02
C LEU E 285 15.36 15.50 -44.92
N ILE E 286 14.24 15.85 -45.55
CA ILE E 286 13.71 17.23 -45.47
C ILE E 286 13.28 17.63 -44.05
N ILE E 287 12.60 16.73 -43.37
CA ILE E 287 12.11 16.99 -42.06
C ILE E 287 13.24 17.23 -41.11
N GLY E 288 14.26 16.42 -41.27
CA GLY E 288 15.42 16.52 -40.45
C GLY E 288 16.06 17.89 -40.63
N VAL E 289 16.35 18.24 -41.89
CA VAL E 289 17.00 19.51 -42.20
C VAL E 289 16.24 20.66 -41.56
N VAL E 290 14.93 20.68 -41.79
CA VAL E 290 14.10 21.77 -41.30
C VAL E 290 14.08 21.74 -39.78
N ALA E 291 13.93 20.55 -39.19
CA ALA E 291 13.84 20.43 -37.76
C ALA E 291 15.16 20.87 -37.11
N GLY E 292 16.27 20.53 -37.73
CA GLY E 292 17.57 20.95 -37.22
C GLY E 292 17.73 22.46 -37.20
N LEU E 293 17.36 23.12 -38.31
CA LEU E 293 17.38 24.58 -38.39
C LEU E 293 16.35 25.23 -37.44
N ALA E 294 15.11 24.72 -37.44
CA ALA E 294 14.07 25.28 -36.57
C ALA E 294 14.48 25.19 -35.09
N GLY E 295 15.15 24.12 -34.70
CA GLY E 295 15.65 23.95 -33.35
C GLY E 295 16.77 24.93 -33.06
N LEU E 296 17.65 25.17 -34.02
CA LEU E 296 18.71 26.16 -33.82
C LEU E 296 18.10 27.57 -33.65
N TRP E 297 17.14 27.92 -34.51
CA TRP E 297 16.30 29.12 -34.36
C TRP E 297 15.66 29.23 -32.96
N GLY E 298 14.88 28.22 -32.57
CA GLY E 298 14.23 28.13 -31.26
C GLY E 298 15.11 28.49 -30.07
N VAL E 299 16.25 27.84 -29.93
CA VAL E 299 17.13 28.13 -28.81
C VAL E 299 17.77 29.54 -28.93
N THR E 300 18.17 29.92 -30.13
CA THR E 300 18.78 31.23 -30.36
C THR E 300 17.87 32.36 -29.91
N MET E 301 16.60 32.30 -30.32
CA MET E 301 15.55 33.18 -29.76
C MET E 301 15.60 33.21 -28.21
N LEU E 302 15.31 32.10 -27.55
CA LEU E 302 15.39 32.10 -26.08
C LEU E 302 16.65 32.90 -25.59
N LYS E 303 17.85 32.57 -26.07
CA LYS E 303 19.05 33.46 -25.87
C LYS E 303 18.92 34.89 -26.48
N ASP E 310 20.52 28.14 -20.41
CA ASP E 310 19.60 27.65 -19.37
C ASP E 310 19.01 26.32 -19.85
N PRO E 311 19.41 25.18 -19.24
CA PRO E 311 18.87 23.85 -19.63
C PRO E 311 17.40 23.76 -20.07
N CYS E 312 16.57 24.75 -19.73
CA CYS E 312 15.19 24.84 -20.25
C CYS E 312 15.05 25.32 -21.70
N ASP E 313 16.18 25.56 -22.36
CA ASP E 313 16.25 25.65 -23.82
C ASP E 313 15.87 24.32 -24.44
N VAL E 314 16.13 23.23 -23.71
CA VAL E 314 15.81 21.88 -24.13
C VAL E 314 14.28 21.85 -24.48
N PHE E 315 13.46 22.55 -23.72
CA PHE E 315 12.03 22.59 -24.02
C PHE E 315 11.72 23.33 -25.33
N GLY E 316 12.56 24.29 -25.65
CA GLY E 316 12.40 25.04 -26.88
C GLY E 316 12.47 24.08 -28.06
N VAL E 317 13.52 23.25 -28.05
CA VAL E 317 13.73 22.27 -29.09
C VAL E 317 12.62 21.21 -29.11
N HIS E 318 12.25 20.62 -27.98
CA HIS E 318 11.13 19.67 -28.05
C HIS E 318 9.85 20.30 -28.59
N GLY E 319 9.63 21.58 -28.27
CA GLY E 319 8.41 22.31 -28.63
C GLY E 319 8.39 22.73 -30.10
N VAL E 320 9.42 23.44 -30.55
CA VAL E 320 9.44 23.93 -31.91
C VAL E 320 9.57 22.74 -32.88
N CYS E 321 10.49 21.81 -32.62
CA CYS E 321 10.67 20.64 -33.45
C CYS E 321 9.46 19.67 -33.45
N GLY E 322 8.79 19.57 -32.31
CA GLY E 322 7.54 18.83 -32.21
C GLY E 322 6.47 19.40 -33.12
N ILE E 323 6.39 20.72 -33.16
CA ILE E 323 5.36 21.39 -33.95
C ILE E 323 5.73 21.22 -35.42
N VAL E 324 7.00 21.44 -35.73
CA VAL E 324 7.51 21.27 -37.06
C VAL E 324 7.12 19.88 -37.57
N GLY E 325 7.39 18.85 -36.77
CA GLY E 325 7.22 17.48 -37.19
C GLY E 325 5.80 17.05 -37.33
N CYS E 326 4.91 17.60 -36.51
CA CYS E 326 3.47 17.35 -36.65
C CYS E 326 2.88 18.03 -37.85
N ILE E 327 3.43 19.19 -38.21
CA ILE E 327 2.99 19.84 -39.43
C ILE E 327 3.43 19.04 -40.63
N MET E 328 4.72 18.74 -40.67
CA MET E 328 5.29 18.12 -41.85
C MET E 328 4.74 16.70 -42.07
N THR E 329 4.27 16.05 -41.01
CA THR E 329 3.64 14.78 -41.15
C THR E 329 2.41 14.91 -42.07
N GLY E 330 1.69 16.02 -41.94
CA GLY E 330 0.47 16.25 -42.69
C GLY E 330 0.70 16.57 -44.15
N ILE E 331 1.92 16.96 -44.47
CA ILE E 331 2.33 17.12 -45.86
C ILE E 331 2.88 15.82 -46.43
N PHE E 332 3.92 15.31 -45.80
CA PHE E 332 4.77 14.23 -46.39
C PHE E 332 4.20 12.80 -46.25
N ALA E 333 3.12 12.67 -45.53
CA ALA E 333 2.38 11.44 -45.49
C ALA E 333 1.72 11.19 -46.83
N ALA E 334 1.67 12.21 -47.69
CA ALA E 334 0.98 12.11 -48.96
C ALA E 334 1.77 11.18 -49.84
N SER E 335 1.05 10.36 -50.58
CA SER E 335 1.58 9.28 -51.37
C SER E 335 2.41 9.89 -52.54
N SER E 336 1.97 11.03 -53.06
CA SER E 336 2.70 11.67 -54.10
C SER E 336 4.01 12.25 -53.60
N LEU E 337 4.17 12.44 -52.29
CA LEU E 337 5.48 12.90 -51.73
C LEU E 337 6.28 11.73 -51.14
N GLY E 338 5.85 10.49 -51.40
CA GLY E 338 6.65 9.34 -50.95
C GLY E 338 6.19 8.76 -49.62
N GLY E 339 5.24 9.39 -48.94
CA GLY E 339 4.61 8.76 -47.80
C GLY E 339 3.66 7.56 -48.03
N VAL E 340 3.08 7.02 -46.93
CA VAL E 340 2.20 5.84 -46.98
C VAL E 340 0.79 6.13 -47.49
N GLY E 341 0.47 7.43 -47.56
CA GLY E 341 -0.82 7.87 -48.01
C GLY E 341 -1.76 8.29 -46.91
N PHE E 342 -2.55 9.32 -47.16
CA PHE E 342 -3.64 9.70 -46.24
C PHE E 342 -4.72 8.63 -46.31
N ALA E 343 -5.52 8.57 -45.25
CA ALA E 343 -6.74 7.76 -45.21
C ALA E 343 -7.71 8.11 -46.34
N GLU E 344 -8.59 7.18 -46.70
CA GLU E 344 -9.52 7.36 -47.83
C GLU E 344 -10.33 8.66 -47.71
N GLY E 345 -10.36 9.45 -48.79
CA GLY E 345 -11.10 10.71 -48.84
C GLY E 345 -10.51 11.92 -48.10
N VAL E 346 -9.28 11.80 -47.62
CA VAL E 346 -8.61 12.88 -46.89
C VAL E 346 -7.69 13.63 -47.83
N THR E 347 -7.78 14.93 -47.80
CA THR E 347 -6.88 15.78 -48.63
C THR E 347 -5.71 16.28 -47.74
N MET E 348 -4.61 16.66 -48.37
CA MET E 348 -3.56 17.27 -47.61
C MET E 348 -4.03 18.47 -46.76
N GLY E 349 -4.93 19.30 -47.34
CA GLY E 349 -5.43 20.53 -46.67
C GLY E 349 -6.26 20.21 -45.42
N HIS E 350 -7.21 19.29 -45.57
CA HIS E 350 -7.90 18.76 -44.41
C HIS E 350 -6.87 18.19 -43.40
N GLN E 351 -5.94 17.37 -43.85
CA GLN E 351 -5.07 16.73 -42.89
C GLN E 351 -4.23 17.77 -42.14
N LEU E 352 -3.78 18.80 -42.81
CA LEU E 352 -3.01 19.83 -42.14
C LEU E 352 -3.82 20.53 -41.10
N LEU E 353 -5.11 20.56 -41.32
CA LEU E 353 -5.99 21.33 -40.45
C LEU E 353 -6.07 20.58 -39.18
N VAL E 354 -6.26 19.27 -39.31
CA VAL E 354 -6.27 18.35 -38.17
C VAL E 354 -4.95 18.36 -37.39
N GLN E 355 -3.82 18.46 -38.08
CA GLN E 355 -2.54 18.51 -37.40
C GLN E 355 -2.43 19.77 -36.55
N LEU E 356 -2.80 20.91 -37.15
CA LEU E 356 -2.88 22.21 -36.44
C LEU E 356 -3.83 22.19 -35.24
N GLU E 357 -5.03 21.66 -35.43
CA GLU E 357 -6.01 21.55 -34.30
C GLU E 357 -5.38 20.71 -33.14
N SER E 358 -4.71 19.61 -33.50
CA SER E 358 -4.12 18.72 -32.52
C SER E 358 -3.02 19.39 -31.75
N ILE E 359 -2.18 20.12 -32.46
CA ILE E 359 -1.11 20.85 -31.84
C ILE E 359 -1.68 21.87 -30.84
N ALA E 360 -2.69 22.61 -31.29
CA ALA E 360 -3.31 23.71 -30.57
C ALA E 360 -3.91 23.24 -29.26
N ILE E 361 -4.71 22.18 -29.37
CA ILE E 361 -5.33 21.53 -28.22
C ILE E 361 -4.31 20.97 -27.20
N THR E 362 -3.25 20.31 -27.70
CA THR E 362 -2.18 19.80 -26.88
C THR E 362 -1.51 20.93 -26.08
N ILE E 363 -1.22 22.05 -26.75
CA ILE E 363 -0.55 23.18 -26.08
C ILE E 363 -1.39 23.77 -24.96
N VAL E 364 -2.65 24.06 -25.26
CA VAL E 364 -3.56 24.67 -24.29
C VAL E 364 -3.74 23.70 -23.12
N TRP E 365 -4.30 22.51 -23.42
CA TRP E 365 -4.51 21.47 -22.40
C TRP E 365 -3.33 21.29 -21.41
N SER E 366 -2.10 21.25 -21.90
CA SER E 366 -0.94 20.97 -21.07
C SER E 366 -0.47 22.24 -20.35
N GLY E 367 -0.56 23.39 -21.04
CA GLY E 367 -0.38 24.70 -20.41
C GLY E 367 -1.28 24.88 -19.18
N VAL E 368 -2.56 24.57 -19.35
CA VAL E 368 -3.54 24.75 -18.30
C VAL E 368 -3.26 23.77 -17.16
N VAL E 369 -3.04 22.49 -17.49
CA VAL E 369 -2.84 21.45 -16.48
C VAL E 369 -1.49 21.64 -15.76
N ALA E 370 -0.45 21.97 -16.48
CA ALA E 370 0.84 22.36 -15.85
C ALA E 370 0.68 23.54 -14.87
N PHE E 371 -0.06 24.56 -15.28
CA PHE E 371 -0.34 25.73 -14.42
C PHE E 371 -0.98 25.28 -13.12
N ILE E 372 -2.08 24.52 -13.24
CA ILE E 372 -2.78 23.97 -12.11
C ILE E 372 -1.90 23.14 -11.19
N GLY E 373 -1.03 22.34 -11.79
CA GLY E 373 -0.18 21.47 -10.99
C GLY E 373 0.86 22.27 -10.23
N TYR E 374 1.49 23.23 -10.91
CA TYR E 374 2.53 24.03 -10.25
C TYR E 374 1.93 24.83 -9.10
N LYS E 375 0.74 25.41 -9.33
CA LYS E 375 0.12 26.28 -8.33
C LYS E 375 -0.25 25.46 -7.15
N LEU E 376 -1.00 24.39 -7.35
CA LEU E 376 -1.27 23.43 -6.30
C LEU E 376 -0.02 23.07 -5.49
N ALA E 377 1.10 22.85 -6.17
CA ALA E 377 2.37 22.67 -5.46
C ALA E 377 2.82 23.96 -4.73
N ASP E 378 2.69 25.12 -5.36
CA ASP E 378 3.22 26.37 -4.83
C ASP E 378 2.50 26.69 -3.54
N LEU E 379 1.16 26.57 -3.59
CA LEU E 379 0.29 26.90 -2.49
C LEU E 379 0.39 25.87 -1.36
N THR E 380 1.02 24.73 -1.61
CA THR E 380 1.08 23.65 -0.64
C THR E 380 2.44 23.52 0.01
N VAL E 381 3.49 23.51 -0.81
CA VAL E 381 4.86 23.38 -0.31
C VAL E 381 5.77 24.50 -0.78
N GLY E 382 5.25 25.35 -1.68
CA GLY E 382 6.07 26.32 -2.38
C GLY E 382 7.14 25.78 -3.32
N LEU E 383 7.47 26.56 -4.35
CA LEU E 383 8.35 26.13 -5.43
C LEU E 383 9.85 26.35 -5.20
N ARG E 384 10.27 26.84 -4.03
CA ARG E 384 11.69 27.05 -3.75
C ARG E 384 12.24 26.00 -2.76
N VAL E 385 13.57 25.94 -2.61
CA VAL E 385 14.30 25.29 -1.49
C VAL E 385 13.40 24.90 -0.30
N GLY F 1 -28.91 -27.45 3.71
CA GLY F 1 -28.94 -26.27 2.82
C GLY F 1 -27.88 -25.27 3.25
N ALA F 2 -27.89 -24.12 2.59
CA ALA F 2 -27.05 -22.99 2.93
C ALA F 2 -27.33 -22.50 4.35
N SER F 3 -26.28 -22.09 5.03
CA SER F 3 -26.44 -21.38 6.27
C SER F 3 -27.11 -20.01 6.04
N VAL F 4 -28.06 -19.66 6.92
CA VAL F 4 -28.83 -18.40 6.83
C VAL F 4 -28.53 -17.61 8.11
N ALA F 5 -28.33 -16.31 8.01
CA ALA F 5 -27.96 -15.56 9.20
C ALA F 5 -29.22 -15.26 9.88
N ASP F 6 -29.19 -15.32 11.19
CA ASP F 6 -30.31 -14.88 11.99
C ASP F 6 -30.03 -13.42 12.42
N LYS F 7 -30.97 -12.55 12.11
CA LYS F 7 -30.75 -11.14 12.29
C LYS F 7 -30.58 -10.69 13.76
N ALA F 8 -31.17 -11.44 14.65
CA ALA F 8 -31.01 -11.17 16.07
C ALA F 8 -29.60 -11.45 16.51
N ASP F 9 -29.02 -12.53 15.98
CA ASP F 9 -27.70 -12.83 16.24
C ASP F 9 -26.78 -11.77 15.62
N ASN F 10 -27.08 -11.31 14.39
CA ASN F 10 -26.23 -10.33 13.77
C ASN F 10 -26.15 -9.07 14.66
N ALA F 11 -27.31 -8.64 15.10
CA ALA F 11 -27.49 -7.48 15.91
C ALA F 11 -26.70 -7.59 17.20
N PHE F 12 -26.95 -8.67 17.90
CA PHE F 12 -26.22 -8.97 19.11
C PHE F 12 -24.72 -8.92 18.97
N MET F 13 -24.23 -9.55 17.92
CA MET F 13 -22.85 -9.68 17.75
C MET F 13 -22.11 -8.39 17.28
N MET F 14 -22.81 -7.51 16.54
CA MET F 14 -22.25 -6.26 16.13
C MET F 14 -22.16 -5.36 17.37
N ILE F 15 -23.17 -5.39 18.23
CA ILE F 15 -23.10 -4.64 19.50
C ILE F 15 -22.03 -5.21 20.44
N CYS F 16 -21.96 -6.53 20.56
CA CYS F 16 -20.88 -7.13 21.34
C CYS F 16 -19.51 -6.70 20.82
N THR F 17 -19.36 -6.63 19.49
CA THR F 17 -18.11 -6.28 18.90
C THR F 17 -17.72 -4.86 19.28
N ALA F 18 -18.67 -3.94 19.23
CA ALA F 18 -18.44 -2.57 19.58
C ALA F 18 -18.03 -2.45 21.06
N LEU F 19 -18.65 -3.25 21.89
CA LEU F 19 -18.35 -3.31 23.30
C LEU F 19 -16.92 -3.81 23.60
N VAL F 20 -16.45 -4.77 22.82
CA VAL F 20 -15.08 -5.25 22.98
C VAL F 20 -14.04 -4.24 22.41
N LEU F 21 -14.37 -3.53 21.33
CA LEU F 21 -13.52 -2.45 20.86
C LEU F 21 -13.38 -1.35 21.94
N PHE F 22 -14.50 -1.05 22.58
CA PHE F 22 -14.64 -0.12 23.70
C PHE F 22 -13.64 -0.42 24.79
N MET F 23 -13.35 -1.70 25.00
CA MET F 23 -12.53 -2.08 26.13
C MET F 23 -11.05 -1.76 25.84
N THR F 24 -10.71 -1.57 24.58
CA THR F 24 -9.38 -1.09 24.19
C THR F 24 -9.33 0.43 24.05
N ILE F 25 -10.28 0.97 23.29
CA ILE F 25 -10.47 2.37 23.02
C ILE F 25 -11.80 2.82 23.68
N PRO F 26 -11.76 3.37 24.92
CA PRO F 26 -10.60 3.77 25.70
C PRO F 26 -10.30 2.95 26.94
N GLY F 27 -11.10 1.92 27.21
CA GLY F 27 -10.94 1.13 28.42
C GLY F 27 -9.52 0.89 28.95
N ILE F 28 -8.72 0.16 28.18
CA ILE F 28 -7.45 -0.30 28.67
C ILE F 28 -6.51 0.92 28.73
N ALA F 29 -6.71 1.86 27.81
CA ALA F 29 -5.88 3.06 27.75
C ALA F 29 -6.05 3.92 29.03
N LEU F 30 -7.28 4.09 29.48
CA LEU F 30 -7.56 4.80 30.73
C LEU F 30 -7.13 4.04 31.97
N PHE F 31 -7.21 2.71 31.93
CA PHE F 31 -6.76 1.86 33.03
C PHE F 31 -5.23 2.05 33.27
N TYR F 32 -4.44 1.90 32.21
CA TYR F 32 -3.03 2.10 32.33
C TYR F 32 -2.72 3.60 32.54
N GLY F 33 -3.51 4.48 31.92
CA GLY F 33 -3.29 5.92 32.02
C GLY F 33 -3.21 6.45 33.46
N GLY F 34 -4.03 5.92 34.35
CA GLY F 34 -3.97 6.31 35.76
C GLY F 34 -3.01 5.50 36.62
N LEU F 35 -2.45 4.43 36.08
CA LEU F 35 -1.48 3.60 36.77
C LEU F 35 -0.05 4.12 36.59
N ILE F 36 0.32 4.51 35.37
CA ILE F 36 1.72 4.77 35.03
C ILE F 36 2.06 6.21 35.41
N ARG F 37 3.35 6.59 35.38
CA ARG F 37 3.78 7.94 35.79
C ARG F 37 3.30 8.98 34.76
N GLY F 38 2.73 10.09 35.24
CA GLY F 38 2.19 11.16 34.40
C GLY F 38 3.00 11.62 33.18
N LYS F 39 4.33 11.64 33.34
CA LYS F 39 5.25 12.05 32.26
C LYS F 39 5.16 11.10 31.06
N ASN F 40 4.62 9.91 31.28
CA ASN F 40 4.51 8.87 30.27
C ASN F 40 3.11 8.64 29.65
N VAL F 41 2.09 9.37 30.07
CA VAL F 41 0.72 9.05 29.71
C VAL F 41 0.47 9.32 28.24
N LEU F 42 0.76 10.54 27.82
CA LEU F 42 0.49 10.99 26.48
C LEU F 42 1.09 10.03 25.44
N SER F 43 2.28 9.56 25.75
CA SER F 43 2.98 8.68 24.83
C SER F 43 2.44 7.21 24.86
N MET F 44 2.05 6.76 26.04
CA MET F 44 1.34 5.49 26.20
C MET F 44 0.01 5.46 25.39
N LEU F 45 -0.78 6.52 25.51
CA LEU F 45 -2.08 6.60 24.82
C LEU F 45 -1.92 6.57 23.33
N THR F 46 -0.84 7.17 22.86
CA THR F 46 -0.52 7.22 21.46
C THR F 46 -0.12 5.86 20.94
N GLN F 47 0.61 5.12 21.75
CA GLN F 47 1.14 3.85 21.30
C GLN F 47 0.06 2.77 21.29
N VAL F 48 -0.94 2.94 22.17
CA VAL F 48 -2.04 2.00 22.25
C VAL F 48 -2.94 2.27 21.06
N THR F 49 -3.16 3.53 20.76
CA THR F 49 -3.96 3.93 19.62
C THR F 49 -3.35 3.49 18.29
N VAL F 50 -2.03 3.66 18.13
CA VAL F 50 -1.34 3.29 16.90
C VAL F 50 -1.24 1.79 16.65
N THR F 51 -0.96 1.03 17.71
CA THR F 51 -0.86 -0.40 17.62
C THR F 51 -2.21 -1.08 17.48
N PHE F 52 -3.23 -0.45 18.07
CA PHE F 52 -4.62 -0.83 17.83
C PHE F 52 -4.90 -0.75 16.34
N ALA F 53 -4.59 0.41 15.75
CA ALA F 53 -4.75 0.59 14.32
C ALA F 53 -4.02 -0.46 13.53
N LEU F 54 -2.78 -0.70 13.91
CA LEU F 54 -1.93 -1.68 13.23
C LEU F 54 -2.53 -3.08 13.30
N VAL F 55 -3.04 -3.46 14.48
CA VAL F 55 -3.65 -4.74 14.60
C VAL F 55 -4.88 -4.91 13.72
N CYS F 56 -5.72 -3.88 13.65
CA CYS F 56 -6.87 -3.88 12.79
C CYS F 56 -6.46 -4.11 11.37
N ILE F 57 -5.39 -3.47 10.91
CA ILE F 57 -4.95 -3.66 9.52
C ILE F 57 -4.44 -5.08 9.28
N LEU F 58 -3.58 -5.55 10.14
CA LEU F 58 -2.99 -6.87 9.95
C LEU F 58 -4.06 -7.96 10.00
N TRP F 59 -5.06 -7.75 10.84
CA TRP F 59 -6.15 -8.68 10.99
C TRP F 59 -6.88 -8.91 9.67
N VAL F 60 -7.35 -7.84 9.03
CA VAL F 60 -8.08 -8.00 7.76
C VAL F 60 -7.17 -8.40 6.61
N VAL F 61 -5.93 -7.93 6.59
CA VAL F 61 -4.97 -8.35 5.53
C VAL F 61 -4.75 -9.87 5.48
N TYR F 62 -4.24 -10.43 6.57
CA TYR F 62 -3.95 -11.86 6.65
C TYR F 62 -4.33 -12.53 8.00
N GLY F 63 -4.49 -11.76 9.06
CA GLY F 63 -4.62 -12.31 10.39
C GLY F 63 -5.85 -13.19 10.62
N TYR F 64 -6.98 -12.74 10.15
CA TYR F 64 -8.22 -13.52 10.33
C TYR F 64 -8.11 -14.86 9.63
N SER F 65 -7.60 -14.85 8.41
CA SER F 65 -7.39 -16.03 7.59
C SER F 65 -6.42 -17.03 8.26
N LEU F 66 -5.32 -16.51 8.81
CA LEU F 66 -4.28 -17.36 9.39
C LEU F 66 -4.72 -17.91 10.74
N ALA F 67 -5.69 -17.26 11.37
CA ALA F 67 -6.24 -17.73 12.61
C ALA F 67 -7.46 -18.64 12.40
N PHE F 68 -8.38 -18.28 11.51
CA PHE F 68 -9.63 -19.08 11.35
C PHE F 68 -9.84 -19.88 10.07
N GLY F 69 -8.99 -19.73 9.07
CA GLY F 69 -9.08 -20.53 7.84
C GLY F 69 -8.61 -21.98 8.05
N GLU F 70 -8.95 -22.86 7.11
CA GLU F 70 -8.47 -24.22 7.10
C GLU F 70 -6.97 -24.26 7.01
N GLY F 71 -6.34 -25.02 7.89
CA GLY F 71 -4.91 -25.16 7.81
C GLY F 71 -4.50 -26.49 8.40
N ASN F 72 -3.63 -26.40 9.38
CA ASN F 72 -3.09 -27.41 10.29
C ASN F 72 -3.81 -27.55 11.54
N ASN F 73 -3.19 -28.32 12.42
CA ASN F 73 -3.44 -28.18 13.83
C ASN F 73 -2.97 -26.84 14.45
N PHE F 74 -2.11 -26.08 13.76
CA PHE F 74 -1.47 -24.87 14.37
C PHE F 74 -1.80 -23.53 13.73
N PHE F 75 -1.87 -23.50 12.40
CA PHE F 75 -2.15 -22.29 11.63
C PHE F 75 -3.27 -22.55 10.62
N GLY F 76 -3.91 -21.45 10.20
CA GLY F 76 -4.90 -21.46 9.11
C GLY F 76 -4.16 -21.28 7.81
N ASN F 77 -4.53 -20.28 7.03
CA ASN F 77 -3.89 -20.10 5.74
C ASN F 77 -3.90 -18.63 5.40
N ILE F 78 -3.10 -18.26 4.44
CA ILE F 78 -3.13 -16.92 3.83
C ILE F 78 -3.30 -17.08 2.33
N ASN F 79 -4.24 -17.93 1.90
CA ASN F 79 -4.49 -18.14 0.46
C ASN F 79 -5.13 -16.91 -0.16
N TRP F 80 -5.83 -16.13 0.67
CA TRP F 80 -6.54 -14.94 0.20
C TRP F 80 -6.30 -13.78 1.18
N LEU F 81 -5.91 -12.65 0.63
CA LEU F 81 -5.70 -11.48 1.46
C LEU F 81 -6.97 -10.65 1.48
N MET F 82 -7.14 -9.86 2.54
CA MET F 82 -8.17 -8.80 2.56
C MET F 82 -9.59 -9.35 2.46
N LEU F 83 -9.82 -10.54 3.04
CA LEU F 83 -11.18 -11.13 3.10
C LEU F 83 -11.76 -11.50 1.74
N LYS F 84 -10.90 -11.67 0.79
CA LYS F 84 -11.29 -11.84 -0.59
C LYS F 84 -12.11 -13.11 -0.89
N ASN F 85 -11.77 -14.22 -0.25
CA ASN F 85 -12.56 -15.47 -0.35
C ASN F 85 -13.93 -15.37 0.38
N ILE F 86 -14.25 -14.23 1.01
CA ILE F 86 -15.44 -14.15 1.84
C ILE F 86 -16.47 -13.29 1.16
N GLU F 87 -17.52 -13.93 0.64
CA GLU F 87 -18.64 -13.19 0.10
C GLU F 87 -19.30 -12.40 1.21
N LEU F 88 -19.83 -11.26 0.83
CA LEU F 88 -20.50 -10.39 1.76
C LEU F 88 -21.62 -11.09 2.47
N THR F 89 -22.36 -11.93 1.75
CA THR F 89 -23.42 -12.77 2.34
C THR F 89 -22.97 -14.12 2.94
N ALA F 90 -21.69 -14.42 3.01
CA ALA F 90 -21.27 -15.67 3.63
C ALA F 90 -21.66 -15.65 5.11
N VAL F 91 -22.09 -16.80 5.62
CA VAL F 91 -22.57 -16.99 6.99
C VAL F 91 -21.64 -17.94 7.74
N MET F 92 -21.28 -17.59 8.98
CA MET F 92 -20.42 -18.41 9.85
C MET F 92 -21.21 -18.62 11.14
N GLY F 93 -21.61 -19.87 11.37
CA GLY F 93 -22.56 -20.18 12.44
C GLY F 93 -23.92 -19.60 12.08
N SER F 94 -24.45 -18.68 12.88
CA SER F 94 -25.73 -17.96 12.59
C SER F 94 -25.59 -16.47 12.28
N ILE F 95 -24.40 -16.01 11.90
CA ILE F 95 -24.18 -14.62 11.63
C ILE F 95 -23.41 -14.43 10.34
N TYR F 96 -23.47 -13.22 9.76
CA TYR F 96 -22.63 -12.92 8.60
C TYR F 96 -21.18 -13.00 9.03
N GLN F 97 -20.37 -13.58 8.17
CA GLN F 97 -19.03 -13.89 8.54
C GLN F 97 -18.20 -12.63 8.78
N TYR F 98 -18.60 -11.52 8.14
CA TYR F 98 -17.92 -10.28 8.31
C TYR F 98 -17.99 -9.85 9.80
N ILE F 99 -19.10 -10.19 10.44
CA ILE F 99 -19.29 -9.88 11.86
C ILE F 99 -18.37 -10.70 12.70
N HIS F 100 -18.20 -11.98 12.34
CA HIS F 100 -17.24 -12.88 12.97
C HIS F 100 -15.78 -12.39 12.80
N VAL F 101 -15.49 -11.78 11.66
CA VAL F 101 -14.23 -11.15 11.43
C VAL F 101 -13.94 -9.98 12.37
N ALA F 102 -14.89 -9.05 12.50
CA ALA F 102 -14.80 -7.91 13.41
C ALA F 102 -14.81 -8.35 14.86
N PHE F 103 -15.68 -9.29 15.22
CA PHE F 103 -15.68 -9.73 16.60
C PHE F 103 -14.30 -10.30 17.01
N GLN F 104 -13.75 -11.21 16.23
CA GLN F 104 -12.51 -11.83 16.59
C GLN F 104 -11.30 -10.88 16.50
N GLY F 105 -11.42 -9.89 15.61
CA GLY F 105 -10.43 -8.84 15.41
C GLY F 105 -10.36 -7.93 16.62
N SER F 106 -11.50 -7.69 17.24
CA SER F 106 -11.53 -6.92 18.46
C SER F 106 -10.86 -7.65 19.61
N PHE F 107 -10.84 -8.99 19.54
CA PHE F 107 -10.15 -9.81 20.56
C PHE F 107 -8.61 -9.65 20.41
N ALA F 108 -8.13 -9.61 19.17
CA ALA F 108 -6.71 -9.46 18.99
C ALA F 108 -6.30 -8.09 19.53
N CYS F 109 -7.19 -7.12 19.35
CA CYS F 109 -6.93 -5.75 19.71
C CYS F 109 -6.77 -5.53 21.21
N ILE F 110 -7.74 -5.99 22.00
CA ILE F 110 -7.64 -5.87 23.44
C ILE F 110 -6.44 -6.66 23.97
N THR F 111 -6.16 -7.79 23.37
CA THR F 111 -5.05 -8.64 23.84
C THR F 111 -3.73 -7.84 23.73
N VAL F 112 -3.53 -7.23 22.57
CA VAL F 112 -2.38 -6.45 22.28
C VAL F 112 -2.36 -5.18 23.10
N GLY F 113 -3.53 -4.54 23.26
CA GLY F 113 -3.64 -3.36 24.10
C GLY F 113 -3.18 -3.57 25.53
N LEU F 114 -3.49 -4.72 26.04
CA LEU F 114 -3.04 -5.17 27.33
C LEU F 114 -1.52 -5.13 27.52
N ILE F 115 -0.82 -5.68 26.53
CA ILE F 115 0.60 -5.81 26.56
C ILE F 115 1.22 -4.43 26.31
N VAL F 116 0.73 -3.75 25.28
CA VAL F 116 1.27 -2.48 24.87
C VAL F 116 1.14 -1.37 25.93
N GLY F 117 0.04 -1.35 26.65
CA GLY F 117 -0.15 -0.35 27.66
C GLY F 117 0.83 -0.45 28.84
N ALA F 118 1.31 -1.65 29.10
CA ALA F 118 2.23 -1.90 30.18
C ALA F 118 3.67 -1.63 29.76
N LEU F 119 4.04 -2.04 28.55
CA LEU F 119 5.38 -1.83 27.99
C LEU F 119 5.69 -0.46 27.35
N ALA F 120 4.69 0.42 27.23
CA ALA F 120 4.90 1.73 26.64
C ALA F 120 5.86 2.59 27.50
N GLU F 121 6.75 3.30 26.81
CA GLU F 121 7.82 4.09 27.45
C GLU F 121 8.60 3.30 28.52
N ARG F 122 8.84 2.03 28.22
CA ARG F 122 9.81 1.21 28.92
C ARG F 122 10.71 0.63 27.85
N ILE F 123 10.10 -0.01 26.87
CA ILE F 123 10.78 -0.34 25.62
C ILE F 123 10.39 0.69 24.56
N ARG F 124 11.35 1.01 23.72
CA ARG F 124 11.16 2.03 22.69
C ARG F 124 10.04 1.56 21.70
N PHE F 125 9.41 2.54 21.08
CA PHE F 125 8.21 2.32 20.30
C PHE F 125 8.47 1.41 19.09
N SER F 126 9.55 1.71 18.38
CA SER F 126 10.05 0.85 17.32
C SER F 126 10.00 -0.59 17.73
N ALA F 127 10.50 -0.88 18.91
CA ALA F 127 10.61 -2.26 19.38
C ALA F 127 9.26 -2.88 19.76
N VAL F 128 8.33 -2.05 20.22
CA VAL F 128 6.95 -2.49 20.47
C VAL F 128 6.32 -2.96 19.15
N LEU F 129 6.48 -2.17 18.09
CA LEU F 129 5.89 -2.45 16.79
C LEU F 129 6.42 -3.74 16.16
N ILE F 130 7.72 -4.02 16.34
CA ILE F 130 8.29 -5.27 15.85
C ILE F 130 7.81 -6.44 16.71
N PHE F 131 7.73 -6.22 18.01
CA PHE F 131 7.24 -7.25 18.88
C PHE F 131 5.79 -7.64 18.54
N VAL F 132 4.94 -6.62 18.37
CA VAL F 132 3.52 -6.80 18.05
C VAL F 132 3.31 -7.65 16.79
N VAL F 133 4.01 -7.30 15.72
CA VAL F 133 3.89 -8.00 14.45
C VAL F 133 4.31 -9.45 14.59
N VAL F 134 5.44 -9.66 15.25
CA VAL F 134 5.98 -11.04 15.40
C VAL F 134 5.02 -11.90 16.26
N TRP F 135 4.66 -11.38 17.41
CA TRP F 135 3.89 -12.09 18.43
C TRP F 135 2.41 -12.29 18.06
N LEU F 136 1.79 -11.33 17.39
CA LEU F 136 0.44 -11.49 16.91
C LEU F 136 0.44 -12.61 15.86
N THR F 137 1.39 -12.55 14.96
CA THR F 137 1.45 -13.48 13.82
C THR F 137 1.78 -14.89 14.25
N LEU F 138 2.67 -14.99 15.23
CA LEU F 138 3.24 -16.28 15.56
C LEU F 138 2.83 -16.79 16.92
N SER F 139 2.12 -15.99 17.71
CA SER F 139 1.58 -16.48 18.98
C SER F 139 0.09 -16.35 19.09
N TYR F 140 -0.43 -15.12 18.95
CA TYR F 140 -1.89 -14.90 19.10
C TYR F 140 -2.62 -15.77 18.06
N ILE F 141 -2.19 -15.64 16.81
CA ILE F 141 -2.89 -16.25 15.66
C ILE F 141 -2.94 -17.78 15.66
N PRO F 142 -1.79 -18.44 15.83
CA PRO F 142 -1.86 -19.89 16.00
C PRO F 142 -2.56 -20.38 17.26
N ILE F 143 -2.38 -19.72 18.39
CA ILE F 143 -3.09 -20.13 19.60
C ILE F 143 -4.62 -19.97 19.46
N ALA F 144 -5.08 -18.89 18.84
CA ALA F 144 -6.48 -18.80 18.46
C ALA F 144 -6.90 -19.95 17.52
N HIS F 145 -6.01 -20.31 16.59
CA HIS F 145 -6.35 -21.35 15.63
C HIS F 145 -6.52 -22.65 16.38
N MET F 146 -5.58 -22.91 17.29
CA MET F 146 -5.55 -24.16 18.08
C MET F 146 -6.79 -24.33 18.95
N VAL F 147 -7.28 -23.24 19.53
CA VAL F 147 -8.41 -23.26 20.46
C VAL F 147 -9.82 -23.04 19.82
N TRP F 148 -9.94 -22.06 18.92
CA TRP F 148 -11.20 -21.69 18.33
C TRP F 148 -11.25 -21.91 16.84
N GLY F 149 -10.14 -22.26 16.19
CA GLY F 149 -10.14 -22.48 14.72
C GLY F 149 -10.01 -23.94 14.26
N GLY F 150 -10.34 -24.87 15.13
CA GLY F 150 -10.33 -26.30 14.78
C GLY F 150 -8.99 -26.98 14.84
N GLY F 151 -7.99 -26.31 15.40
CA GLY F 151 -6.68 -26.90 15.54
C GLY F 151 -6.55 -27.85 16.74
N LEU F 152 -5.35 -27.90 17.31
CA LEU F 152 -4.91 -29.01 18.16
C LEU F 152 -5.71 -29.11 19.45
N LEU F 153 -5.82 -27.99 20.18
CA LEU F 153 -6.50 -28.02 21.47
C LEU F 153 -8.02 -28.26 21.32
N ALA F 154 -8.65 -27.60 20.38
CA ALA F 154 -10.06 -27.85 20.06
C ALA F 154 -10.39 -29.31 19.70
N SER F 155 -9.50 -29.97 18.97
CA SER F 155 -9.64 -31.40 18.61
C SER F 155 -9.50 -32.37 19.81
N HIS F 156 -8.85 -31.92 20.87
CA HIS F 156 -8.81 -32.71 22.09
C HIS F 156 -9.91 -32.27 23.05
N GLY F 157 -10.85 -31.42 22.61
CA GLY F 157 -11.94 -31.02 23.53
C GLY F 157 -11.53 -30.05 24.65
N ALA F 158 -10.52 -29.20 24.41
CA ALA F 158 -10.20 -28.13 25.36
C ALA F 158 -11.37 -27.14 25.50
N LEU F 159 -11.64 -26.74 26.74
CA LEU F 159 -12.71 -25.83 27.08
C LEU F 159 -12.11 -24.46 27.40
N ASP F 160 -12.50 -23.47 26.62
CA ASP F 160 -12.07 -22.11 26.83
C ASP F 160 -13.02 -21.25 26.10
N PHE F 161 -14.04 -20.80 26.80
CA PHE F 161 -15.20 -20.13 26.18
C PHE F 161 -14.89 -18.83 25.50
N ALA F 162 -14.18 -17.98 26.24
CA ALA F 162 -13.82 -16.69 25.73
C ALA F 162 -12.37 -16.26 25.89
N GLY F 163 -11.44 -17.18 26.23
CA GLY F 163 -10.03 -16.88 26.07
C GLY F 163 -9.10 -16.74 27.29
N GLY F 164 -9.23 -17.66 28.23
CA GLY F 164 -8.29 -17.80 29.28
C GLY F 164 -6.90 -18.15 28.74
N THR F 165 -6.83 -18.99 27.73
CA THR F 165 -5.55 -19.29 27.14
C THR F 165 -5.19 -18.24 26.12
N VAL F 166 -6.07 -18.11 25.13
CA VAL F 166 -5.83 -17.29 23.92
C VAL F 166 -5.52 -15.81 24.21
N VAL F 167 -6.24 -15.26 25.18
CA VAL F 167 -6.07 -13.89 25.50
C VAL F 167 -5.20 -13.77 26.74
N HIS F 168 -5.68 -14.28 27.87
CA HIS F 168 -5.11 -13.99 29.17
C HIS F 168 -3.74 -14.61 29.47
N ILE F 169 -3.63 -15.94 29.43
CA ILE F 169 -2.39 -16.57 29.68
C ILE F 169 -1.39 -16.14 28.62
N ASN F 170 -1.85 -16.11 27.39
CA ASN F 170 -1.03 -15.79 26.25
C ASN F 170 -0.36 -14.45 26.46
N ALA F 171 -1.16 -13.46 26.82
CA ALA F 171 -0.68 -12.08 26.99
C ALA F 171 0.12 -11.91 28.26
N ALA F 172 -0.26 -12.64 29.31
CA ALA F 172 0.43 -12.57 30.58
C ALA F 172 1.88 -12.98 30.42
N ILE F 173 2.11 -14.03 29.65
CA ILE F 173 3.43 -14.55 29.46
C ILE F 173 4.29 -13.66 28.56
N ALA F 174 3.69 -13.10 27.52
CA ALA F 174 4.40 -12.16 26.70
C ALA F 174 4.85 -10.94 27.51
N GLY F 175 3.95 -10.42 28.34
CA GLY F 175 4.28 -9.27 29.17
C GLY F 175 5.38 -9.58 30.16
N LEU F 176 5.32 -10.77 30.79
CA LEU F 176 6.28 -11.13 31.82
C LEU F 176 7.67 -11.35 31.20
N VAL F 177 7.74 -12.01 30.05
CA VAL F 177 8.99 -12.16 29.30
C VAL F 177 9.55 -10.78 28.96
N GLY F 178 8.69 -9.84 28.59
CA GLY F 178 9.12 -8.49 28.28
C GLY F 178 9.62 -7.73 29.50
N ALA F 179 9.00 -8.02 30.63
CA ALA F 179 9.34 -7.37 31.91
C ALA F 179 10.67 -7.90 32.45
N TYR F 180 10.88 -9.22 32.33
CA TYR F 180 12.15 -9.90 32.66
C TYR F 180 13.31 -9.37 31.81
N LEU F 181 13.07 -9.20 30.51
CA LEU F 181 14.13 -8.76 29.61
C LEU F 181 14.49 -7.27 29.72
N ILE F 182 13.76 -6.48 30.49
CA ILE F 182 14.24 -5.13 30.82
C ILE F 182 14.88 -5.12 32.20
N PRO F 195 1.44 6.00 40.73
CA PRO F 195 0.01 5.87 40.41
C PRO F 195 -0.68 7.19 40.72
N HIS F 196 -1.02 7.95 39.71
CA HIS F 196 -1.31 9.37 39.88
C HIS F 196 -2.80 9.78 39.68
N ASN F 197 -3.59 8.95 38.99
CA ASN F 197 -5.04 9.22 38.84
C ASN F 197 -5.90 7.98 39.06
N LEU F 198 -6.20 7.69 40.33
CA LEU F 198 -6.91 6.47 40.67
C LEU F 198 -8.37 6.47 40.16
N PRO F 199 -9.03 7.64 40.16
CA PRO F 199 -10.33 7.71 39.49
C PRO F 199 -10.29 7.33 38.00
N MET F 200 -9.17 7.60 37.32
CA MET F 200 -9.03 7.24 35.94
C MET F 200 -8.92 5.70 35.81
N VAL F 201 -8.30 5.08 36.78
CA VAL F 201 -8.16 3.63 36.82
C VAL F 201 -9.53 2.97 37.05
N PHE F 202 -10.36 3.59 37.90
CA PHE F 202 -11.69 3.12 38.17
C PHE F 202 -12.52 3.18 36.86
N THR F 203 -12.33 4.23 36.10
CA THR F 203 -13.09 4.48 34.91
C THR F 203 -12.75 3.47 33.86
N GLY F 204 -11.48 3.17 33.71
CA GLY F 204 -11.00 2.16 32.80
C GLY F 204 -11.52 0.78 33.17
N THR F 205 -11.46 0.49 34.48
CA THR F 205 -11.89 -0.78 35.02
C THR F 205 -13.40 -0.97 34.77
N ALA F 206 -14.15 0.10 34.97
CA ALA F 206 -15.56 0.11 34.74
C ALA F 206 -15.91 -0.15 33.24
N ILE F 207 -15.27 0.60 32.34
CA ILE F 207 -15.40 0.38 30.91
C ILE F 207 -15.00 -1.03 30.51
N LEU F 208 -13.93 -1.52 31.09
CA LEU F 208 -13.48 -2.89 30.83
C LEU F 208 -14.58 -3.89 31.25
N TYR F 209 -15.23 -3.61 32.38
CA TYR F 209 -16.29 -4.46 32.89
C TYR F 209 -17.49 -4.53 31.94
N ILE F 210 -17.94 -3.38 31.48
CA ILE F 210 -19.13 -3.26 30.67
C ILE F 210 -18.83 -3.89 29.35
N GLY F 211 -17.69 -3.55 28.79
CA GLY F 211 -17.27 -4.20 27.56
C GLY F 211 -17.19 -5.72 27.63
N TRP F 212 -16.82 -6.25 28.80
CA TRP F 212 -16.49 -7.63 28.92
C TRP F 212 -17.76 -8.47 28.71
N PHE F 213 -18.93 -7.83 28.89
CA PHE F 213 -20.19 -8.52 28.61
C PHE F 213 -20.32 -8.88 27.14
N GLY F 214 -19.82 -8.03 26.29
CA GLY F 214 -19.71 -8.33 24.88
C GLY F 214 -18.67 -9.39 24.57
N PHE F 215 -17.55 -9.29 25.25
CA PHE F 215 -16.47 -10.29 25.20
C PHE F 215 -16.96 -11.68 25.57
N ASN F 216 -17.51 -11.78 26.77
CA ASN F 216 -17.92 -13.06 27.32
C ASN F 216 -19.29 -13.65 26.74
N ALA F 217 -20.37 -12.90 26.72
CA ALA F 217 -21.65 -13.34 26.15
C ALA F 217 -21.60 -13.45 24.63
N GLY F 218 -20.88 -12.54 24.00
CA GLY F 218 -20.67 -12.60 22.57
C GLY F 218 -19.86 -13.75 22.06
N SER F 219 -19.14 -14.42 22.97
CA SER F 219 -18.37 -15.55 22.56
C SER F 219 -19.27 -16.76 22.29
N ALA F 220 -20.54 -16.66 22.64
CA ALA F 220 -21.53 -17.72 22.32
C ALA F 220 -21.95 -17.68 20.89
N GLY F 221 -21.85 -16.49 20.27
CA GLY F 221 -22.02 -16.30 18.84
C GLY F 221 -23.49 -16.08 18.49
N THR F 222 -24.31 -15.97 19.50
CA THR F 222 -25.74 -15.95 19.25
C THR F 222 -26.38 -15.53 20.51
N ALA F 223 -27.49 -14.80 20.43
CA ALA F 223 -28.22 -14.42 21.60
C ALA F 223 -29.13 -15.55 22.12
N ASN F 224 -28.50 -16.60 22.64
CA ASN F 224 -29.26 -17.73 23.18
C ASN F 224 -29.03 -17.88 24.70
N GLU F 225 -29.31 -19.08 25.24
CA GLU F 225 -29.24 -19.29 26.66
C GLU F 225 -27.84 -19.43 27.12
N ILE F 226 -26.93 -19.85 26.23
CA ILE F 226 -25.49 -19.88 26.55
C ILE F 226 -24.90 -18.45 26.73
N ALA F 227 -25.34 -17.50 25.90
CA ALA F 227 -24.94 -16.11 26.11
C ALA F 227 -25.54 -15.60 27.40
N ALA F 228 -26.79 -15.92 27.66
CA ALA F 228 -27.35 -15.54 28.92
C ALA F 228 -26.58 -16.10 30.11
N LEU F 229 -26.22 -17.37 30.05
CA LEU F 229 -25.46 -17.99 31.14
C LEU F 229 -24.13 -17.23 31.30
N ALA F 230 -23.50 -16.92 30.17
CA ALA F 230 -22.22 -16.28 30.15
C ALA F 230 -22.33 -14.89 30.80
N PHE F 231 -23.47 -14.24 30.55
CA PHE F 231 -23.76 -12.91 31.04
C PHE F 231 -23.89 -12.91 32.57
N VAL F 232 -24.82 -13.69 33.05
CA VAL F 232 -25.05 -13.87 34.46
C VAL F 232 -23.78 -14.31 35.25
N ASN F 233 -22.93 -15.16 34.65
CA ASN F 233 -21.77 -15.67 35.32
C ASN F 233 -20.71 -14.62 35.43
N THR F 234 -20.68 -13.69 34.46
CA THR F 234 -19.77 -12.58 34.46
C THR F 234 -20.12 -11.60 35.60
N VAL F 235 -21.43 -11.32 35.75
CA VAL F 235 -21.91 -10.48 36.83
C VAL F 235 -21.46 -11.05 38.17
N VAL F 236 -21.76 -12.33 38.37
CA VAL F 236 -21.56 -13.02 39.62
C VAL F 236 -20.08 -13.28 39.99
N ALA F 237 -19.31 -13.81 39.05
CA ALA F 237 -17.93 -14.05 39.30
C ALA F 237 -17.10 -12.74 39.57
N THR F 238 -17.44 -11.65 38.89
CA THR F 238 -16.80 -10.39 39.13
C THR F 238 -17.09 -9.84 40.54
N ALA F 239 -18.33 -9.99 40.97
CA ALA F 239 -18.76 -9.47 42.19
C ALA F 239 -18.08 -10.29 43.29
N ALA F 240 -18.13 -11.61 43.19
CA ALA F 240 -17.46 -12.48 44.14
C ALA F 240 -15.95 -12.22 44.26
N ALA F 241 -15.28 -11.96 43.14
CA ALA F 241 -13.86 -11.62 43.14
C ALA F 241 -13.55 -10.28 43.79
N ILE F 242 -14.35 -9.28 43.50
CA ILE F 242 -14.22 -7.97 44.14
C ILE F 242 -14.17 -8.16 45.64
N LEU F 243 -15.12 -8.95 46.17
CA LEU F 243 -15.23 -9.20 47.59
C LEU F 243 -14.06 -10.08 48.05
N GLY F 244 -13.78 -11.14 47.30
CA GLY F 244 -12.65 -12.03 47.58
C GLY F 244 -11.37 -11.24 47.82
N TRP F 245 -10.96 -10.45 46.83
CA TRP F 245 -9.80 -9.61 46.93
C TRP F 245 -9.86 -8.61 48.08
N ILE F 246 -10.97 -7.91 48.19
CA ILE F 246 -11.17 -6.84 49.18
C ILE F 246 -11.09 -7.35 50.62
N PHE F 247 -11.59 -8.55 50.87
CA PHE F 247 -11.54 -9.16 52.20
C PHE F 247 -10.11 -9.61 52.47
N GLY F 248 -9.46 -10.16 51.45
CA GLY F 248 -8.05 -10.51 51.54
C GLY F 248 -7.16 -9.30 51.86
N GLU F 249 -7.50 -8.14 51.30
CA GLU F 249 -6.66 -6.95 51.42
C GLU F 249 -6.85 -6.27 52.77
N TRP F 250 -8.10 -6.21 53.22
CA TRP F 250 -8.46 -5.79 54.57
C TRP F 250 -7.68 -6.59 55.60
N ALA F 251 -7.58 -7.91 55.37
CA ALA F 251 -6.84 -8.77 56.28
C ALA F 251 -5.36 -8.46 56.22
N LEU F 252 -4.79 -8.55 55.02
CA LEU F 252 -3.36 -8.44 54.83
C LEU F 252 -2.80 -7.07 55.23
N ARG F 253 -3.58 -5.99 55.06
CA ARG F 253 -3.10 -4.62 55.32
C ARG F 253 -3.90 -3.76 56.22
N GLY F 254 -5.00 -4.27 56.76
CA GLY F 254 -5.85 -3.47 57.65
C GLY F 254 -6.86 -2.52 57.01
N LYS F 255 -6.55 -2.03 55.80
CA LYS F 255 -7.42 -1.16 55.03
C LYS F 255 -7.66 -1.80 53.63
N PRO F 256 -8.89 -1.65 53.08
CA PRO F 256 -9.11 -2.00 51.68
C PRO F 256 -8.95 -0.75 50.81
N SER F 257 -8.42 -0.91 49.59
CA SER F 257 -8.21 0.22 48.66
C SER F 257 -9.01 0.14 47.32
N LEU F 258 -9.16 1.30 46.68
CA LEU F 258 -9.84 1.39 45.41
C LEU F 258 -9.18 0.54 44.35
N LEU F 259 -7.85 0.58 44.33
CA LEU F 259 -7.08 -0.23 43.42
C LEU F 259 -7.25 -1.74 43.66
N GLY F 260 -7.51 -2.11 44.91
CA GLY F 260 -7.82 -3.49 45.27
C GLY F 260 -9.17 -3.94 44.74
N ALA F 261 -10.16 -3.07 44.91
CA ALA F 261 -11.50 -3.25 44.37
C ALA F 261 -11.44 -3.47 42.84
N CYS F 262 -10.73 -2.60 42.14
CA CYS F 262 -10.59 -2.72 40.70
C CYS F 262 -9.84 -3.95 40.27
N SER F 263 -8.81 -4.32 41.03
CA SER F 263 -7.98 -5.49 40.71
C SER F 263 -8.78 -6.77 40.88
N GLY F 264 -9.64 -6.78 41.87
CA GLY F 264 -10.50 -7.91 42.14
C GLY F 264 -11.49 -8.10 41.00
N ALA F 265 -12.07 -7.00 40.55
CA ALA F 265 -12.99 -7.00 39.46
C ALA F 265 -12.31 -7.66 38.28
N ILE F 266 -11.12 -7.14 37.93
CA ILE F 266 -10.34 -7.70 36.81
C ILE F 266 -10.02 -9.20 37.00
N ALA F 267 -9.82 -9.61 38.24
CA ALA F 267 -9.43 -10.98 38.53
C ALA F 267 -10.59 -11.96 38.30
N GLY F 268 -11.80 -11.55 38.67
CA GLY F 268 -12.99 -12.34 38.48
C GLY F 268 -13.34 -12.44 37.01
N LEU F 269 -13.20 -11.32 36.33
CA LEU F 269 -13.46 -11.29 34.92
C LEU F 269 -12.53 -12.16 34.17
N VAL F 270 -11.24 -12.08 34.52
CA VAL F 270 -10.23 -12.99 33.87
C VAL F 270 -10.55 -14.43 34.21
N GLY F 271 -10.78 -14.65 35.48
CA GLY F 271 -11.04 -16.01 35.96
C GLY F 271 -12.26 -16.61 35.26
N VAL F 272 -13.28 -15.80 34.98
CA VAL F 272 -14.54 -16.33 34.48
C VAL F 272 -14.56 -16.41 32.97
N THR F 273 -13.54 -15.83 32.36
CA THR F 273 -13.45 -15.79 30.90
C THR F 273 -13.47 -17.17 30.26
N PRO F 274 -12.66 -18.12 30.75
CA PRO F 274 -12.69 -19.43 30.10
C PRO F 274 -13.92 -20.27 30.43
N ALA F 275 -14.54 -19.95 31.56
CA ALA F 275 -15.55 -20.77 32.20
C ALA F 275 -16.96 -20.34 31.92
N CYS F 276 -17.14 -19.10 31.46
CA CYS F 276 -18.40 -18.43 31.62
C CYS F 276 -19.61 -19.11 30.97
N GLY F 277 -19.45 -19.70 29.81
CA GLY F 277 -20.55 -20.37 29.15
C GLY F 277 -20.58 -21.87 29.31
N TYR F 278 -19.79 -22.39 30.24
CA TYR F 278 -19.76 -23.80 30.54
C TYR F 278 -20.20 -24.15 31.96
N ILE F 279 -20.24 -23.15 32.87
CA ILE F 279 -20.48 -23.46 34.26
C ILE F 279 -21.76 -22.87 34.73
N GLY F 280 -22.25 -23.34 35.85
CA GLY F 280 -23.45 -22.86 36.53
C GLY F 280 -23.12 -21.71 37.43
N VAL F 281 -24.15 -21.04 37.94
CA VAL F 281 -23.92 -19.81 38.64
C VAL F 281 -23.22 -20.01 40.01
N GLY F 282 -23.51 -21.13 40.63
CA GLY F 282 -22.81 -21.57 41.86
C GLY F 282 -21.31 -21.73 41.56
N GLY F 283 -21.01 -22.39 40.47
CA GLY F 283 -19.65 -22.46 39.94
C GLY F 283 -19.00 -21.10 39.84
N ALA F 284 -19.75 -20.12 39.31
CA ALA F 284 -19.18 -18.82 38.99
C ALA F 284 -18.84 -18.02 40.24
N LEU F 285 -19.64 -18.18 41.28
CA LEU F 285 -19.39 -17.59 42.60
C LEU F 285 -18.12 -18.13 43.22
N ILE F 286 -17.92 -19.45 43.09
CA ILE F 286 -16.71 -20.10 43.56
C ILE F 286 -15.46 -19.64 42.79
N ILE F 287 -15.58 -19.57 41.50
CA ILE F 287 -14.48 -19.23 40.66
C ILE F 287 -14.02 -17.82 40.95
N GLY F 288 -15.01 -16.96 41.18
CA GLY F 288 -14.76 -15.59 41.44
C GLY F 288 -14.01 -15.43 42.72
N VAL F 289 -14.50 -16.03 43.77
CA VAL F 289 -13.85 -16.00 45.07
C VAL F 289 -12.38 -16.44 44.95
N VAL F 290 -12.17 -17.60 44.35
CA VAL F 290 -10.83 -18.17 44.27
C VAL F 290 -9.96 -17.32 43.39
N ALA F 291 -10.52 -16.82 42.29
CA ALA F 291 -9.74 -16.00 41.36
C ALA F 291 -9.34 -14.69 42.00
N GLY F 292 -10.22 -14.14 42.79
CA GLY F 292 -9.93 -12.93 43.52
C GLY F 292 -8.78 -13.11 44.48
N LEU F 293 -8.82 -14.20 45.26
CA LEU F 293 -7.75 -14.51 46.22
C LEU F 293 -6.45 -14.87 45.52
N ALA F 294 -6.53 -15.69 44.49
CA ALA F 294 -5.35 -16.08 43.73
C ALA F 294 -4.66 -14.88 43.11
N GLY F 295 -5.44 -13.91 42.64
CA GLY F 295 -4.88 -12.68 42.09
C GLY F 295 -4.24 -11.80 43.17
N LEU F 296 -4.82 -11.75 44.36
CA LEU F 296 -4.20 -10.99 45.44
C LEU F 296 -2.87 -11.65 45.85
N TRP F 297 -2.87 -12.98 45.96
CA TRP F 297 -1.65 -13.79 46.12
C TRP F 297 -0.58 -13.45 45.05
N GLY F 298 -0.93 -13.64 43.78
CA GLY F 298 -0.07 -13.35 42.62
C GLY F 298 0.66 -12.02 42.67
N VAL F 299 -0.05 -10.92 42.87
CA VAL F 299 0.62 -9.62 42.96
C VAL F 299 1.46 -9.44 44.24
N THR F 300 0.96 -9.92 45.36
CA THR F 300 1.69 -9.86 46.61
C THR F 300 3.06 -10.54 46.50
N MET F 301 3.09 -11.76 45.99
CA MET F 301 4.35 -12.41 45.63
C MET F 301 5.27 -11.43 44.84
N LEU F 302 4.86 -11.00 43.64
CA LEU F 302 5.63 -10.01 42.86
C LEU F 302 5.79 -8.74 43.70
N CYS F 312 3.36 -4.02 35.54
CA CYS F 312 3.51 -5.41 35.10
C CYS F 312 3.11 -6.47 36.12
N ASP F 313 2.63 -6.02 37.28
CA ASP F 313 1.83 -6.85 38.18
C ASP F 313 0.52 -7.27 37.51
N VAL F 314 0.04 -6.42 36.59
CA VAL F 314 -1.15 -6.71 35.83
C VAL F 314 -1.01 -8.07 35.15
N PHE F 315 0.17 -8.38 34.64
CA PHE F 315 0.38 -9.67 34.00
C PHE F 315 0.28 -10.82 35.00
N GLY F 316 0.65 -10.56 36.25
CA GLY F 316 0.54 -11.57 37.29
C GLY F 316 -0.89 -12.04 37.45
N VAL F 317 -1.79 -11.06 37.55
CA VAL F 317 -3.21 -11.31 37.62
C VAL F 317 -3.75 -12.00 36.35
N HIS F 318 -3.45 -11.50 35.15
CA HIS F 318 -3.99 -12.18 33.97
C HIS F 318 -3.51 -13.63 33.90
N GLY F 319 -2.27 -13.86 34.36
CA GLY F 319 -1.62 -15.17 34.29
C GLY F 319 -2.11 -16.14 35.35
N VAL F 320 -2.09 -15.74 36.62
CA VAL F 320 -2.53 -16.63 37.66
C VAL F 320 -4.05 -16.90 37.52
N CYS F 321 -4.83 -15.85 37.32
CA CYS F 321 -6.28 -15.96 37.24
C CYS F 321 -6.73 -16.67 35.97
N GLY F 322 -5.98 -16.47 34.90
CA GLY F 322 -6.19 -17.25 33.67
C GLY F 322 -5.99 -18.75 33.89
N ILE F 323 -4.96 -19.11 34.66
CA ILE F 323 -4.66 -20.52 34.91
C ILE F 323 -5.73 -21.08 35.85
N VAL F 324 -6.04 -20.32 36.89
CA VAL F 324 -7.12 -20.69 37.82
C VAL F 324 -8.42 -20.99 37.07
N GLY F 325 -8.82 -20.09 36.15
CA GLY F 325 -10.07 -20.23 35.47
C GLY F 325 -10.11 -21.37 34.47
N CYS F 326 -8.99 -21.64 33.78
CA CYS F 326 -8.88 -22.79 32.89
C CYS F 326 -8.92 -24.11 33.62
N ILE F 327 -8.39 -24.13 34.84
CA ILE F 327 -8.47 -25.36 35.63
C ILE F 327 -9.90 -25.56 36.09
N MET F 328 -10.44 -24.53 36.70
CA MET F 328 -11.75 -24.64 37.28
C MET F 328 -12.86 -24.92 36.19
N THR F 329 -12.63 -24.51 34.95
CA THR F 329 -13.54 -24.81 33.90
C THR F 329 -13.68 -26.35 33.74
N GLY F 330 -12.57 -27.07 33.93
CA GLY F 330 -12.53 -28.51 33.77
C GLY F 330 -13.18 -29.26 34.90
N ILE F 331 -13.32 -28.62 36.04
CA ILE F 331 -14.15 -29.13 37.15
C ILE F 331 -15.64 -28.78 36.99
N PHE F 332 -15.95 -27.49 36.91
CA PHE F 332 -17.31 -26.97 37.10
C PHE F 332 -18.17 -27.02 35.83
N ALA F 333 -17.57 -27.39 34.73
CA ALA F 333 -18.31 -27.72 33.55
C ALA F 333 -19.14 -29.01 33.74
N ALA F 334 -18.87 -29.76 34.79
CA ALA F 334 -19.54 -31.03 35.02
C ALA F 334 -20.98 -30.76 35.39
N SER F 335 -21.89 -31.62 34.91
CA SER F 335 -23.33 -31.46 35.09
C SER F 335 -23.66 -31.61 36.54
N SER F 336 -22.98 -32.52 37.21
CA SER F 336 -23.23 -32.74 38.62
C SER F 336 -22.79 -31.54 39.47
N LEU F 337 -21.94 -30.67 38.96
CA LEU F 337 -21.64 -29.40 39.65
C LEU F 337 -22.43 -28.21 39.13
N GLY F 338 -23.46 -28.44 38.32
CA GLY F 338 -24.24 -27.31 37.81
C GLY F 338 -23.84 -26.78 36.45
N GLY F 339 -22.74 -27.27 35.88
CA GLY F 339 -22.34 -26.87 34.51
C GLY F 339 -23.16 -27.47 33.37
N VAL F 340 -22.79 -27.15 32.13
CA VAL F 340 -23.52 -27.64 30.94
C VAL F 340 -23.22 -29.11 30.58
N GLY F 341 -22.18 -29.66 31.16
CA GLY F 341 -21.76 -31.02 30.91
C GLY F 341 -20.59 -31.17 30.01
N PHE F 342 -19.75 -32.14 30.30
CA PHE F 342 -18.64 -32.49 29.39
C PHE F 342 -19.23 -33.14 28.15
N ALA F 343 -18.44 -33.14 27.07
CA ALA F 343 -18.74 -33.92 25.85
C ALA F 343 -18.92 -35.41 26.15
N GLU F 344 -19.63 -36.14 25.30
CA GLU F 344 -19.91 -37.56 25.54
C GLU F 344 -18.67 -38.39 25.86
N GLY F 345 -18.73 -39.20 26.91
CA GLY F 345 -17.64 -40.07 27.33
C GLY F 345 -16.39 -39.41 27.95
N VAL F 346 -16.47 -38.11 28.27
CA VAL F 346 -15.33 -37.40 28.84
C VAL F 346 -15.51 -37.38 30.35
N THR F 347 -14.46 -37.69 31.08
CA THR F 347 -14.52 -37.65 32.51
C THR F 347 -13.88 -36.36 33.01
N MET F 348 -14.23 -35.95 34.18
CA MET F 348 -13.59 -34.79 34.75
C MET F 348 -12.05 -34.88 34.72
N GLY F 349 -11.50 -36.08 34.99
CA GLY F 349 -10.02 -36.28 35.12
C GLY F 349 -9.34 -36.12 33.80
N HIS F 350 -9.90 -36.76 32.77
CA HIS F 350 -9.47 -36.51 31.41
C HIS F 350 -9.61 -35.02 31.04
N GLN F 351 -10.75 -34.41 31.35
CA GLN F 351 -10.88 -33.03 30.95
C GLN F 351 -9.85 -32.12 31.64
N LEU F 352 -9.59 -32.36 32.92
CA LEU F 352 -8.58 -31.57 33.62
C LEU F 352 -7.22 -31.72 32.99
N LEU F 353 -6.99 -32.88 32.40
CA LEU F 353 -5.70 -33.20 31.88
C LEU F 353 -5.52 -32.36 30.65
N VAL F 354 -6.54 -32.36 29.80
CA VAL F 354 -6.59 -31.48 28.59
C VAL F 354 -6.44 -29.98 28.95
N GLN F 355 -7.09 -29.54 30.01
CA GLN F 355 -6.95 -28.15 30.43
C GLN F 355 -5.49 -27.81 30.75
N LEU F 356 -4.85 -28.69 31.53
CA LEU F 356 -3.44 -28.56 31.89
C LEU F 356 -2.55 -28.56 30.68
N GLU F 357 -2.78 -29.47 29.75
CA GLU F 357 -1.96 -29.54 28.53
C GLU F 357 -2.11 -28.23 27.75
N SER F 358 -3.32 -27.70 27.71
CA SER F 358 -3.61 -26.47 27.00
C SER F 358 -2.90 -25.26 27.63
N ILE F 359 -2.90 -25.21 28.95
CA ILE F 359 -2.23 -24.16 29.69
C ILE F 359 -0.73 -24.21 29.46
N ALA F 360 -0.19 -25.41 29.54
CA ALA F 360 1.23 -25.66 29.41
C ALA F 360 1.76 -25.23 28.05
N ILE F 361 1.08 -25.72 27.01
CA ILE F 361 1.43 -25.41 25.61
C ILE F 361 1.36 -23.90 25.33
N THR F 362 0.31 -23.28 25.86
CA THR F 362 0.12 -21.84 25.72
C THR F 362 1.28 -21.03 26.34
N ILE F 363 1.67 -21.43 27.53
CA ILE F 363 2.76 -20.75 28.24
C ILE F 363 4.07 -20.87 27.45
N VAL F 364 4.42 -22.08 27.05
CA VAL F 364 5.69 -22.32 26.33
C VAL F 364 5.63 -21.56 25.03
N TRP F 365 4.65 -21.90 24.18
CA TRP F 365 4.50 -21.26 22.85
C TRP F 365 4.64 -19.73 22.84
N SER F 366 4.03 -19.07 23.81
CA SER F 366 4.04 -17.63 23.87
C SER F 366 5.37 -17.14 24.47
N GLY F 367 5.89 -17.87 25.47
CA GLY F 367 7.22 -17.59 26.06
C GLY F 367 8.31 -17.60 24.99
N VAL F 368 8.29 -18.62 24.17
CA VAL F 368 9.28 -18.77 23.10
C VAL F 368 9.10 -17.68 22.04
N VAL F 369 7.86 -17.44 21.59
CA VAL F 369 7.58 -16.44 20.54
C VAL F 369 7.83 -15.02 21.04
N ALA F 370 7.40 -14.70 22.25
CA ALA F 370 7.73 -13.41 22.85
C ALA F 370 9.26 -13.19 22.91
N PHE F 371 9.99 -14.23 23.32
CA PHE F 371 11.46 -14.15 23.40
C PHE F 371 12.03 -13.78 22.04
N ILE F 372 11.66 -14.57 21.03
CA ILE F 372 12.07 -14.31 19.66
C ILE F 372 11.73 -12.90 19.19
N GLY F 373 10.56 -12.42 19.56
CA GLY F 373 10.13 -11.10 19.10
C GLY F 373 10.92 -9.98 19.76
N TYR F 374 11.10 -10.07 21.07
CA TYR F 374 11.84 -9.06 21.78
C TYR F 374 13.30 -9.02 21.30
N LYS F 375 13.91 -10.19 21.09
CA LYS F 375 15.31 -10.26 20.71
C LYS F 375 15.46 -9.65 19.36
N LEU F 376 14.69 -10.15 18.38
CA LEU F 376 14.66 -9.53 17.04
C LEU F 376 14.55 -8.01 17.13
N ALA F 377 13.72 -7.49 18.03
CA ALA F 377 13.64 -6.04 18.25
C ALA F 377 14.95 -5.49 18.89
N ASP F 378 15.50 -6.21 19.86
CA ASP F 378 16.66 -5.75 20.60
C ASP F 378 17.83 -5.61 19.64
N LEU F 379 18.03 -6.65 18.82
CA LEU F 379 19.16 -6.72 17.92
C LEU F 379 19.01 -5.78 16.76
N THR F 380 17.82 -5.22 16.57
CA THR F 380 17.54 -4.38 15.41
C THR F 380 17.50 -2.91 15.78
N VAL F 381 16.76 -2.58 16.83
CA VAL F 381 16.62 -1.19 17.25
C VAL F 381 16.99 -1.01 18.71
N GLY F 382 17.25 -2.10 19.41
CA GLY F 382 17.37 -2.09 20.87
C GLY F 382 16.13 -1.72 21.67
N LEU F 383 16.07 -2.23 22.90
CA LEU F 383 14.88 -2.09 23.76
C LEU F 383 14.80 -0.84 24.64
N ARG F 384 15.68 0.16 24.47
CA ARG F 384 15.36 1.50 25.10
C ARG F 384 15.66 2.81 24.34
N VAL F 385 15.08 3.92 24.87
CA VAL F 385 14.93 5.28 24.24
C VAL F 385 15.15 5.33 22.72
C1 P6L G . -46.75 18.59 0.00
C2 P6L G . -48.21 18.15 0.09
O3 P6L G . -48.36 17.51 1.39
O4 P6L G . -43.38 23.50 3.46
C5 P6L G . -43.68 22.77 2.28
C6 P6L G . -42.30 22.39 1.89
C7 P6L G . -44.55 21.52 2.33
O8 P6L G . -41.98 23.26 0.85
O9 P6L G . -44.84 20.96 1.03
O10 P6L G . -47.33 21.22 1.55
P11 P6L G . -46.34 21.23 0.39
O12 P6L G . -46.66 19.91 -0.52
O13 P6L G . -46.33 22.40 -0.62
C14 P6L G . -44.23 23.53 4.58
O15 P6L G . -44.69 22.46 4.95
C16 P6L G . -40.84 24.16 0.86
O17 P6L G . -40.31 24.26 -0.25
C18 P6L G . -44.44 24.86 5.30
C19 P6L G . -43.21 25.80 5.27
C20 P6L G . -42.25 25.66 6.46
C21 P6L G . -40.78 25.67 5.97
C27 P6L G . -40.39 24.89 2.11
C28 P6L G . -39.44 26.02 1.69
C50 P6L G . -48.60 17.24 -1.10
O51 P6L G . -48.56 17.90 -2.38
C1 P6L H . 27.10 -40.38 -16.26
C2 P6L H . 28.60 -40.56 -16.53
O3 P6L H . 29.22 -39.27 -16.19
O4 P6L H . 30.50 -36.61 -11.38
C5 P6L H . 29.60 -36.83 -12.50
C6 P6L H . 30.47 -36.70 -13.77
C7 P6L H . 28.91 -38.19 -12.44
O8 P6L H . 31.82 -37.14 -13.51
O9 P6L H . 28.56 -38.79 -13.71
O10 P6L H . 29.12 -41.20 -14.20
P11 P6L H . 27.97 -40.35 -13.75
O12 P6L H . 26.81 -40.55 -14.87
O13 P6L H . 27.35 -40.67 -12.40
C14 P6L H . 30.13 -36.25 -9.99
O15 P6L H . 28.97 -36.10 -9.65
C16 P6L H . 33.03 -36.30 -13.44
O17 P6L H . 34.09 -36.87 -13.64
C18 P6L H . 31.24 -36.13 -8.93
C19 P6L H . 31.71 -34.70 -8.58
C27 P6L H . 33.08 -34.79 -13.14
C28 P6L H . 33.71 -34.41 -11.80
C50 P6L H . 28.83 -41.21 -17.93
O51 P6L H . 30.11 -41.89 -18.13
C1 P6L I . 24.47 -2.11 -65.29
C2 P6L I . 24.70 -3.63 -65.43
O3 P6L I . 25.10 -3.98 -66.76
O4 P6L I . 29.99 1.61 -61.78
C5 P6L I . 28.62 1.52 -62.29
C6 P6L I . 28.29 2.74 -63.11
C7 P6L I . 28.19 0.27 -63.06
O8 P6L I . 28.68 3.86 -62.31
O9 P6L I . 26.86 0.45 -63.53
O10 P6L I . 27.34 -0.16 -66.09
P11 P6L I . 26.25 -0.03 -65.00
O12 P6L I . 25.69 -1.55 -64.78
O13 P6L I . 25.06 0.92 -65.09
C14 P6L I . 31.19 1.20 -62.54
O15 P6L I . 31.08 0.27 -63.37
C16 P6L I . 27.72 4.83 -61.91
O17 P6L I . 26.58 4.43 -61.95
C18 P6L I . 32.58 1.84 -62.35
C19 P6L I . 32.70 2.73 -61.11
C20 P6L I . 32.35 4.22 -61.17
C21 P6L I . 32.01 4.67 -59.72
C22 P6L I . 31.73 6.14 -59.41
C23 P6L I . 30.91 6.46 -58.38
C24 P6L I . 30.56 7.88 -57.97
C25 P6L I . 29.04 8.12 -57.78
C26 P6L I . 28.68 9.59 -57.47
C27 P6L I . 28.03 6.26 -61.45
C28 P6L I . 29.44 6.80 -61.73
C29 P6L I . 29.58 8.34 -61.55
C30 P6L I . 30.91 8.97 -62.03
C31 P6L I . 31.19 10.43 -61.58
C37 P6L I . 27.17 9.91 -57.69
C45 P6L I . 26.78 11.32 -57.18
C46 P6L I . 25.26 11.55 -57.02
C47 P6L I . 25.00 12.44 -55.81
C48 P6L I . 23.71 13.26 -55.97
C49 P6L I . 23.02 13.67 -54.67
C50 P6L I . 23.46 -4.44 -65.03
O51 P6L I . 23.87 -5.82 -65.00
C1 P6L J . 34.41 -36.49 -36.14
C2 P6L J . 34.68 -37.16 -37.52
O3 P6L J . 33.56 -37.99 -37.86
O4 P6L J . 35.64 -30.38 -33.09
C5 P6L J . 35.65 -31.26 -34.21
C6 P6L J . 37.13 -31.60 -34.43
C7 P6L J . 34.75 -32.50 -34.01
O8 P6L J . 37.90 -30.51 -33.92
O9 P6L J . 33.98 -32.81 -35.19
O10 P6L J . 36.03 -33.78 -36.26
P11 P6L J . 34.52 -33.71 -36.42
O12 P6L J . 33.79 -35.17 -36.20
O13 P6L J . 33.97 -33.13 -37.71
C14 P6L J . 35.95 -31.02 -31.82
O15 P6L J . 35.06 -31.62 -31.27
C16 P6L J . 39.36 -30.49 -34.00
O17 P6L J . 39.98 -31.52 -34.11
C18 P6L J . 37.29 -30.96 -31.14
C19 P6L J . 37.29 -29.72 -30.25
C20 P6L J . 38.51 -29.73 -29.32
C21 P6L J . 38.69 -31.05 -28.56
C22 P6L J . 39.61 -30.89 -27.37
C23 P6L J . 39.23 -30.20 -26.29
C24 P6L J . 40.15 -30.05 -25.10
C25 P6L J . 39.98 -28.72 -24.40
C26 P6L J . 41.29 -28.09 -23.92
C27 P6L J . 40.11 -29.20 -33.97
C28 P6L J . 39.18 -27.99 -34.08
C29 P6L J . 39.77 -26.87 -33.27
C30 P6L J . 39.52 -27.16 -31.79
C31 P6L J . 40.72 -26.92 -30.87
C32 P6L J . 40.17 -26.86 -29.46
C33 P6L J . 41.04 -27.57 -28.48
C34 P6L J . 41.93 -26.96 -27.71
C35 P6L J . 42.22 -25.49 -27.74
C36 P6L J . 43.73 -25.27 -27.70
C37 P6L J . 41.01 -26.86 -23.02
C38 P6L J . 44.13 -24.07 -26.81
C39 P6L J . 45.48 -23.44 -27.16
C40 P6L J . 45.53 -23.09 -28.66
C41 P6L J . 46.74 -22.29 -29.13
C42 P6L J . 47.27 -22.80 -30.48
C43 P6L J . 48.62 -22.18 -30.84
C44 P6L J . 48.79 -21.98 -32.34
C45 P6L J . 41.39 -25.49 -23.61
C46 P6L J . 42.39 -24.65 -22.78
C47 P6L J . 42.15 -23.13 -22.87
C48 P6L J . 43.36 -22.24 -23.31
C49 P6L J . 43.14 -20.72 -23.25
C50 P6L J . 36.03 -37.93 -37.59
O51 P6L J . 36.13 -39.12 -36.79
C1 P6L K . -47.78 -18.26 50.71
C2 P6L K . -48.75 -18.80 49.61
O3 P6L K . -50.02 -18.17 49.78
O4 P6L K . -42.15 -15.12 52.54
C5 P6L K . -42.87 -16.35 52.34
C6 P6L K . -42.09 -17.43 53.07
C7 P6L K . -44.27 -16.46 52.91
O8 P6L K . -40.74 -17.46 52.69
O9 P6L K . -45.20 -17.16 52.10
O10 P6L K . -46.05 -19.35 52.86
P11 P6L K . -45.27 -18.72 51.73
O12 P6L K . -46.38 -18.60 50.51
O13 P6L K . -43.91 -19.33 51.19
C14 P6L K . -42.75 -13.89 53.15
O15 P6L K . -43.95 -13.67 53.06
C16 P6L K . -39.91 -16.36 53.05
O17 P6L K . -39.29 -15.82 52.15
C18 P6L K . -41.85 -12.87 53.84
C19 P6L K . -42.49 -12.12 55.00
C20 P6L K . -41.46 -11.96 56.12
C21 P6L K . -40.56 -10.71 56.02
C22 P6L K . -39.05 -10.84 55.83
C23 P6L K . -38.41 -11.51 54.85
C24 P6L K . -36.88 -11.52 54.76
C25 P6L K . -36.19 -12.77 55.31
C26 P6L K . -35.67 -13.71 54.20
C27 P6L K . -39.83 -15.94 54.48
C28 P6L K . -38.47 -15.32 54.79
C29 P6L K . -37.62 -16.41 55.40
C37 P6L K . -34.13 -13.76 54.00
C45 P6L K . -33.51 -15.11 54.41
C46 P6L K . -32.69 -15.74 53.29
C50 P6L K . -49.01 -20.32 49.65
O51 P6L K . -48.15 -20.99 48.71
C1 P6L L . -18.33 6.18 -20.21
C2 P6L L . -18.63 5.03 -21.19
O3 P6L L . -19.76 4.29 -20.71
O4 P6L L . -14.26 10.93 -17.68
C5 P6L L . -14.22 9.54 -17.30
C6 P6L L . -13.81 9.43 -15.85
C7 P6L L . -15.61 8.91 -17.44
O8 P6L L . -14.01 8.11 -15.43
O9 P6L L . -15.70 7.54 -17.86
O10 P6L L . -18.18 7.96 -18.10
P11 P6L L . -17.18 6.83 -17.87
O12 P6L L . -17.39 5.85 -19.17
O13 P6L L . -17.21 5.97 -16.61
C14 P6L L . -13.13 11.74 -17.18
O15 P6L L . -12.05 11.20 -17.13
C16 P6L L . -13.07 7.57 -14.44
O17 P6L L . -12.25 6.73 -14.79
C18 P6L L . -13.24 13.20 -16.74
C19 P6L L . -12.74 13.46 -15.30
C20 P6L L . -11.21 13.42 -15.02
C21 P6L L . -10.72 12.07 -14.44
C22 P6L L . -9.69 12.10 -13.31
C23 P6L L . -9.04 10.96 -12.96
C24 P6L L . -7.99 10.84 -11.86
C25 P6L L . -8.29 9.71 -10.83
C26 P6L L . -7.10 9.06 -10.07
C27 P6L L . -13.13 8.09 -13.00
C28 P6L L . -12.23 9.33 -12.91
C29 P6L L . -11.55 9.51 -11.53
C30 P6L L . -12.37 10.22 -10.45
C37 P6L L . -7.61 8.07 -9.02
C45 P6L L . -6.56 7.04 -8.49
C46 P6L L . -7.11 6.08 -7.39
C50 P6L L . -17.45 4.07 -21.42
O51 P6L L . -17.74 3.21 -22.53
C1 P6L M . -3.52 -26.76 3.06
C2 P6L M . -4.28 -27.85 3.84
O3 P6L M . -5.59 -27.34 4.11
O4 P6L M . 0.50 -23.63 7.41
C5 P6L M . -0.60 -23.08 6.71
C6 P6L M . -0.14 -22.54 5.37
C7 P6L M . -1.58 -24.18 6.35
O8 P6L M . 0.66 -21.46 5.78
O9 P6L M . -1.02 -24.86 5.23
O10 P6L M . -0.55 -25.79 3.00
P11 P6L M . -1.58 -24.89 3.69
O12 P6L M . -2.98 -25.75 3.95
O13 P6L M . -1.83 -23.46 3.22
C14 P6L M . 1.37 -23.04 8.47
O15 P6L M . 1.81 -23.79 9.40
C16 P6L M . 0.94 -20.48 4.86
O17 P6L M . 0.04 -20.12 4.14
C18 P6L M . 1.87 -21.61 8.48
C19 P6L M . 3.39 -21.72 8.62
C20 P6L M . 3.94 -21.59 10.06
C21 P6L M . 5.23 -20.74 10.11
C22 P6L M . 5.08 -19.44 9.30
C23 P6L M . 3.93 -18.74 9.35
C24 P6L M . 3.69 -17.47 8.55
C25 P6L M . 4.15 -16.15 9.17
C26 P6L M . 4.19 -15.00 8.13
C27 P6L M . 2.35 -20.00 4.80
C28 P6L M . 2.70 -19.08 5.95
C29 P6L M . 1.70 -17.95 6.14
C30 P6L M . 2.34 -16.57 5.95
C37 P6L M . 2.84 -14.29 7.88
C45 P6L M . 2.76 -13.41 6.62
C46 P6L M . 3.11 -11.93 6.93
C50 P6L M . -3.60 -28.37 5.15
O51 P6L M . -2.67 -29.46 4.93
C1 P6L N . -9.56 -11.96 -12.05
C2 P6L N . -9.71 -12.96 -13.24
O3 P6L N . -9.79 -14.30 -12.71
O4 P6L N . -5.07 -10.63 -6.45
C5 P6L N . -5.89 -10.18 -7.59
C6 P6L N . -6.15 -8.66 -7.68
C7 P6L N . -5.41 -10.69 -8.96
O8 P6L N . -7.15 -8.26 -6.74
O9 P6L N . -6.48 -10.69 -9.95
O10 P6L N . -9.00 -10.52 -9.51
P11 P6L N . -7.91 -11.49 -9.89
O12 P6L N . -8.25 -11.97 -11.43
O13 P6L N . -7.74 -12.73 -9.04
C14 P6L N . -3.97 -9.82 -5.83
O15 P6L N . -3.21 -9.12 -6.50
C16 P6L N . -7.32 -6.82 -6.42
O17 P6L N . -8.26 -6.51 -5.72
C18 P6L N . -3.69 -9.86 -4.33
C19 P6L N . -2.32 -9.19 -4.07
C20 P6L N . -1.94 -9.22 -2.59
C21 P6L N . -0.73 -8.35 -2.14
C22 P6L N . -0.18 -8.68 -0.72
C23 P6L N . -0.15 -7.82 0.35
C24 P6L N . 0.39 -8.07 1.79
C25 P6L N . 0.97 -9.47 2.21
C26 P6L N . 1.56 -9.59 3.63
C27 P6L N . -6.37 -5.72 -6.94
C28 P6L N . -5.50 -5.08 -5.84
C29 P6L N . -4.40 -6.00 -5.31
C30 P6L N . -3.01 -5.62 -5.75
C31 P6L N . -2.00 -5.45 -4.60
C32 P6L N . -2.17 -4.16 -3.80
C33 P6L N . -1.11 -3.14 -4.15
C34 P6L N . -0.28 -2.51 -3.30
C35 P6L N . -0.19 -2.67 -1.79
C36 P6L N . 1.20 -2.25 -1.24
C37 P6L N . 2.50 -8.41 3.99
C38 P6L N . 1.34 -0.84 -0.63
C39 P6L N . 1.78 0.25 -1.65
C40 P6L N . 3.30 0.33 -1.97
C41 P6L N . 3.78 1.64 -2.62
C42 P6L N . 5.22 2.00 -2.20
C43 P6L N . 5.31 2.86 -0.94
C44 P6L N . 4.64 2.32 0.31
C45 P6L N . 1.84 -7.23 4.75
C46 P6L N . 2.19 -5.81 4.22
C47 P6L N . 3.67 -5.45 3.93
C48 P6L N . 3.89 -4.21 3.03
C49 P6L N . 3.12 -2.98 3.52
C50 P6L N . -8.60 -12.81 -14.30
O51 P6L N . -8.17 -14.04 -14.91
#